data_5FLU
#
_entry.id   5FLU
#
_cell.length_a   1.000
_cell.length_b   1.000
_cell.length_c   1.000
_cell.angle_alpha   90.00
_cell.angle_beta   90.00
_cell.angle_gamma   90.00
#
_symmetry.space_group_name_H-M   'P 1'
#
_entity_poly.entity_id   1
_entity_poly.type   'polypeptide(L)'
_entity_poly.pdbx_seq_one_letter_code
;APTIPQGQGKVTFNGTVVDAPCSISQKSADQSIDFGQLSKSFLEAGGVSKPMDLDIELVNCDITAFKGGNGAKKGTVKLA
FTGPIVNGHSDELDTNGGTGTAIVVQGAGKNVVFDGSEGDANTLKDGENVLHYTAVVKKSSAVGAAVTEGAFSAVANFNL
TYQ
;
_entity_poly.pdbx_strand_id   A,B,C,D,E,F,G,H,I,J,K,L,M
#
# COMPACT_ATOMS: atom_id res chain seq x y z
N ALA A 1 18.55 32.89 19.99
CA ALA A 1 17.25 33.42 20.34
C ALA A 1 16.15 32.76 19.54
N PRO A 2 16.05 33.12 18.26
CA PRO A 2 14.85 32.85 17.48
C PRO A 2 14.18 31.56 17.91
N THR A 3 12.87 31.62 18.16
CA THR A 3 12.13 30.47 18.65
C THR A 3 11.97 29.42 17.56
N ILE A 4 12.00 28.15 17.97
CA ILE A 4 11.84 27.05 17.03
C ILE A 4 10.70 26.12 17.47
N PRO A 5 9.64 26.08 16.67
CA PRO A 5 8.52 25.18 16.94
C PRO A 5 8.99 23.75 17.15
N GLN A 6 8.34 23.04 18.06
CA GLN A 6 8.80 21.72 18.49
C GLN A 6 8.36 20.64 17.49
N GLY A 7 7.63 21.06 16.47
CA GLY A 7 7.21 20.14 15.41
C GLY A 7 6.36 20.86 14.37
N GLN A 8 6.95 21.12 13.20
CA GLN A 8 6.24 21.74 12.10
C GLN A 8 5.85 20.72 11.04
N GLY A 9 4.64 20.86 10.50
CA GLY A 9 4.15 19.93 9.49
C GLY A 9 3.17 20.62 8.55
N LYS A 10 2.85 19.95 7.45
CA LYS A 10 1.96 20.53 6.44
C LYS A 10 1.12 19.44 5.77
N VAL A 11 -0.15 19.74 5.53
CA VAL A 11 -1.03 18.83 4.81
C VAL A 11 -1.74 19.55 3.67
N THR A 12 -1.79 18.90 2.51
CA THR A 12 -2.45 19.46 1.34
C THR A 12 -3.72 18.67 1.01
N PHE A 13 -4.58 19.28 0.20
CA PHE A 13 -5.85 18.67 -0.15
C PHE A 13 -6.15 18.82 -1.64
N ASN A 14 -6.66 17.76 -2.25
CA ASN A 14 -6.98 17.78 -3.67
C ASN A 14 -8.28 17.02 -3.95
N GLY A 15 -8.94 17.37 -5.05
CA GLY A 15 -10.13 16.64 -5.48
C GLY A 15 -10.85 17.39 -6.60
N THR A 16 -12.02 16.91 -6.97
CA THR A 16 -12.87 17.59 -7.94
C THR A 16 -14.33 17.22 -7.77
N VAL A 17 -15.20 17.92 -8.47
CA VAL A 17 -16.65 17.69 -8.36
C VAL A 17 -17.33 17.77 -9.72
N VAL A 18 -18.27 16.87 -9.95
CA VAL A 18 -19.02 16.83 -11.21
C VAL A 18 -20.52 16.82 -10.95
N ASP A 19 -21.29 16.87 -12.04
CA ASP A 19 -22.74 16.99 -11.93
C ASP A 19 -23.39 15.65 -11.66
N ALA A 20 -22.56 14.62 -11.49
CA ALA A 20 -23.06 13.28 -11.20
C ALA A 20 -23.89 13.26 -9.92
N PRO A 21 -24.84 12.33 -9.85
CA PRO A 21 -25.67 12.18 -8.66
C PRO A 21 -24.93 11.41 -7.58
N CYS A 22 -23.82 10.76 -7.96
CA CYS A 22 -23.05 9.94 -7.02
C CYS A 22 -21.57 10.31 -7.07
N SER A 23 -20.88 10.09 -5.96
CA SER A 23 -19.47 10.44 -5.85
C SER A 23 -18.59 9.23 -6.15
N ILE A 24 -17.35 9.50 -6.56
CA ILE A 24 -16.41 8.43 -6.90
C ILE A 24 -15.14 8.54 -6.08
N SER A 25 -14.88 7.54 -5.25
CA SER A 25 -13.67 7.50 -4.44
C SER A 25 -12.43 7.37 -5.32
N GLN A 26 -11.38 8.10 -4.97
CA GLN A 26 -10.13 8.05 -5.72
C GLN A 26 -9.63 6.62 -5.86
N LYS A 27 -9.87 5.81 -4.83
CA LYS A 27 -9.33 4.45 -4.79
C LYS A 27 -9.80 3.63 -5.98
N SER A 28 -10.95 4.02 -6.55
CA SER A 28 -11.50 3.31 -7.69
C SER A 28 -11.30 4.12 -8.97
N ALA A 29 -11.32 5.44 -8.85
CA ALA A 29 -11.07 6.32 -9.99
C ALA A 29 -9.85 5.86 -10.78
N ASP A 30 -8.78 5.53 -10.08
CA ASP A 30 -7.60 4.94 -10.70
C ASP A 30 -7.16 3.69 -9.95
N GLN A 31 -6.50 2.79 -10.65
CA GLN A 31 -6.04 1.53 -10.06
C GLN A 31 -5.15 0.76 -11.04
N SER A 32 -4.60 -0.36 -10.57
CA SER A 32 -3.66 -1.14 -11.35
C SER A 32 -3.79 -2.62 -11.06
N ILE A 33 -3.67 -3.44 -12.11
CA ILE A 33 -3.78 -4.89 -11.97
C ILE A 33 -2.46 -5.58 -12.29
N ASP A 34 -2.06 -6.50 -11.42
CA ASP A 34 -0.84 -7.28 -11.65
C ASP A 34 -1.15 -8.77 -11.76
N PHE A 35 -0.80 -9.35 -12.90
CA PHE A 35 -1.11 -10.75 -13.17
C PHE A 35 0.07 -11.65 -12.79
N GLY A 36 1.08 -11.06 -12.18
CA GLY A 36 2.24 -11.82 -11.70
C GLY A 36 2.98 -12.47 -12.86
N GLN A 37 3.31 -13.74 -12.70
CA GLN A 37 4.07 -14.47 -13.71
C GLN A 37 3.24 -15.60 -14.32
N LEU A 38 3.22 -15.64 -15.65
CA LEU A 38 2.37 -16.60 -16.37
C LEU A 38 3.22 -17.64 -17.09
N SER A 39 2.65 -18.82 -17.29
CA SER A 39 3.28 -19.84 -18.11
C SER A 39 3.05 -19.59 -19.59
N LYS A 40 4.14 -19.53 -20.36
CA LYS A 40 4.04 -19.44 -21.82
C LYS A 40 3.25 -20.61 -22.39
N SER A 41 3.72 -21.82 -22.12
CA SER A 41 3.05 -23.02 -22.61
C SER A 41 1.55 -22.96 -22.39
N PHE A 42 1.17 -22.59 -21.17
CA PHE A 42 -0.25 -22.48 -20.81
C PHE A 42 -0.98 -21.52 -21.75
N LEU A 43 -0.43 -20.33 -21.91
CA LEU A 43 -1.02 -19.34 -22.81
C LEU A 43 -1.00 -19.84 -24.26
N GLU A 44 0.09 -20.48 -24.65
CA GLU A 44 0.22 -21.03 -25.99
C GLU A 44 -0.83 -22.10 -26.25
N ALA A 45 -1.20 -22.82 -25.20
CA ALA A 45 -2.23 -23.85 -25.29
C ALA A 45 -3.62 -23.22 -25.37
N GLY A 46 -3.67 -21.89 -25.40
CA GLY A 46 -4.93 -21.18 -25.46
C GLY A 46 -5.54 -21.01 -24.08
N GLY A 47 -4.73 -21.22 -23.05
CA GLY A 47 -5.20 -21.10 -21.67
C GLY A 47 -5.49 -19.64 -21.32
N VAL A 48 -6.12 -19.44 -20.17
CA VAL A 48 -6.45 -18.09 -19.70
C VAL A 48 -6.22 -17.96 -18.20
N SER A 49 -5.69 -16.81 -17.79
CA SER A 49 -5.36 -16.58 -16.39
C SER A 49 -6.61 -16.45 -15.53
N LYS A 50 -6.41 -16.33 -14.22
CA LYS A 50 -7.52 -16.17 -13.29
C LYS A 50 -8.04 -14.74 -13.28
N PRO A 51 -9.32 -14.59 -12.96
CA PRO A 51 -9.97 -13.27 -13.03
C PRO A 51 -9.46 -12.35 -11.92
N MET A 52 -9.19 -11.10 -12.28
CA MET A 52 -8.82 -10.09 -11.31
C MET A 52 -9.96 -9.11 -11.09
N ASP A 53 -10.08 -8.61 -9.86
CA ASP A 53 -11.19 -7.75 -9.48
C ASP A 53 -10.93 -6.31 -9.87
N LEU A 54 -11.72 -5.81 -10.83
CA LEU A 54 -11.66 -4.40 -11.22
C LEU A 54 -12.88 -3.64 -10.74
N ASP A 55 -13.39 -4.02 -9.57
CA ASP A 55 -14.65 -3.50 -9.07
C ASP A 55 -14.57 -1.99 -8.85
N ILE A 56 -15.67 -1.29 -9.14
CA ILE A 56 -15.73 0.15 -8.97
C ILE A 56 -16.81 0.55 -7.98
N GLU A 57 -16.39 1.08 -6.84
CA GLU A 57 -17.31 1.44 -5.77
C GLU A 57 -17.81 2.88 -5.92
N LEU A 58 -19.12 3.05 -5.92
CA LEU A 58 -19.73 4.38 -5.92
C LEU A 58 -20.33 4.72 -4.57
N VAL A 59 -20.13 5.95 -4.13
CA VAL A 59 -20.49 6.35 -2.77
C VAL A 59 -21.35 7.59 -2.76
N ASN A 60 -22.19 7.73 -1.73
CA ASN A 60 -23.07 8.87 -1.60
C ASN A 60 -23.84 9.12 -2.90
N CYS A 61 -24.65 8.14 -3.30
CA CYS A 61 -25.34 8.19 -4.58
C CYS A 61 -26.70 8.88 -4.45
N ASP A 62 -27.36 8.66 -3.31
CA ASP A 62 -28.69 9.22 -3.08
C ASP A 62 -29.34 9.63 -4.39
N ILE A 63 -29.81 8.65 -5.15
CA ILE A 63 -30.36 8.90 -6.48
C ILE A 63 -31.87 9.09 -6.42
N THR A 64 -32.38 9.40 -5.23
CA THR A 64 -33.81 9.64 -5.05
C THR A 64 -34.28 10.80 -5.92
N ALA A 65 -34.03 12.02 -5.47
CA ALA A 65 -34.40 13.20 -6.24
C ALA A 65 -33.95 13.09 -7.68
N PHE A 66 -32.76 12.53 -7.88
CA PHE A 66 -32.20 12.36 -9.22
C PHE A 66 -33.16 11.62 -10.12
N LYS A 67 -33.37 10.34 -9.82
CA LYS A 67 -34.16 9.47 -10.69
C LYS A 67 -35.58 9.99 -10.85
N GLY A 68 -36.03 10.78 -9.88
CA GLY A 68 -37.36 11.39 -9.93
C GLY A 68 -37.42 12.51 -10.96
N GLY A 69 -36.65 13.57 -10.71
CA GLY A 69 -36.75 14.79 -11.50
C GLY A 69 -36.27 14.56 -12.93
N ASN A 70 -35.38 13.58 -13.11
CA ASN A 70 -34.75 13.36 -14.40
C ASN A 70 -35.51 12.31 -15.20
N GLY A 71 -36.69 11.93 -14.70
CA GLY A 71 -37.60 11.08 -15.46
C GLY A 71 -36.89 9.82 -15.96
N ALA A 72 -36.89 9.64 -17.28
CA ALA A 72 -36.39 8.41 -17.88
C ALA A 72 -35.13 7.93 -17.17
N LYS A 73 -34.29 8.88 -16.77
CA LYS A 73 -33.05 8.55 -16.07
C LYS A 73 -33.33 7.92 -14.71
N LYS A 74 -33.67 6.64 -14.73
CA LYS A 74 -34.09 5.95 -13.51
C LYS A 74 -32.95 5.13 -12.91
N GLY A 75 -31.85 5.80 -12.61
CA GLY A 75 -30.82 5.24 -11.74
C GLY A 75 -30.10 4.07 -12.41
N THR A 76 -29.52 4.34 -13.58
CA THR A 76 -28.61 3.41 -14.22
C THR A 76 -27.33 4.11 -14.67
N VAL A 77 -26.25 3.33 -14.79
CA VAL A 77 -24.98 3.87 -15.26
C VAL A 77 -24.33 2.94 -16.28
N LYS A 78 -23.34 3.45 -17.00
CA LYS A 78 -22.59 2.65 -17.96
C LYS A 78 -21.19 3.21 -18.18
N LEU A 79 -20.27 2.35 -18.59
CA LEU A 79 -18.88 2.74 -18.76
C LEU A 79 -18.47 2.71 -20.23
N ALA A 80 -17.57 3.60 -20.62
CA ALA A 80 -17.03 3.63 -21.97
C ALA A 80 -15.51 3.49 -21.96
N PHE A 81 -15.03 2.25 -22.10
CA PHE A 81 -13.61 1.97 -22.02
C PHE A 81 -12.91 2.32 -23.34
N THR A 82 -11.68 2.83 -23.24
CA THR A 82 -10.93 3.23 -24.41
C THR A 82 -9.47 2.77 -24.32
N GLY A 83 -9.00 2.15 -25.39
CA GLY A 83 -7.60 1.75 -25.47
C GLY A 83 -7.31 1.02 -26.77
N PRO A 84 -6.05 0.63 -26.97
CA PRO A 84 -5.67 -0.16 -28.13
C PRO A 84 -6.36 -1.51 -28.14
N ILE A 85 -6.94 -1.87 -29.29
CA ILE A 85 -7.72 -3.09 -29.40
C ILE A 85 -7.16 -4.00 -30.50
N VAL A 86 -7.40 -5.29 -30.37
CA VAL A 86 -7.05 -6.25 -31.41
C VAL A 86 -8.09 -6.24 -32.53
N ASN A 87 -7.61 -6.18 -33.77
CA ASN A 87 -8.49 -5.98 -34.92
C ASN A 87 -9.54 -7.07 -35.00
N GLY A 88 -10.80 -6.67 -35.21
CA GLY A 88 -11.87 -7.61 -35.48
C GLY A 88 -12.37 -8.27 -34.19
N HIS A 89 -11.94 -7.72 -33.06
CA HIS A 89 -12.32 -8.26 -31.76
C HIS A 89 -12.82 -7.16 -30.82
N SER A 90 -12.02 -6.10 -30.70
CA SER A 90 -12.46 -4.90 -29.99
C SER A 90 -12.48 -5.12 -28.48
N ASP A 91 -13.09 -6.23 -28.06
CA ASP A 91 -13.16 -6.56 -26.64
C ASP A 91 -11.85 -7.17 -26.15
N GLU A 92 -10.83 -7.12 -27.01
CA GLU A 92 -9.53 -7.69 -26.68
C GLU A 92 -8.45 -6.61 -26.65
N LEU A 93 -7.88 -6.38 -25.48
CA LEU A 93 -6.97 -5.26 -25.27
C LEU A 93 -5.58 -5.56 -25.83
N ASP A 94 -5.15 -4.75 -26.80
CA ASP A 94 -3.84 -4.92 -27.42
C ASP A 94 -2.74 -4.38 -26.51
N THR A 95 -2.27 -5.22 -25.60
CA THR A 95 -1.25 -4.81 -24.63
C THR A 95 -0.04 -4.22 -25.35
N ASN A 96 0.76 -3.46 -24.60
CA ASN A 96 2.00 -2.90 -25.14
C ASN A 96 3.20 -3.76 -24.77
N GLY A 97 3.77 -4.42 -25.77
CA GLY A 97 4.91 -5.30 -25.57
C GLY A 97 5.22 -6.12 -26.81
N GLY A 98 6.23 -6.97 -26.72
CA GLY A 98 6.63 -7.81 -27.83
C GLY A 98 6.06 -9.22 -27.69
N THR A 99 4.91 -9.33 -27.05
CA THR A 99 4.27 -10.62 -26.83
C THR A 99 3.00 -10.75 -27.68
N GLY A 100 2.59 -11.99 -27.94
CA GLY A 100 1.33 -12.25 -28.61
C GLY A 100 0.22 -12.52 -27.60
N THR A 101 0.08 -11.63 -26.64
CA THR A 101 -0.94 -11.78 -25.59
C THR A 101 -1.85 -10.57 -25.53
N ALA A 102 -2.96 -10.71 -24.82
CA ALA A 102 -3.95 -9.64 -24.71
C ALA A 102 -4.76 -9.76 -23.43
N ILE A 103 -5.46 -8.69 -23.07
CA ILE A 103 -6.25 -8.67 -21.85
C ILE A 103 -7.74 -8.48 -22.16
N VAL A 104 -8.59 -9.27 -21.51
CA VAL A 104 -10.02 -9.15 -21.69
C VAL A 104 -10.73 -8.90 -20.36
N VAL A 105 -11.41 -7.75 -20.28
CA VAL A 105 -12.24 -7.44 -19.11
C VAL A 105 -13.70 -7.79 -19.38
N GLN A 106 -14.34 -8.39 -18.39
CA GLN A 106 -15.70 -8.90 -18.55
C GLN A 106 -16.63 -8.31 -17.51
N GLY A 107 -17.88 -8.06 -17.90
CA GLY A 107 -18.89 -7.56 -16.98
C GLY A 107 -20.19 -8.33 -17.11
N ALA A 108 -20.59 -9.00 -16.02
CA ALA A 108 -21.75 -9.87 -16.06
C ALA A 108 -21.63 -10.91 -17.17
N GLY A 109 -22.70 -11.06 -17.94
CA GLY A 109 -22.71 -12.01 -19.06
C GLY A 109 -22.20 -11.36 -20.33
N LYS A 110 -21.56 -10.20 -20.19
CA LYS A 110 -21.05 -9.46 -21.34
C LYS A 110 -19.55 -9.21 -21.21
N ASN A 111 -18.93 -8.83 -22.33
CA ASN A 111 -17.53 -8.45 -22.32
C ASN A 111 -17.37 -6.93 -22.44
N VAL A 112 -16.24 -6.42 -21.95
CA VAL A 112 -15.94 -5.00 -22.08
C VAL A 112 -15.21 -4.71 -23.39
N VAL A 113 -15.61 -3.63 -24.05
CA VAL A 113 -14.97 -3.21 -25.28
C VAL A 113 -14.24 -1.88 -25.10
N PHE A 114 -13.05 -1.78 -25.68
CA PHE A 114 -12.18 -0.63 -25.43
C PHE A 114 -12.14 0.29 -26.64
N ASP A 115 -13.26 0.39 -27.34
CA ASP A 115 -13.35 1.21 -28.54
C ASP A 115 -14.01 2.54 -28.26
N GLY A 116 -14.25 2.83 -26.98
CA GLY A 116 -14.77 4.13 -26.56
C GLY A 116 -16.29 4.12 -26.48
N SER A 117 -16.89 3.02 -26.92
CA SER A 117 -18.35 2.87 -26.87
C SER A 117 -18.81 2.56 -25.45
N GLU A 118 -20.07 2.90 -25.16
CA GLU A 118 -20.64 2.65 -23.85
C GLU A 118 -21.15 1.21 -23.73
N GLY A 119 -21.06 0.65 -22.53
CA GLY A 119 -21.55 -0.69 -22.27
C GLY A 119 -23.02 -0.66 -21.82
N ASP A 120 -23.48 -1.78 -21.27
CA ASP A 120 -24.87 -1.90 -20.86
C ASP A 120 -25.16 -1.02 -19.64
N ALA A 121 -26.37 -0.49 -19.57
CA ALA A 121 -26.82 0.26 -18.41
C ALA A 121 -26.91 -0.62 -17.17
N ASN A 122 -26.47 -0.11 -16.04
CA ASN A 122 -26.44 -0.88 -14.80
C ASN A 122 -27.26 -0.21 -13.71
N THR A 123 -28.33 -0.86 -13.28
CA THR A 123 -29.17 -0.33 -12.21
C THR A 123 -28.38 -0.19 -10.92
N LEU A 124 -28.58 0.92 -10.22
CA LEU A 124 -27.95 1.14 -8.92
C LEU A 124 -28.97 1.65 -7.91
N LYS A 125 -28.61 1.56 -6.64
CA LYS A 125 -29.53 1.92 -5.55
C LYS A 125 -29.08 3.19 -4.85
N ASP A 126 -29.81 3.58 -3.80
CA ASP A 126 -29.50 4.80 -3.06
C ASP A 126 -28.38 4.56 -2.06
N GLY A 127 -27.54 5.57 -1.86
CA GLY A 127 -26.48 5.50 -0.86
C GLY A 127 -25.18 5.00 -1.47
N GLU A 128 -24.95 3.69 -1.37
CA GLU A 128 -23.69 3.10 -1.80
C GLU A 128 -23.92 2.07 -2.91
N ASN A 129 -22.97 1.97 -3.82
CA ASN A 129 -23.05 1.00 -4.92
C ASN A 129 -21.67 0.48 -5.29
N VAL A 130 -21.64 -0.61 -6.04
CA VAL A 130 -20.39 -1.14 -6.57
C VAL A 130 -20.63 -1.98 -7.81
N LEU A 131 -19.83 -1.75 -8.85
CA LEU A 131 -19.87 -2.57 -10.05
C LEU A 131 -18.78 -3.64 -10.01
N HIS A 132 -19.11 -4.82 -10.55
CA HIS A 132 -18.20 -5.96 -10.50
C HIS A 132 -17.65 -6.29 -11.88
N TYR A 133 -16.32 -6.27 -12.01
CA TYR A 133 -15.67 -6.59 -13.27
C TYR A 133 -14.49 -7.54 -13.06
N THR A 134 -14.23 -8.37 -14.07
CA THR A 134 -13.11 -9.30 -14.02
C THR A 134 -12.17 -9.09 -15.20
N ALA A 135 -10.88 -9.33 -14.98
CA ALA A 135 -9.88 -9.22 -16.04
C ALA A 135 -9.03 -10.47 -16.11
N VAL A 136 -8.76 -10.93 -17.32
CA VAL A 136 -7.92 -12.11 -17.54
C VAL A 136 -6.92 -11.89 -18.66
N VAL A 137 -5.84 -12.66 -18.65
CA VAL A 137 -4.87 -12.62 -19.73
C VAL A 137 -4.93 -13.90 -20.57
N LYS A 138 -4.84 -13.73 -21.88
CA LYS A 138 -4.80 -14.87 -22.79
C LYS A 138 -3.90 -14.59 -23.99
N LYS A 139 -3.52 -15.65 -24.71
CA LYS A 139 -2.88 -15.49 -26.01
C LYS A 139 -3.78 -14.74 -26.98
N SER A 140 -3.26 -13.65 -27.54
CA SER A 140 -4.04 -12.78 -28.40
C SER A 140 -4.69 -13.56 -29.54
N SER A 141 -5.87 -13.10 -29.96
CA SER A 141 -6.58 -13.75 -31.06
C SER A 141 -6.11 -13.23 -32.41
N ALA A 142 -5.13 -12.33 -32.38
CA ALA A 142 -4.54 -11.79 -33.60
C ALA A 142 -3.97 -12.90 -34.47
N VAL A 143 -3.97 -12.68 -35.78
CA VAL A 143 -3.48 -13.68 -36.73
C VAL A 143 -1.97 -13.85 -36.61
N GLY A 144 -1.54 -15.07 -36.32
CA GLY A 144 -0.12 -15.37 -36.20
C GLY A 144 0.42 -15.03 -34.81
N ALA A 145 -0.50 -14.70 -33.90
CA ALA A 145 -0.12 -14.37 -32.53
C ALA A 145 0.75 -15.46 -31.92
N ALA A 146 1.76 -15.03 -31.16
CA ALA A 146 2.63 -15.97 -30.45
C ALA A 146 3.16 -15.36 -29.16
N VAL A 147 3.21 -16.18 -28.12
CA VAL A 147 3.57 -15.70 -26.78
C VAL A 147 5.07 -15.56 -26.64
N THR A 148 5.53 -14.34 -26.36
CA THR A 148 6.94 -14.08 -26.14
C THR A 148 7.28 -14.03 -24.66
N GLU A 149 8.39 -14.64 -24.29
CA GLU A 149 8.82 -14.69 -22.90
C GLU A 149 9.35 -13.35 -22.42
N GLY A 150 8.44 -12.39 -22.26
CA GLY A 150 8.82 -11.04 -21.84
C GLY A 150 7.86 -10.51 -20.78
N ALA A 151 7.74 -9.18 -20.71
CA ALA A 151 6.90 -8.54 -19.70
C ALA A 151 5.58 -8.06 -20.30
N PHE A 152 4.61 -7.81 -19.45
CA PHE A 152 3.32 -7.28 -19.90
C PHE A 152 3.09 -5.87 -19.38
N SER A 153 2.46 -5.04 -20.20
CA SER A 153 2.10 -3.68 -19.79
C SER A 153 1.01 -3.10 -20.69
N ALA A 154 -0.06 -2.62 -20.07
CA ALA A 154 -1.17 -2.05 -20.82
C ALA A 154 -1.92 -1.01 -19.98
N VAL A 155 -2.51 -0.03 -20.66
CA VAL A 155 -3.29 1.00 -19.98
C VAL A 155 -4.64 1.21 -20.66
N ALA A 156 -5.69 1.21 -19.86
CA ALA A 156 -7.04 1.45 -20.39
C ALA A 156 -7.74 2.56 -19.62
N ASN A 157 -8.50 3.39 -20.34
CA ASN A 157 -9.25 4.47 -19.71
C ASN A 157 -10.74 4.33 -20.00
N PHE A 158 -11.56 4.92 -19.14
CA PHE A 158 -13.01 4.82 -19.27
C PHE A 158 -13.70 6.06 -18.72
N ASN A 159 -14.88 6.37 -19.26
CA ASN A 159 -15.74 7.39 -18.68
C ASN A 159 -17.01 6.77 -18.09
N LEU A 160 -17.59 7.45 -17.11
CA LEU A 160 -18.81 6.97 -16.47
C LEU A 160 -19.95 7.98 -16.64
N THR A 161 -21.07 7.51 -17.17
CA THR A 161 -22.24 8.35 -17.36
C THR A 161 -23.43 7.83 -16.55
N TYR A 162 -24.33 8.74 -16.19
CA TYR A 162 -25.45 8.40 -15.32
C TYR A 162 -26.78 8.57 -16.04
N GLN A 163 -27.63 7.55 -15.96
CA GLN A 163 -28.99 7.64 -16.47
C GLN A 163 -29.99 7.06 -15.49
N ALA B 1 16.56 -24.63 26.60
CA ALA B 1 16.24 -24.22 27.97
C ALA B 1 14.73 -24.04 28.15
N PRO B 2 14.20 -22.96 27.60
CA PRO B 2 12.89 -22.47 27.98
C PRO B 2 11.96 -23.62 28.34
N THR B 3 11.31 -23.50 29.49
CA THR B 3 10.45 -24.56 30.00
C THR B 3 9.17 -24.66 29.18
N ILE B 4 8.68 -25.89 29.00
CA ILE B 4 7.44 -26.12 28.25
C ILE B 4 6.44 -26.91 29.08
N PRO B 5 5.32 -26.27 29.42
CA PRO B 5 4.26 -26.93 30.16
C PRO B 5 3.85 -28.23 29.48
N GLN B 6 3.52 -29.24 30.28
CA GLN B 6 3.27 -30.58 29.77
C GLN B 6 1.86 -30.71 29.22
N GLY B 7 1.09 -29.63 29.31
CA GLY B 7 -0.26 -29.60 28.75
C GLY B 7 -0.93 -28.26 29.02
N GLN B 8 -1.02 -27.45 27.98
CA GLN B 8 -1.70 -26.16 28.07
C GLN B 8 -3.09 -26.21 27.45
N GLY B 9 -4.05 -25.57 28.10
CA GLY B 9 -5.43 -25.56 27.61
C GLY B 9 -6.14 -24.28 28.03
N LYS B 10 -7.31 -24.05 27.44
CA LYS B 10 -8.08 -22.84 27.71
C LYS B 10 -9.58 -23.10 27.64
N VAL B 11 -10.33 -22.51 28.55
CA VAL B 11 -11.78 -22.61 28.54
C VAL B 11 -12.43 -21.24 28.65
N THR B 12 -13.44 -20.99 27.81
CA THR B 12 -14.16 -19.73 27.83
C THR B 12 -15.57 -19.90 28.36
N PHE B 13 -16.20 -18.80 28.74
CA PHE B 13 -17.54 -18.83 29.32
C PHE B 13 -18.42 -17.74 28.73
N ASN B 14 -19.67 -18.08 28.44
CA ASN B 14 -20.62 -17.12 27.89
C ASN B 14 -22.01 -17.31 28.48
N GLY B 15 -22.80 -16.26 28.47
CA GLY B 15 -24.19 -16.33 28.90
C GLY B 15 -24.81 -14.94 29.03
N THR B 16 -26.03 -14.89 29.56
CA THR B 16 -26.68 -13.62 29.85
C THR B 16 -27.72 -13.77 30.96
N VAL B 17 -28.24 -12.65 31.44
CA VAL B 17 -29.20 -12.65 32.52
C VAL B 17 -30.32 -11.64 32.29
N VAL B 18 -31.55 -12.03 32.59
CA VAL B 18 -32.70 -11.13 32.43
C VAL B 18 -33.51 -11.05 33.71
N ASP B 19 -34.54 -10.21 33.70
CA ASP B 19 -35.32 -9.94 34.90
C ASP B 19 -36.35 -11.04 35.14
N ALA B 20 -36.33 -12.06 34.30
CA ALA B 20 -37.26 -13.19 34.43
C ALA B 20 -37.11 -13.85 35.79
N PRO B 21 -38.19 -14.45 36.28
CA PRO B 21 -38.18 -15.18 37.54
C PRO B 21 -37.57 -16.56 37.36
N CYS B 22 -37.45 -16.99 36.11
CA CYS B 22 -36.94 -18.33 35.81
C CYS B 22 -35.84 -18.27 34.76
N SER B 23 -34.93 -19.24 34.81
CA SER B 23 -33.79 -19.28 33.91
C SER B 23 -34.08 -20.17 32.70
N ILE B 24 -33.38 -19.91 31.60
CA ILE B 24 -33.57 -20.67 30.36
C ILE B 24 -32.28 -21.31 29.90
N SER B 25 -32.26 -22.64 29.88
CA SER B 25 -31.08 -23.38 29.40
C SER B 25 -30.84 -23.13 27.92
N GLN B 26 -29.58 -22.96 27.54
CA GLN B 26 -29.22 -22.74 26.15
C GLN B 26 -29.81 -23.83 25.26
N LYS B 27 -29.87 -25.05 25.78
CA LYS B 27 -30.29 -26.21 24.99
C LYS B 27 -31.68 -26.00 24.41
N SER B 28 -32.48 -25.17 25.07
CA SER B 28 -33.84 -24.89 24.63
C SER B 28 -33.93 -23.52 23.98
N ALA B 29 -33.12 -22.58 24.47
CA ALA B 29 -33.07 -21.24 23.89
C ALA B 29 -32.99 -21.30 22.37
N ASP B 30 -32.13 -22.17 21.86
CA ASP B 30 -32.06 -22.42 20.42
C ASP B 30 -32.09 -23.93 20.14
N GLN B 31 -32.57 -24.28 18.95
CA GLN B 31 -32.68 -25.68 18.56
C GLN B 31 -33.09 -25.81 17.10
N SER B 32 -33.12 -27.04 16.61
CA SER B 32 -33.40 -27.31 15.20
C SER B 32 -34.18 -28.60 15.02
N ILE B 33 -35.12 -28.60 14.08
CA ILE B 33 -35.94 -29.77 13.81
C ILE B 33 -35.67 -30.31 12.41
N ASP B 34 -35.50 -31.63 12.32
CA ASP B 34 -35.29 -32.28 11.03
C ASP B 34 -36.39 -33.29 10.75
N PHE B 35 -37.11 -33.08 9.65
CA PHE B 35 -38.24 -33.93 9.30
C PHE B 35 -37.83 -35.05 8.35
N GLY B 36 -36.52 -35.15 8.11
CA GLY B 36 -35.98 -36.22 7.28
C GLY B 36 -36.49 -36.11 5.85
N GLN B 37 -36.94 -37.25 5.30
CA GLN B 37 -37.41 -37.29 3.92
C GLN B 37 -38.90 -37.62 3.86
N LEU B 38 -39.64 -36.83 3.10
CA LEU B 38 -41.09 -36.98 3.04
C LEU B 38 -41.54 -37.45 1.66
N SER B 39 -42.68 -38.13 1.62
CA SER B 39 -43.30 -38.51 0.36
C SER B 39 -44.10 -37.35 -0.23
N LYS B 40 -43.78 -37.00 -1.48
CA LYS B 40 -44.55 -36.01 -2.21
C LYS B 40 -46.03 -36.41 -2.29
N SER B 41 -46.28 -37.58 -2.87
CA SER B 41 -47.65 -38.08 -3.01
C SER B 41 -48.43 -37.93 -1.71
N PHE B 42 -47.82 -38.34 -0.61
CA PHE B 42 -48.45 -38.25 0.70
C PHE B 42 -48.87 -36.82 1.02
N LEU B 43 -47.92 -35.89 0.87
CA LEU B 43 -48.20 -34.47 1.09
C LEU B 43 -49.25 -33.96 0.10
N GLU B 44 -49.12 -34.38 -1.15
CA GLU B 44 -50.08 -33.98 -2.19
C GLU B 44 -51.48 -34.46 -1.86
N ALA B 45 -51.56 -35.61 -1.19
CA ALA B 45 -52.85 -36.16 -0.78
C ALA B 45 -53.40 -35.40 0.42
N GLY B 46 -52.69 -34.36 0.86
CA GLY B 46 -53.10 -33.56 2.00
C GLY B 46 -52.66 -34.20 3.30
N GLY B 47 -51.73 -35.14 3.22
CA GLY B 47 -51.22 -35.83 4.40
C GLY B 47 -50.39 -34.90 5.27
N VAL B 48 -50.05 -35.35 6.47
CA VAL B 48 -49.25 -34.56 7.39
C VAL B 48 -48.24 -35.44 8.13
N SER B 49 -47.03 -34.91 8.31
CA SER B 49 -45.94 -35.67 8.92
C SER B 49 -46.20 -35.90 10.40
N LYS B 50 -45.32 -36.65 11.04
CA LYS B 50 -45.42 -36.92 12.47
C LYS B 50 -44.94 -35.75 13.30
N PRO B 51 -45.47 -35.62 14.50
CA PRO B 51 -45.17 -34.47 15.36
C PRO B 51 -43.75 -34.55 15.89
N MET B 52 -43.05 -33.41 15.85
CA MET B 52 -41.73 -33.31 16.44
C MET B 52 -41.75 -32.51 17.73
N ASP B 53 -40.89 -32.88 18.67
CA ASP B 53 -40.90 -32.27 20.00
C ASP B 53 -40.13 -30.96 20.01
N LEU B 54 -40.84 -29.86 20.22
CA LEU B 54 -40.21 -28.55 20.37
C LEU B 54 -40.28 -28.07 21.81
N ASP B 55 -40.20 -29.01 22.75
CA ASP B 55 -40.43 -28.70 24.16
C ASP B 55 -39.41 -27.70 24.69
N ILE B 56 -39.85 -26.81 25.56
CA ILE B 56 -38.97 -25.81 26.15
C ILE B 56 -38.90 -25.94 27.67
N GLU B 57 -37.72 -26.32 28.16
CA GLU B 57 -37.54 -26.56 29.58
C GLU B 57 -37.10 -25.28 30.31
N LEU B 58 -37.83 -24.93 31.36
CA LEU B 58 -37.45 -23.82 32.22
C LEU B 58 -36.92 -24.31 33.56
N VAL B 59 -35.86 -23.68 34.04
CA VAL B 59 -35.13 -24.17 35.21
C VAL B 59 -34.96 -23.07 36.25
N ASN B 60 -34.87 -23.47 37.51
CA ASN B 60 -34.70 -22.53 38.61
C ASN B 60 -35.73 -21.41 38.53
N CYS B 61 -37.00 -21.76 38.61
CA CYS B 61 -38.08 -20.81 38.42
C CYS B 61 -38.47 -20.15 39.74
N ASP B 62 -38.41 -20.92 40.82
CA ASP B 62 -38.80 -20.41 42.14
C ASP B 62 -39.68 -19.17 42.02
N ILE B 63 -40.93 -19.37 41.63
CA ILE B 63 -41.83 -18.26 41.37
C ILE B 63 -42.64 -17.89 42.61
N THR B 64 -42.15 -18.32 43.77
CA THR B 64 -42.81 -18.01 45.03
C THR B 64 -42.92 -16.50 45.24
N ALA B 65 -41.82 -15.90 45.68
CA ALA B 65 -41.78 -14.46 45.88
C ALA B 65 -42.33 -13.71 44.67
N PHE B 66 -42.01 -14.21 43.49
CA PHE B 66 -42.46 -13.59 42.25
C PHE B 66 -43.98 -13.44 42.22
N LYS B 67 -44.68 -14.56 42.18
CA LYS B 67 -46.12 -14.56 42.02
C LYS B 67 -46.81 -13.82 43.17
N GLY B 68 -46.11 -13.74 44.30
CA GLY B 68 -46.63 -13.03 45.46
C GLY B 68 -46.57 -11.53 45.26
N GLY B 69 -45.35 -11.00 45.13
CA GLY B 69 -45.14 -9.56 45.13
C GLY B 69 -45.73 -8.92 43.88
N ASN B 70 -45.81 -9.70 42.81
CA ASN B 70 -46.25 -9.18 41.51
C ASN B 70 -47.75 -9.35 41.32
N GLY B 71 -48.43 -9.75 42.38
CA GLY B 71 -49.89 -9.78 42.38
C GLY B 71 -50.44 -10.54 41.18
N ALA B 72 -51.23 -9.85 40.37
CA ALA B 72 -51.94 -10.50 39.27
C ALA B 72 -51.04 -11.51 38.57
N LYS B 73 -49.76 -11.19 38.45
CA LYS B 73 -48.80 -12.08 37.81
C LYS B 73 -48.62 -13.36 38.60
N LYS B 74 -49.57 -14.28 38.47
CA LYS B 74 -49.59 -15.50 39.28
C LYS B 74 -49.03 -16.68 38.50
N GLY B 75 -47.79 -16.54 38.03
CA GLY B 75 -47.00 -17.70 37.59
C GLY B 75 -47.56 -18.27 36.30
N THR B 76 -47.67 -17.44 35.27
CA THR B 76 -47.97 -17.90 33.93
C THR B 76 -47.00 -17.30 32.91
N VAL B 77 -46.84 -17.99 31.78
CA VAL B 77 -45.98 -17.50 30.70
C VAL B 77 -46.65 -17.68 29.35
N LYS B 78 -46.11 -17.01 28.34
CA LYS B 78 -46.62 -17.14 26.97
C LYS B 78 -45.53 -16.80 25.96
N LEU B 79 -45.66 -17.35 24.76
CA LEU B 79 -44.66 -17.19 23.72
C LEU B 79 -45.20 -16.37 22.55
N ALA B 80 -44.33 -15.59 21.92
CA ALA B 80 -44.69 -14.82 20.74
C ALA B 80 -43.81 -15.18 19.55
N PHE B 81 -44.29 -16.12 18.73
CA PHE B 81 -43.51 -16.61 17.59
C PHE B 81 -43.58 -15.64 16.43
N THR B 82 -42.46 -15.52 15.71
CA THR B 82 -42.37 -14.60 14.58
C THR B 82 -41.69 -15.26 13.38
N GLY B 83 -42.30 -15.15 12.22
CA GLY B 83 -41.70 -15.63 10.98
C GLY B 83 -42.63 -15.42 9.79
N PRO B 84 -42.17 -15.81 8.61
CA PRO B 84 -42.99 -15.74 7.40
C PRO B 84 -44.21 -16.65 7.53
N ILE B 85 -45.38 -16.11 7.20
CA ILE B 85 -46.63 -16.84 7.35
C ILE B 85 -47.37 -16.94 6.02
N VAL B 86 -48.19 -17.98 5.89
CA VAL B 86 -49.07 -18.11 4.74
C VAL B 86 -50.31 -17.23 4.88
N ASN B 87 -50.63 -16.49 3.83
CA ASN B 87 -51.68 -15.48 3.90
C ASN B 87 -53.01 -16.08 4.32
N GLY B 88 -53.67 -15.43 5.27
CA GLY B 88 -55.03 -15.81 5.65
C GLY B 88 -55.02 -17.03 6.57
N HIS B 89 -53.85 -17.39 7.06
CA HIS B 89 -53.71 -18.55 7.94
C HIS B 89 -52.90 -18.21 9.18
N SER B 90 -51.73 -17.62 8.97
CA SER B 90 -50.95 -17.06 10.07
C SER B 90 -50.29 -18.18 10.88
N ASP B 91 -51.07 -19.18 11.26
CA ASP B 91 -50.55 -20.31 12.02
C ASP B 91 -49.82 -21.30 11.11
N GLU B 92 -49.61 -20.90 9.87
CA GLU B 92 -48.93 -21.76 8.90
C GLU B 92 -47.63 -21.13 8.42
N LEU B 93 -46.52 -21.78 8.73
CA LEU B 93 -45.20 -21.20 8.49
C LEU B 93 -44.81 -21.31 7.02
N ASP B 94 -44.58 -20.16 6.39
CA ASP B 94 -44.19 -20.13 4.98
C ASP B 94 -42.71 -20.46 4.82
N THR B 95 -42.40 -21.76 4.74
CA THR B 95 -41.02 -22.21 4.65
C THR B 95 -40.30 -21.52 3.49
N ASN B 96 -38.97 -21.54 3.55
CA ASN B 96 -38.15 -20.98 2.47
C ASN B 96 -37.71 -22.07 1.50
N GLY B 97 -38.26 -22.04 0.28
CA GLY B 97 -37.93 -23.04 -0.73
C GLY B 97 -38.86 -22.93 -1.93
N GLY B 98 -38.67 -23.81 -2.90
CA GLY B 98 -39.50 -23.82 -4.10
C GLY B 98 -40.57 -24.89 -4.02
N THR B 99 -41.01 -25.18 -2.80
CA THR B 99 -42.04 -26.18 -2.58
C THR B 99 -43.36 -25.55 -2.13
N GLY B 100 -44.45 -26.26 -2.36
CA GLY B 100 -45.76 -25.83 -1.87
C GLY B 100 -46.08 -26.48 -0.52
N THR B 101 -45.14 -26.39 0.42
CA THR B 101 -45.31 -26.99 1.73
C THR B 101 -45.16 -25.94 2.84
N ALA B 102 -45.57 -26.31 4.05
CA ALA B 102 -45.51 -25.40 5.18
C ALA B 102 -45.41 -26.17 6.50
N ILE B 103 -45.04 -25.46 7.56
CA ILE B 103 -44.89 -26.07 8.88
C ILE B 103 -45.87 -25.48 9.88
N VAL B 104 -46.50 -26.34 10.66
CA VAL B 104 -47.44 -25.91 11.69
C VAL B 104 -47.03 -26.41 13.06
N VAL B 105 -46.76 -25.49 13.98
CA VAL B 105 -46.49 -25.84 15.36
C VAL B 105 -47.74 -25.70 16.22
N GLN B 106 -47.97 -26.67 17.10
CA GLN B 106 -49.19 -26.72 17.88
C GLN B 106 -48.89 -26.78 19.37
N GLY B 107 -49.74 -26.14 20.16
CA GLY B 107 -49.59 -26.15 21.61
C GLY B 107 -50.92 -26.44 22.30
N ALA B 108 -50.98 -27.57 23.02
CA ALA B 108 -52.22 -28.02 23.62
C ALA B 108 -53.33 -28.14 22.58
N GLY B 109 -54.50 -27.59 22.90
CA GLY B 109 -55.63 -27.61 21.99
C GLY B 109 -55.62 -26.41 21.05
N LYS B 110 -54.48 -25.72 21.01
CA LYS B 110 -54.35 -24.52 20.19
C LYS B 110 -53.20 -24.66 19.20
N ASN B 111 -53.18 -23.79 18.19
CA ASN B 111 -52.08 -23.72 17.25
C ASN B 111 -51.19 -22.52 17.52
N VAL B 112 -49.92 -22.63 17.10
CA VAL B 112 -48.99 -21.51 17.22
C VAL B 112 -49.06 -20.60 16.01
N VAL B 113 -49.06 -19.29 16.26
CA VAL B 113 -49.06 -18.30 15.19
C VAL B 113 -47.75 -17.52 15.15
N PHE B 114 -47.24 -17.29 13.95
CA PHE B 114 -45.92 -16.71 13.77
C PHE B 114 -46.00 -15.26 13.34
N ASP B 115 -47.02 -14.56 13.81
CA ASP B 115 -47.24 -13.17 13.43
C ASP B 115 -46.75 -12.21 14.51
N GLY B 116 -46.06 -12.76 15.51
CA GLY B 116 -45.42 -11.95 16.53
C GLY B 116 -46.33 -11.75 17.74
N SER B 117 -47.58 -12.21 17.61
CA SER B 117 -48.54 -12.12 18.70
C SER B 117 -48.26 -13.15 19.78
N GLU B 118 -48.71 -12.88 20.99
CA GLU B 118 -48.51 -13.79 22.11
C GLU B 118 -49.58 -14.88 22.13
N GLY B 119 -49.21 -16.07 22.58
CA GLY B 119 -50.15 -17.17 22.70
C GLY B 119 -50.82 -17.18 24.07
N ASP B 120 -51.45 -18.30 24.41
CA ASP B 120 -52.17 -18.42 25.66
C ASP B 120 -51.21 -18.47 26.85
N ALA B 121 -51.63 -17.89 27.97
CA ALA B 121 -50.87 -17.98 29.21
C ALA B 121 -50.78 -19.41 29.71
N ASN B 122 -49.60 -19.80 30.19
CA ASN B 122 -49.37 -21.17 30.64
C ASN B 122 -48.91 -21.20 32.09
N THR B 123 -49.73 -21.79 32.95
CA THR B 123 -49.40 -21.92 34.36
C THR B 123 -48.13 -22.75 34.55
N LEU B 124 -47.26 -22.30 35.44
CA LEU B 124 -46.05 -23.04 35.78
C LEU B 124 -45.86 -23.12 37.29
N LYS B 125 -45.01 -24.05 37.72
CA LYS B 125 -44.80 -24.30 39.14
C LYS B 125 -43.42 -23.84 39.59
N ASP B 126 -43.10 -24.08 40.85
CA ASP B 126 -41.83 -23.67 41.42
C ASP B 126 -40.72 -24.66 41.08
N GLY B 127 -39.51 -24.15 40.86
CA GLY B 127 -38.36 -25.00 40.60
C GLY B 127 -38.17 -25.22 39.11
N GLU B 128 -38.70 -26.31 38.60
CA GLU B 128 -38.50 -26.71 37.22
C GLU B 128 -39.81 -26.76 36.45
N ASN B 129 -39.74 -26.43 35.16
CA ASN B 129 -40.93 -26.47 34.30
C ASN B 129 -40.56 -26.87 32.88
N VAL B 130 -41.56 -27.23 32.09
CA VAL B 130 -41.36 -27.52 30.68
C VAL B 130 -42.65 -27.34 29.89
N LEU B 131 -42.57 -26.64 28.76
CA LEU B 131 -43.69 -26.52 27.85
C LEU B 131 -43.60 -27.54 26.72
N HIS B 132 -44.76 -28.05 26.30
CA HIS B 132 -44.82 -29.10 25.29
C HIS B 132 -45.39 -28.58 23.98
N TYR B 133 -44.61 -28.71 22.91
CA TYR B 133 -45.05 -28.27 21.58
C TYR B 133 -44.76 -29.32 20.53
N THR B 134 -45.59 -29.37 19.50
CA THR B 134 -45.40 -30.29 18.39
C THR B 134 -45.32 -29.55 17.07
N ALA B 135 -44.52 -30.09 16.13
CA ALA B 135 -44.40 -29.51 14.81
C ALA B 135 -44.61 -30.56 13.72
N VAL B 136 -45.35 -30.20 12.68
CA VAL B 136 -45.61 -31.11 11.57
C VAL B 136 -45.46 -30.40 10.23
N VAL B 137 -45.21 -31.17 9.19
CA VAL B 137 -45.15 -30.64 7.84
C VAL B 137 -46.36 -31.08 7.00
N LYS B 138 -46.91 -30.15 6.24
CA LYS B 138 -48.02 -30.45 5.34
C LYS B 138 -47.93 -29.63 4.06
N LYS B 139 -48.67 -30.05 3.04
CA LYS B 139 -48.87 -29.24 1.85
C LYS B 139 -49.52 -27.91 2.20
N SER B 140 -48.86 -26.81 1.81
CA SER B 140 -49.32 -25.48 2.19
C SER B 140 -50.77 -25.25 1.80
N SER B 141 -51.47 -24.44 2.58
CA SER B 141 -52.87 -24.12 2.30
C SER B 141 -52.99 -22.97 1.32
N ALA B 142 -51.85 -22.46 0.87
CA ALA B 142 -51.82 -21.39 -0.12
C ALA B 142 -52.56 -21.79 -1.39
N VAL B 143 -53.13 -20.80 -2.07
CA VAL B 143 -53.88 -21.05 -3.29
C VAL B 143 -52.97 -21.51 -4.42
N GLY B 144 -53.25 -22.69 -4.96
CA GLY B 144 -52.47 -23.24 -6.06
C GLY B 144 -51.21 -23.92 -5.57
N ALA B 145 -51.11 -24.10 -4.25
CA ALA B 145 -49.96 -24.76 -3.65
C ALA B 145 -49.70 -26.11 -4.30
N ALA B 146 -48.43 -26.43 -4.49
CA ALA B 146 -48.04 -27.73 -5.04
C ALA B 146 -46.68 -28.16 -4.52
N VAL B 147 -46.56 -29.46 -4.21
CA VAL B 147 -45.35 -29.98 -3.57
C VAL B 147 -44.24 -30.21 -4.58
N THR B 148 -43.12 -29.53 -4.40
CA THR B 148 -41.97 -29.70 -5.27
C THR B 148 -40.95 -30.64 -4.66
N GLU B 149 -40.39 -31.53 -5.49
CA GLU B 149 -39.43 -32.51 -5.02
C GLU B 149 -38.07 -31.87 -4.74
N GLY B 150 -38.01 -31.09 -3.67
CA GLY B 150 -36.78 -30.39 -3.30
C GLY B 150 -36.52 -30.49 -1.81
N ALA B 151 -35.80 -29.50 -1.27
CA ALA B 151 -35.43 -29.50 0.14
C ALA B 151 -36.29 -28.53 0.93
N PHE B 152 -36.32 -28.71 2.25
CA PHE B 152 -37.06 -27.82 3.14
C PHE B 152 -36.12 -27.02 4.03
N SER B 153 -36.48 -25.78 4.30
CA SER B 153 -35.71 -24.94 5.21
C SER B 153 -36.54 -23.76 5.70
N ALA B 154 -36.61 -23.60 7.02
CA ALA B 154 -37.38 -22.51 7.62
C ALA B 154 -36.80 -22.11 8.97
N VAL B 155 -36.97 -20.84 9.33
CA VAL B 155 -36.51 -20.34 10.63
C VAL B 155 -37.61 -19.55 11.32
N ALA B 156 -37.85 -19.86 12.59
CA ALA B 156 -38.83 -19.13 13.39
C ALA B 156 -38.22 -18.65 14.69
N ASN B 157 -38.61 -17.44 15.11
CA ASN B 157 -38.14 -16.88 16.37
C ASN B 157 -39.31 -16.56 17.29
N PHE B 158 -39.02 -16.51 18.60
CA PHE B 158 -40.06 -16.27 19.59
C PHE B 158 -39.49 -15.55 20.81
N ASN B 159 -40.34 -14.78 21.48
CA ASN B 159 -39.99 -14.22 22.78
C ASN B 159 -40.82 -14.85 23.89
N LEU B 160 -40.28 -14.84 25.11
CA LEU B 160 -40.99 -15.40 26.26
C LEU B 160 -41.21 -14.34 27.34
N THR B 161 -42.47 -14.18 27.74
CA THR B 161 -42.82 -13.22 28.79
C THR B 161 -43.43 -13.93 29.99
N TYR B 162 -43.29 -13.31 31.16
CA TYR B 162 -43.72 -13.93 32.41
C TYR B 162 -44.84 -13.13 33.07
N GLN B 163 -45.91 -13.82 33.45
CA GLN B 163 -46.99 -13.20 34.21
C GLN B 163 -47.43 -14.09 35.36
N ALA C 1 -7.47 -26.20 -24.72
CA ALA C 1 -6.57 -27.32 -24.50
C ALA C 1 -6.39 -27.61 -23.02
N PRO C 2 -5.63 -26.75 -22.34
CA PRO C 2 -5.08 -27.08 -21.03
C PRO C 2 -6.02 -27.97 -20.25
N THR C 3 -5.49 -29.06 -19.71
CA THR C 3 -6.30 -30.04 -18.99
C THR C 3 -6.76 -29.49 -17.65
N ILE C 4 -7.98 -29.87 -17.25
CA ILE C 4 -8.53 -29.43 -15.97
C ILE C 4 -8.96 -30.62 -15.13
N PRO C 5 -8.28 -30.82 -14.01
CA PRO C 5 -8.64 -31.89 -13.08
C PRO C 5 -10.12 -31.83 -12.70
N GLN C 6 -10.73 -33.00 -12.55
CA GLN C 6 -12.17 -33.08 -12.36
C GLN C 6 -12.57 -32.81 -10.92
N GLY C 7 -11.57 -32.57 -10.08
CA GLY C 7 -11.81 -32.21 -8.69
C GLY C 7 -10.50 -32.02 -7.93
N GLN C 8 -10.16 -30.76 -7.66
CA GLN C 8 -8.97 -30.45 -6.89
C GLN C 8 -9.31 -30.07 -5.45
N GLY C 9 -8.50 -30.54 -4.51
CA GLY C 9 -8.74 -30.26 -3.09
C GLY C 9 -7.43 -30.24 -2.33
N LYS C 10 -7.49 -29.75 -1.08
CA LYS C 10 -6.30 -29.63 -0.25
C LYS C 10 -6.63 -29.86 1.22
N VAL C 11 -5.75 -30.55 1.91
CA VAL C 11 -5.90 -30.77 3.35
C VAL C 11 -4.62 -30.42 4.10
N THR C 12 -4.76 -29.69 5.20
CA THR C 12 -3.62 -29.30 6.02
C THR C 12 -3.63 -30.03 7.35
N PHE C 13 -2.48 -30.04 8.03
CA PHE C 13 -2.34 -30.75 9.29
C PHE C 13 -1.60 -29.91 10.32
N ASN C 14 -2.07 -29.93 11.56
CA ASN C 14 -1.45 -29.17 12.64
C ASN C 14 -1.44 -29.96 13.94
N GLY C 15 -0.50 -29.63 14.82
CA GLY C 15 -0.46 -30.24 16.15
C GLY C 15 0.84 -29.89 16.86
N THR C 16 1.06 -30.52 18.02
CA THR C 16 2.32 -30.38 18.74
C THR C 16 2.59 -31.57 19.64
N VAL C 17 3.78 -31.64 20.20
CA VAL C 17 4.17 -32.75 21.06
C VAL C 17 4.96 -32.28 22.26
N VAL C 18 4.68 -32.88 23.42
CA VAL C 18 5.40 -32.53 24.64
C VAL C 18 5.95 -33.76 25.33
N ASP C 19 6.68 -33.56 26.42
CA ASP C 19 7.37 -34.64 27.10
C ASP C 19 6.42 -35.43 28.01
N ALA C 20 5.15 -35.05 27.99
CA ALA C 20 4.14 -35.73 28.79
C ALA C 20 4.07 -37.20 28.44
N PRO C 21 3.67 -38.01 29.43
CA PRO C 21 3.50 -39.45 29.22
C PRO C 21 2.18 -39.75 28.52
N CYS C 22 1.29 -38.75 28.49
CA CYS C 22 -0.03 -38.93 27.91
C CYS C 22 -0.35 -37.82 26.93
N SER C 23 -1.19 -38.12 25.94
CA SER C 23 -1.54 -37.16 24.90
C SER C 23 -2.84 -36.44 25.24
N ILE C 24 -3.02 -35.26 24.67
CA ILE C 24 -4.21 -34.45 24.93
C ILE C 24 -4.93 -34.11 23.63
N SER C 25 -6.15 -34.60 23.50
CA SER C 25 -6.98 -34.30 22.33
C SER C 25 -7.33 -32.82 22.27
N GLN C 26 -7.28 -32.25 21.07
CA GLN C 26 -7.62 -30.85 20.87
C GLN C 26 -8.99 -30.52 21.45
N LYS C 27 -9.90 -31.48 21.36
CA LYS C 27 -11.29 -31.26 21.76
C LYS C 27 -11.38 -30.83 23.21
N SER C 28 -10.39 -31.22 24.01
CA SER C 28 -10.35 -30.87 25.42
C SER C 28 -9.35 -29.76 25.70
N ALA C 29 -8.27 -29.73 24.92
CA ALA C 29 -7.27 -28.69 25.04
C ALA C 29 -7.92 -27.32 25.11
N ASP C 30 -8.88 -27.08 24.24
CA ASP C 30 -9.69 -25.86 24.29
C ASP C 30 -11.17 -26.17 24.23
N GLN C 31 -11.99 -25.30 24.80
CA GLN C 31 -13.43 -25.50 24.83
C GLN C 31 -14.15 -24.26 25.36
N SER C 32 -15.47 -24.30 25.35
CA SER C 32 -16.28 -23.14 25.75
C SER C 32 -17.56 -23.58 26.43
N ILE C 33 -17.96 -22.84 27.46
CA ILE C 33 -19.18 -23.15 28.20
C ILE C 33 -20.23 -22.05 28.04
N ASP C 34 -21.46 -22.45 27.75
CA ASP C 34 -22.56 -21.51 27.62
C ASP C 34 -23.64 -21.78 28.66
N PHE C 35 -23.91 -20.78 29.51
CA PHE C 35 -24.87 -20.94 30.60
C PHE C 35 -26.26 -20.45 30.18
N GLY C 36 -26.40 -20.10 28.91
CA GLY C 36 -27.68 -19.69 28.37
C GLY C 36 -28.18 -18.41 29.03
N GLN C 37 -29.44 -18.40 29.44
CA GLN C 37 -30.05 -17.22 30.03
C GLN C 37 -30.43 -17.49 31.48
N LEU C 38 -30.03 -16.58 32.38
CA LEU C 38 -30.23 -16.77 33.80
C LEU C 38 -31.23 -15.75 34.35
N SER C 39 -31.92 -16.12 35.42
CA SER C 39 -32.78 -15.19 36.13
C SER C 39 -31.98 -14.30 37.08
N LYS C 40 -32.14 -12.99 36.92
CA LYS C 40 -31.55 -12.03 37.85
C LYS C 40 -32.01 -12.30 39.28
N SER C 41 -33.32 -12.26 39.50
CA SER C 41 -33.89 -12.49 40.82
C SER C 41 -33.26 -13.72 41.48
N PHE C 42 -33.18 -14.81 40.72
CA PHE C 42 -32.60 -16.05 41.23
C PHE C 42 -31.18 -15.83 41.73
N LEU C 43 -30.36 -15.22 40.88
CA LEU C 43 -28.98 -14.91 41.26
C LEU C 43 -28.93 -13.94 42.43
N GLU C 44 -29.81 -12.95 42.42
CA GLU C 44 -29.88 -11.96 43.49
C GLU C 44 -30.25 -12.62 44.81
N ALA C 45 -31.04 -13.69 44.73
CA ALA C 45 -31.43 -14.46 45.92
C ALA C 45 -30.29 -15.33 46.40
N GLY C 46 -29.14 -15.23 45.74
CA GLY C 46 -27.97 -16.01 46.10
C GLY C 46 -28.01 -17.39 45.48
N GLY C 47 -28.88 -17.56 44.48
CA GLY C 47 -29.03 -18.84 43.80
C GLY C 47 -27.80 -19.17 42.95
N VAL C 48 -27.73 -20.40 42.47
CA VAL C 48 -26.60 -20.84 41.65
C VAL C 48 -27.08 -21.71 40.49
N SER C 49 -26.48 -21.52 39.33
CA SER C 49 -26.89 -22.24 38.12
C SER C 49 -26.53 -23.71 38.20
N LYS C 50 -26.94 -24.47 37.19
CA LYS C 50 -26.63 -25.90 37.14
C LYS C 50 -25.20 -26.14 36.67
N PRO C 51 -24.64 -27.26 37.09
CA PRO C 51 -23.23 -27.56 36.80
C PRO C 51 -23.03 -27.89 35.33
N MET C 52 -21.98 -27.33 34.74
CA MET C 52 -21.60 -27.66 33.36
C MET C 52 -20.36 -28.53 33.33
N ASP C 53 -20.30 -29.43 32.35
CA ASP C 53 -19.21 -30.40 32.28
C ASP C 53 -17.98 -29.81 31.62
N LEU C 54 -16.92 -29.66 32.39
CA LEU C 54 -15.63 -29.21 31.86
C LEU C 54 -14.62 -30.35 31.83
N ASP C 55 -15.11 -31.56 31.57
CA ASP C 55 -14.29 -32.76 31.69
C ASP C 55 -13.12 -32.72 30.70
N ILE C 56 -11.98 -33.24 31.12
CA ILE C 56 -10.78 -33.26 30.27
C ILE C 56 -10.31 -34.69 30.03
N GLU C 57 -10.41 -35.14 28.79
CA GLU C 57 -10.06 -36.51 28.44
C GLU C 57 -8.60 -36.62 28.04
N LEU C 58 -7.88 -37.55 28.68
CA LEU C 58 -6.50 -37.85 28.32
C LEU C 58 -6.40 -39.19 27.62
N VAL C 59 -5.60 -39.24 26.56
CA VAL C 59 -5.57 -40.41 25.69
C VAL C 59 -4.14 -40.92 25.51
N ASN C 60 -4.01 -42.23 25.25
CA ASN C 60 -2.70 -42.83 25.05
C ASN C 60 -1.75 -42.46 26.17
N CYS C 61 -2.08 -42.83 27.39
CA CYS C 61 -1.32 -42.43 28.56
C CYS C 61 -0.22 -43.42 28.87
N ASP C 62 -0.48 -44.69 28.64
CA ASP C 62 0.48 -45.76 28.93
C ASP C 62 1.54 -45.27 29.92
N ILE C 63 1.16 -45.16 31.18
CA ILE C 63 2.04 -44.61 32.19
C ILE C 63 2.84 -45.70 32.90
N THR C 64 2.92 -46.86 32.27
CA THR C 64 3.68 -47.98 32.81
C THR C 64 5.15 -47.60 33.03
N ALA C 65 5.92 -47.63 31.95
CA ALA C 65 7.32 -47.25 32.00
C ALA C 65 7.50 -45.93 32.73
N PHE C 66 6.59 -44.99 32.49
CA PHE C 66 6.65 -43.67 33.12
C PHE C 66 6.73 -43.79 34.64
N LYS C 67 5.64 -44.27 35.24
CA LYS C 67 5.54 -44.31 36.70
C LYS C 67 6.65 -45.15 37.31
N GLY C 68 7.18 -46.07 36.52
CA GLY C 68 8.27 -46.93 36.97
C GLY C 68 9.58 -46.15 37.06
N GLY C 69 10.06 -45.68 35.91
CA GLY C 69 11.39 -45.09 35.82
C GLY C 69 11.46 -43.77 36.59
N ASN C 70 10.32 -43.11 36.72
CA ASN C 70 10.27 -41.78 37.32
C ASN C 70 9.99 -41.86 38.81
N GLY C 71 10.01 -43.07 39.35
CA GLY C 71 9.93 -43.27 40.79
C GLY C 71 8.74 -42.54 41.39
N ALA C 72 9.01 -41.62 42.32
CA ALA C 72 7.96 -40.96 43.07
C ALA C 72 6.79 -40.60 42.18
N LYS C 73 7.09 -40.21 40.94
CA LYS C 73 6.06 -39.84 39.98
C LYS C 73 5.20 -41.05 39.61
N LYS C 74 4.26 -41.40 40.49
CA LYS C 74 3.47 -42.60 40.32
C LYS C 74 2.10 -42.28 39.75
N GLY C 75 2.08 -41.65 38.59
CA GLY C 75 0.88 -41.59 37.75
C GLY C 75 -0.18 -40.70 38.39
N THR C 76 0.18 -39.46 38.67
CA THR C 76 -0.80 -38.45 39.06
C THR C 76 -0.61 -37.17 38.26
N VAL C 77 -1.68 -36.38 38.16
CA VAL C 77 -1.62 -35.10 37.46
C VAL C 77 -2.35 -34.01 38.24
N LYS C 78 -2.10 -32.76 37.87
CA LYS C 78 -2.79 -31.63 38.50
C LYS C 78 -2.84 -30.43 37.55
N LEU C 79 -3.83 -29.57 37.77
CA LEU C 79 -4.04 -28.43 36.89
C LEU C 79 -3.76 -27.11 37.61
N ALA C 80 -3.27 -26.13 36.87
CA ALA C 80 -3.04 -24.79 37.43
C ALA C 80 -3.81 -23.75 36.65
N PHE C 81 -5.01 -23.42 37.12
CA PHE C 81 -5.89 -22.47 36.43
C PHE C 81 -5.46 -21.03 36.69
N THR C 82 -5.60 -20.19 35.66
CA THR C 82 -5.19 -18.79 35.77
C THR C 82 -6.24 -17.87 35.16
N GLY C 83 -6.62 -16.84 35.90
CA GLY C 83 -7.53 -15.82 35.39
C GLY C 83 -7.84 -14.78 36.45
N PRO C 84 -8.64 -13.78 36.07
CA PRO C 84 -9.09 -12.77 37.01
C PRO C 84 -9.92 -13.38 38.13
N ILE C 85 -9.60 -13.02 39.37
CA ILE C 85 -10.26 -13.60 40.53
C ILE C 85 -10.90 -12.52 41.40
N VAL C 86 -11.94 -12.90 42.14
CA VAL C 86 -12.54 -12.01 43.12
C VAL C 86 -11.72 -11.96 44.41
N ASN C 87 -11.47 -10.75 44.90
CA ASN C 87 -10.55 -10.56 46.01
C ASN C 87 -10.99 -11.35 47.23
N GLY C 88 -10.05 -12.05 47.85
CA GLY C 88 -10.29 -12.71 49.12
C GLY C 88 -11.04 -14.02 48.92
N HIS C 89 -11.15 -14.46 47.67
CA HIS C 89 -11.86 -15.69 47.35
C HIS C 89 -11.03 -16.60 46.46
N SER C 90 -10.52 -16.03 45.36
CA SER C 90 -9.55 -16.72 44.51
C SER C 90 -10.23 -17.80 43.69
N ASP C 91 -11.03 -18.63 44.35
CA ASP C 91 -11.74 -19.70 43.66
C ASP C 91 -12.98 -19.16 42.95
N GLU C 92 -13.10 -17.85 42.90
CA GLU C 92 -14.25 -17.21 42.26
C GLU C 92 -13.81 -16.36 41.06
N LEU C 93 -14.24 -16.76 39.87
CA LEU C 93 -13.76 -16.15 38.64
C LEU C 93 -14.42 -14.81 38.38
N ASP C 94 -13.61 -13.75 38.32
CA ASP C 94 -14.12 -12.41 38.08
C ASP C 94 -14.44 -12.19 36.61
N THR C 95 -15.64 -12.59 36.21
CA THR C 95 -16.05 -12.49 34.81
C THR C 95 -15.84 -11.08 34.26
N ASN C 96 -15.79 -10.97 32.94
CA ASN C 96 -15.67 -9.67 32.29
C ASN C 96 -17.03 -9.15 31.85
N GLY C 97 -17.51 -8.11 32.52
CA GLY C 97 -18.81 -7.51 32.22
C GLY C 97 -19.22 -6.50 33.28
N GLY C 98 -20.41 -5.93 33.10
CA GLY C 98 -20.92 -4.94 34.05
C GLY C 98 -21.90 -5.57 35.02
N THR C 99 -21.71 -6.85 35.31
CA THR C 99 -22.58 -7.57 36.23
C THR C 99 -21.88 -7.90 37.53
N GLY C 100 -22.65 -8.11 38.58
CA GLY C 100 -22.11 -8.56 39.86
C GLY C 100 -22.19 -10.08 39.98
N THR C 101 -21.70 -10.77 38.97
CA THR C 101 -21.74 -12.23 38.95
C THR C 101 -20.34 -12.82 38.78
N ALA C 102 -20.22 -14.12 39.02
CA ALA C 102 -18.93 -14.80 38.93
C ALA C 102 -19.10 -16.28 38.63
N ILE C 103 -18.02 -16.93 38.22
CA ILE C 103 -18.06 -18.35 37.89
C ILE C 103 -17.16 -19.16 38.81
N VAL C 104 -17.67 -20.29 39.29
CA VAL C 104 -16.90 -21.18 40.14
C VAL C 104 -16.81 -22.57 39.55
N VAL C 105 -15.59 -23.02 39.26
CA VAL C 105 -15.35 -24.39 38.83
C VAL C 105 -14.93 -25.28 39.99
N GLN C 106 -15.49 -26.47 40.05
CA GLN C 106 -15.27 -27.37 41.18
C GLN C 106 -14.73 -28.71 40.72
N GLY C 107 -13.85 -29.30 41.53
CA GLY C 107 -13.28 -30.61 41.24
C GLY C 107 -13.33 -31.51 42.47
N ALA C 108 -14.08 -32.61 42.36
CA ALA C 108 -14.31 -33.50 43.49
C ALA C 108 -14.87 -32.73 44.68
N GLY C 109 -14.28 -32.96 45.85
CA GLY C 109 -14.71 -32.28 47.07
C GLY C 109 -13.97 -30.96 47.25
N LYS C 110 -13.31 -30.51 46.19
CA LYS C 110 -12.53 -29.27 46.24
C LYS C 110 -13.01 -28.28 45.19
N ASN C 111 -12.60 -27.02 45.34
CA ASN C 111 -12.87 -25.99 44.35
C ASN C 111 -11.63 -25.66 43.54
N VAL C 112 -11.84 -25.16 42.33
CA VAL C 112 -10.74 -24.72 41.48
C VAL C 112 -10.38 -23.27 41.74
N VAL C 113 -9.08 -22.99 41.83
CA VAL C 113 -8.60 -21.64 42.02
C VAL C 113 -7.85 -21.12 40.79
N PHE C 114 -8.09 -19.87 40.43
CA PHE C 114 -7.58 -19.32 39.19
C PHE C 114 -6.42 -18.37 39.43
N ASP C 115 -5.62 -18.67 40.46
CA ASP C 115 -4.51 -17.81 40.84
C ASP C 115 -3.19 -18.36 40.31
N GLY C 116 -3.27 -19.39 39.49
CA GLY C 116 -2.09 -19.93 38.81
C GLY C 116 -1.47 -21.06 39.61
N SER C 117 -1.99 -21.29 40.81
CA SER C 117 -1.51 -22.37 41.67
C SER C 117 -2.03 -23.72 41.19
N GLU C 118 -1.31 -24.78 41.53
CA GLU C 118 -1.71 -26.13 41.16
C GLU C 118 -2.73 -26.70 42.13
N GLY C 119 -3.63 -27.54 41.60
CA GLY C 119 -4.64 -28.19 42.43
C GLY C 119 -4.12 -29.53 42.96
N ASP C 120 -5.04 -30.35 43.46
CA ASP C 120 -4.69 -31.64 44.03
C ASP C 120 -4.22 -32.62 42.95
N ALA C 121 -3.27 -33.47 43.30
CA ALA C 121 -2.84 -34.53 42.41
C ALA C 121 -3.95 -35.54 42.16
N ASN C 122 -4.08 -35.97 40.90
CA ASN C 122 -5.15 -36.89 40.51
C ASN C 122 -4.58 -38.17 39.91
N THR C 123 -4.80 -39.29 40.59
CA THR C 123 -4.36 -40.58 40.10
C THR C 123 -5.01 -40.92 38.76
N LEU C 124 -4.20 -41.44 37.84
CA LEU C 124 -4.71 -41.88 36.54
C LEU C 124 -4.18 -43.27 36.19
N LYS C 125 -4.83 -43.92 35.23
CA LYS C 125 -4.49 -45.29 34.85
C LYS C 125 -3.84 -45.34 33.48
N ASP C 126 -3.54 -46.55 33.02
CA ASP C 126 -2.90 -46.75 31.73
C ASP C 126 -3.91 -46.67 30.59
N GLY C 127 -3.48 -46.13 29.46
CA GLY C 127 -4.32 -46.07 28.27
C GLY C 127 -5.11 -44.77 28.20
N GLU C 128 -6.32 -44.80 28.71
CA GLU C 128 -7.23 -43.66 28.60
C GLU C 128 -7.64 -43.15 29.98
N ASN C 129 -7.83 -41.84 30.08
CA ASN C 129 -8.26 -41.22 31.33
C ASN C 129 -9.16 -40.02 31.08
N VAL C 130 -9.85 -39.57 32.12
CA VAL C 130 -10.66 -38.36 32.05
C VAL C 130 -10.85 -37.75 33.42
N LEU C 131 -10.66 -36.43 33.50
CA LEU C 131 -10.95 -35.69 34.72
C LEU C 131 -12.33 -35.05 34.67
N HIS C 132 -12.99 -35.00 35.82
CA HIS C 132 -14.36 -34.49 35.88
C HIS C 132 -14.42 -33.17 36.63
N TYR C 133 -14.94 -32.14 35.96
CA TYR C 133 -15.07 -30.83 36.56
C TYR C 133 -16.44 -30.23 36.29
N THR C 134 -16.93 -29.41 37.23
CA THR C 134 -18.20 -28.74 37.06
C THR C 134 -18.05 -27.22 37.18
N ALA C 135 -18.87 -26.49 36.45
CA ALA C 135 -18.87 -25.03 36.51
C ALA C 135 -20.26 -24.48 36.74
N VAL C 136 -20.37 -23.48 37.61
CA VAL C 136 -21.65 -22.86 37.91
C VAL C 136 -21.52 -21.34 37.95
N VAL C 137 -22.64 -20.65 37.75
CA VAL C 137 -22.68 -19.19 37.86
C VAL C 137 -23.45 -18.77 39.11
N LYS C 138 -22.92 -17.77 39.82
CA LYS C 138 -23.60 -17.21 40.97
C LYS C 138 -23.34 -15.71 41.09
N LYS C 139 -24.17 -15.04 41.89
CA LYS C 139 -23.89 -13.66 42.28
C LYS C 139 -22.55 -13.55 43.00
N SER C 140 -21.68 -12.69 42.49
CA SER C 140 -20.32 -12.57 43.00
C SER C 140 -20.33 -12.32 44.50
N SER C 141 -19.30 -12.80 45.19
CA SER C 141 -19.17 -12.60 46.63
C SER C 141 -18.49 -11.28 46.95
N ALA C 142 -18.17 -10.52 45.90
CA ALA C 142 -17.57 -9.20 46.06
C ALA C 142 -18.47 -8.29 46.89
N VAL C 143 -17.85 -7.36 47.61
CA VAL C 143 -18.58 -6.43 48.46
C VAL C 143 -19.42 -5.46 47.63
N GLY C 144 -20.73 -5.47 47.86
CA GLY C 144 -21.64 -4.57 47.16
C GLY C 144 -22.02 -5.13 45.80
N ALA C 145 -21.66 -6.38 45.55
CA ALA C 145 -21.98 -7.05 44.30
C ALA C 145 -23.48 -6.94 43.99
N ALA C 146 -23.81 -6.73 42.72
CA ALA C 146 -25.20 -6.68 42.28
C ALA C 146 -25.34 -7.16 40.85
N VAL C 147 -26.39 -7.93 40.59
CA VAL C 147 -26.58 -8.56 39.28
C VAL C 147 -27.16 -7.58 38.28
N THR C 148 -26.41 -7.35 37.20
CA THR C 148 -26.87 -6.46 36.13
C THR C 148 -27.47 -7.26 34.98
N GLU C 149 -28.57 -6.78 34.43
CA GLU C 149 -29.26 -7.46 33.35
C GLU C 149 -28.51 -7.30 32.03
N GLY C 150 -27.37 -7.97 31.92
CA GLY C 150 -26.54 -7.87 30.73
C GLY C 150 -26.03 -9.24 30.30
N ALA C 151 -24.88 -9.26 29.62
CA ALA C 151 -24.31 -10.50 29.11
C ALA C 151 -23.14 -10.96 29.96
N PHE C 152 -22.79 -12.23 29.84
CA PHE C 152 -21.65 -12.79 30.56
C PHE C 152 -20.53 -13.18 29.60
N SER C 153 -19.29 -12.99 30.04
CA SER C 153 -18.13 -13.40 29.25
C SER C 153 -16.88 -13.49 30.12
N ALA C 154 -16.22 -14.64 30.06
CA ALA C 154 -15.02 -14.87 30.86
C ALA C 154 -14.09 -15.87 30.19
N VAL C 155 -12.79 -15.74 30.43
CA VAL C 155 -11.80 -16.66 29.88
C VAL C 155 -10.84 -17.13 30.96
N ALA C 156 -10.63 -18.43 31.04
CA ALA C 156 -9.69 -19.01 32.00
C ALA C 156 -8.70 -19.94 31.30
N ASN C 157 -7.45 -19.90 31.74
CA ASN C 157 -6.41 -20.77 31.19
C ASN C 157 -5.80 -21.64 32.29
N PHE C 158 -5.23 -22.78 31.88
CA PHE C 158 -4.66 -23.72 32.82
C PHE C 158 -3.49 -24.49 32.19
N ASN C 159 -2.56 -24.91 33.03
CA ASN C 159 -1.51 -25.84 32.60
C ASN C 159 -1.68 -27.20 33.26
N LEU C 160 -1.18 -28.24 32.61
CA LEU C 160 -1.26 -29.59 33.14
C LEU C 160 0.13 -30.19 33.34
N THR C 161 0.38 -30.66 34.56
CA THR C 161 1.66 -31.29 34.88
C THR C 161 1.47 -32.74 35.31
N TYR C 162 2.51 -33.55 35.10
CA TYR C 162 2.41 -34.98 35.34
C TYR C 162 3.37 -35.42 36.45
N GLN C 163 2.85 -36.16 37.41
CA GLN C 163 3.68 -36.76 38.46
C GLN C 163 3.30 -38.22 38.71
N ALA D 1 -30.05 17.02 4.21
CA ALA D 1 -30.97 16.50 3.19
C ALA D 1 -30.63 15.05 2.84
N PRO D 2 -29.55 14.87 2.09
CA PRO D 2 -29.31 13.62 1.39
C PRO D 2 -29.86 12.43 2.17
N THR D 3 -30.64 11.59 1.49
CA THR D 3 -31.28 10.45 2.14
C THR D 3 -30.26 9.38 2.50
N ILE D 4 -30.49 8.72 3.63
CA ILE D 4 -29.61 7.65 4.09
C ILE D 4 -30.38 6.37 4.34
N PRO D 5 -30.10 5.34 3.52
CA PRO D 5 -30.73 4.04 3.70
C PRO D 5 -30.58 3.54 5.13
N GLN D 6 -31.61 2.86 5.62
CA GLN D 6 -31.68 2.48 7.03
C GLN D 6 -30.86 1.21 7.29
N GLY D 7 -30.28 0.67 6.24
CA GLY D 7 -29.41 -0.50 6.37
C GLY D 7 -28.89 -0.95 5.02
N GLN D 8 -27.61 -0.68 4.75
CA GLN D 8 -26.97 -1.10 3.51
C GLN D 8 -26.07 -2.30 3.74
N GLY D 9 -26.11 -3.25 2.80
CA GLY D 9 -25.30 -4.46 2.91
C GLY D 9 -24.92 -4.99 1.54
N LYS D 10 -23.99 -5.94 1.52
CA LYS D 10 -23.50 -6.51 0.26
C LYS D 10 -23.14 -7.97 0.42
N VAL D 11 -23.48 -8.78 -0.58
CA VAL D 11 -23.11 -10.19 -0.60
C VAL D 11 -22.45 -10.57 -1.91
N THR D 12 -21.35 -11.31 -1.82
CA THR D 12 -20.63 -11.77 -3.00
C THR D 12 -20.78 -13.27 -3.19
N PHE D 13 -20.47 -13.74 -4.40
CA PHE D 13 -20.62 -15.15 -4.73
C PHE D 13 -19.41 -15.67 -5.50
N ASN D 14 -18.96 -16.87 -5.16
CA ASN D 14 -17.81 -17.47 -5.82
C ASN D 14 -18.03 -18.97 -6.03
N GLY D 15 -17.35 -19.54 -7.02
CA GLY D 15 -17.38 -20.97 -7.25
C GLY D 15 -16.73 -21.33 -8.59
N THR D 16 -16.84 -22.59 -8.97
CA THR D 16 -16.38 -23.04 -10.28
C THR D 16 -17.11 -24.30 -10.73
N VAL D 17 -16.90 -24.69 -11.98
CA VAL D 17 -17.58 -25.84 -12.55
C VAL D 17 -16.64 -26.66 -13.42
N VAL D 18 -16.74 -27.98 -13.31
CA VAL D 18 -15.91 -28.88 -14.11
C VAL D 18 -16.76 -29.92 -14.83
N ASP D 19 -16.11 -30.74 -15.64
CA ASP D 19 -16.81 -31.69 -16.50
C ASP D 19 -17.21 -32.94 -15.71
N ALA D 20 -16.91 -32.94 -14.42
CA ALA D 20 -17.26 -34.06 -13.55
C ALA D 20 -18.75 -34.34 -13.57
N PRO D 21 -19.12 -35.59 -13.35
CA PRO D 21 -20.52 -35.98 -13.27
C PRO D 21 -21.12 -35.63 -11.92
N CYS D 22 -20.27 -35.33 -10.95
CA CYS D 22 -20.70 -35.03 -9.60
C CYS D 22 -20.07 -33.74 -9.09
N SER D 23 -20.78 -33.06 -8.18
CA SER D 23 -20.33 -31.79 -7.65
C SER D 23 -19.57 -31.98 -6.33
N ILE D 24 -18.71 -31.03 -6.01
CA ILE D 24 -17.92 -31.10 -4.78
C ILE D 24 -18.13 -29.88 -3.91
N SER D 25 -18.69 -30.10 -2.72
CA SER D 25 -18.90 -29.02 -1.76
C SER D 25 -17.58 -28.44 -1.27
N GLN D 26 -17.54 -27.11 -1.17
CA GLN D 26 -16.35 -26.43 -0.68
C GLN D 26 -15.86 -27.01 0.64
N LYS D 27 -16.82 -27.41 1.47
CA LYS D 27 -16.50 -27.87 2.83
C LYS D 27 -15.53 -29.04 2.81
N SER D 28 -15.54 -29.79 1.70
CA SER D 28 -14.67 -30.94 1.56
C SER D 28 -13.50 -30.64 0.63
N ALA D 29 -13.74 -29.78 -0.35
CA ALA D 29 -12.70 -29.36 -1.28
C ALA D 29 -11.42 -28.97 -0.53
N ASP D 30 -11.59 -28.21 0.55
CA ASP D 30 -10.49 -27.88 1.43
C ASP D 30 -10.85 -28.14 2.89
N GLN D 31 -9.85 -28.41 3.71
CA GLN D 31 -10.07 -28.71 5.12
C GLN D 31 -8.75 -28.81 5.88
N SER D 32 -8.84 -28.98 7.20
CA SER D 32 -7.67 -29.00 8.05
C SER D 32 -7.84 -29.96 9.22
N ILE D 33 -6.77 -30.65 9.57
CA ILE D 33 -6.80 -31.61 10.68
C ILE D 33 -5.90 -31.16 11.82
N ASP D 34 -6.42 -31.22 13.03
CA ASP D 34 -5.65 -30.87 14.22
C ASP D 34 -5.52 -32.07 15.17
N PHE D 35 -4.29 -32.48 15.42
CA PHE D 35 -4.04 -33.65 16.26
C PHE D 35 -3.81 -33.26 17.71
N GLY D 36 -4.00 -31.98 18.01
CA GLY D 36 -3.87 -31.49 19.38
C GLY D 36 -2.46 -31.67 19.90
N GLN D 37 -2.34 -32.19 21.11
CA GLN D 37 -1.04 -32.36 21.76
C GLN D 37 -0.72 -33.84 21.97
N LEU D 38 0.47 -34.25 21.54
CA LEU D 38 0.86 -35.65 21.59
C LEU D 38 1.97 -35.88 22.61
N SER D 39 2.03 -37.09 23.15
CA SER D 39 3.13 -37.49 24.02
C SER D 39 4.35 -37.91 23.20
N LYS D 40 5.48 -37.28 23.48
CA LYS D 40 6.75 -37.68 22.89
C LYS D 40 7.05 -39.15 23.17
N SER D 41 7.12 -39.50 24.45
CA SER D 41 7.41 -40.86 24.85
C SER D 41 6.57 -41.86 24.07
N PHE D 42 5.28 -41.58 23.97
CA PHE D 42 4.35 -42.45 23.25
C PHE D 42 4.80 -42.64 21.80
N LEU D 43 5.07 -41.54 21.12
CA LEU D 43 5.55 -41.58 19.75
C LEU D 43 6.90 -42.27 19.65
N GLU D 44 7.77 -41.98 20.61
CA GLU D 44 9.09 -42.59 20.66
C GLU D 44 9.00 -44.09 20.84
N ALA D 45 7.97 -44.54 21.54
CA ALA D 45 7.72 -45.96 21.74
C ALA D 45 7.15 -46.61 20.48
N GLY D 46 7.02 -45.81 19.43
CA GLY D 46 6.49 -46.30 18.16
C GLY D 46 4.97 -46.27 18.15
N GLY D 47 4.40 -45.54 19.09
CA GLY D 47 2.94 -45.43 19.21
C GLY D 47 2.36 -44.63 18.05
N VAL D 48 1.03 -44.65 17.93
CA VAL D 48 0.35 -43.93 16.87
C VAL D 48 -0.93 -43.28 17.38
N SER D 49 -1.19 -42.06 16.91
CA SER D 49 -2.34 -41.29 17.39
C SER D 49 -3.64 -41.90 16.89
N LYS D 50 -4.76 -41.32 17.33
CA LYS D 50 -6.08 -41.77 16.92
C LYS D 50 -6.43 -41.25 15.53
N PRO D 51 -7.28 -42.00 14.82
CA PRO D 51 -7.61 -41.68 13.44
C PRO D 51 -8.49 -40.44 13.37
N MET D 52 -8.17 -39.54 12.44
CA MET D 52 -8.99 -38.37 12.17
C MET D 52 -9.76 -38.52 10.87
N ASP D 53 -10.97 -37.97 10.83
CA ASP D 53 -11.85 -38.15 9.69
C ASP D 53 -11.52 -37.15 8.57
N LEU D 54 -11.05 -37.68 7.45
CA LEU D 54 -10.80 -36.84 6.28
C LEU D 54 -11.82 -37.13 5.18
N ASP D 55 -13.04 -37.43 5.59
CA ASP D 55 -14.07 -37.88 4.66
C ASP D 55 -14.38 -36.83 3.61
N ILE D 56 -14.65 -37.27 2.39
CA ILE D 56 -14.96 -36.36 1.29
C ILE D 56 -16.34 -36.63 0.73
N GLU D 57 -17.25 -35.68 0.92
CA GLU D 57 -18.64 -35.85 0.49
C GLU D 57 -18.85 -35.34 -0.93
N LEU D 58 -19.41 -36.20 -1.78
CA LEU D 58 -19.78 -35.80 -3.13
C LEU D 58 -21.29 -35.68 -3.27
N VAL D 59 -21.73 -34.63 -3.97
CA VAL D 59 -23.15 -34.28 -4.01
C VAL D 59 -23.62 -34.13 -5.45
N ASN D 60 -24.92 -34.37 -5.66
CA ASN D 60 -25.51 -34.27 -6.98
C ASN D 60 -24.69 -35.02 -8.02
N CYS D 61 -24.57 -36.33 -7.83
CA CYS D 61 -23.69 -37.14 -8.68
C CYS D 61 -24.45 -37.67 -9.89
N ASP D 62 -25.72 -37.99 -9.71
CA ASP D 62 -26.54 -38.54 -10.77
C ASP D 62 -25.68 -39.12 -11.89
N ILE D 63 -25.08 -40.28 -11.64
CA ILE D 63 -24.14 -40.88 -12.57
C ILE D 63 -24.83 -41.85 -13.52
N THR D 64 -26.15 -41.71 -13.63
CA THR D 64 -26.93 -42.55 -14.53
C THR D 64 -26.45 -42.40 -15.97
N ALA D 65 -26.87 -41.33 -16.64
CA ALA D 65 -26.45 -41.06 -18.00
C ALA D 65 -24.94 -41.19 -18.14
N PHE D 66 -24.21 -40.72 -17.14
CA PHE D 66 -22.75 -40.78 -17.16
C PHE D 66 -22.26 -42.21 -17.40
N LYS D 67 -22.49 -43.08 -16.42
CA LYS D 67 -21.96 -44.43 -16.47
C LYS D 67 -22.46 -45.18 -17.70
N GLY D 68 -23.59 -44.75 -18.23
CA GLY D 68 -24.16 -45.35 -19.42
C GLY D 68 -23.36 -44.96 -20.66
N GLY D 69 -23.36 -43.67 -20.98
CA GLY D 69 -22.81 -43.19 -22.25
C GLY D 69 -21.30 -43.38 -22.28
N ASN D 70 -20.68 -43.39 -21.11
CA ASN D 70 -19.22 -43.41 -21.02
C ASN D 70 -18.71 -44.85 -20.89
N GLY D 71 -19.61 -45.81 -21.07
CA GLY D 71 -19.23 -47.22 -21.15
C GLY D 71 -18.37 -47.62 -19.97
N ALA D 72 -17.15 -48.08 -20.26
CA ALA D 72 -16.28 -48.65 -19.24
C ALA D 72 -16.34 -47.85 -17.95
N LYS D 73 -16.46 -46.52 -18.09
CA LYS D 73 -16.54 -45.64 -16.93
C LYS D 73 -17.82 -45.88 -16.15
N LYS D 74 -17.83 -46.93 -15.35
CA LYS D 74 -19.04 -47.34 -14.64
C LYS D 74 -19.03 -46.87 -13.20
N GLY D 75 -18.90 -45.56 -13.01
CA GLY D 75 -19.22 -44.94 -11.73
C GLY D 75 -18.19 -45.32 -10.66
N THR D 76 -16.93 -45.04 -10.95
CA THR D 76 -15.88 -45.12 -9.94
C THR D 76 -15.01 -43.87 -9.93
N VAL D 77 -14.37 -43.61 -8.81
CA VAL D 77 -13.47 -42.47 -8.68
C VAL D 77 -12.19 -42.85 -7.94
N LYS D 78 -11.18 -41.99 -8.05
CA LYS D 78 -9.92 -42.21 -7.34
C LYS D 78 -9.19 -40.90 -7.08
N LEU D 79 -8.35 -40.88 -6.06
CA LEU D 79 -7.66 -39.66 -5.65
C LEU D 79 -6.16 -39.78 -5.89
N ALA D 80 -5.53 -38.66 -6.23
CA ALA D 80 -4.08 -38.62 -6.40
C ALA D 80 -3.44 -37.59 -5.46
N PHE D 81 -3.00 -38.06 -4.30
CA PHE D 81 -2.45 -37.18 -3.29
C PHE D 81 -1.00 -36.80 -3.61
N THR D 82 -0.64 -35.55 -3.30
CA THR D 82 0.70 -35.06 -3.59
C THR D 82 1.27 -34.28 -2.42
N GLY D 83 2.49 -34.59 -2.03
CA GLY D 83 3.19 -33.85 -0.99
C GLY D 83 4.57 -34.45 -0.70
N PRO D 84 5.30 -33.83 0.21
CA PRO D 84 6.58 -34.35 0.64
C PRO D 84 6.43 -35.72 1.30
N ILE D 85 7.26 -36.67 0.88
CA ILE D 85 7.17 -38.04 1.37
C ILE D 85 8.47 -38.49 2.01
N VAL D 86 8.37 -39.45 2.93
CA VAL D 86 9.56 -40.07 3.51
C VAL D 86 10.14 -41.12 2.58
N ASN D 87 11.45 -41.07 2.37
CA ASN D 87 12.10 -41.90 1.37
C ASN D 87 11.84 -43.38 1.61
N GLY D 88 11.48 -44.09 0.55
CA GLY D 88 11.36 -45.54 0.61
C GLY D 88 10.05 -45.97 1.26
N HIS D 89 9.15 -45.01 1.45
CA HIS D 89 7.87 -45.27 2.09
C HIS D 89 6.72 -44.70 1.29
N SER D 90 6.83 -43.42 0.93
CA SER D 90 5.90 -42.80 0.01
C SER D 90 4.55 -42.54 0.66
N ASP D 91 4.01 -43.57 1.32
CA ASP D 91 2.73 -43.45 2.02
C ASP D 91 2.90 -42.75 3.36
N GLU D 92 4.09 -42.20 3.59
CA GLU D 92 4.38 -41.51 4.85
C GLU D 92 4.71 -40.05 4.61
N LEU D 93 3.85 -39.16 5.14
CA LEU D 93 3.94 -37.74 4.82
C LEU D 93 5.05 -37.07 5.62
N ASP D 94 6.02 -36.51 4.91
CA ASP D 94 7.14 -35.82 5.55
C ASP D 94 6.75 -34.44 6.04
N THR D 95 6.18 -34.37 7.23
CA THR D 95 5.70 -33.11 7.79
C THR D 95 6.79 -32.05 7.76
N ASN D 96 6.37 -30.79 7.85
CA ASN D 96 7.31 -29.68 7.92
C ASN D 96 7.57 -29.24 9.35
N GLY D 97 8.78 -29.51 9.84
CA GLY D 97 9.15 -29.17 11.21
C GLY D 97 10.48 -29.79 11.59
N GLY D 98 10.90 -29.57 12.83
CA GLY D 98 12.16 -30.11 13.33
C GLY D 98 11.93 -31.37 14.15
N THR D 99 10.87 -32.11 13.82
CA THR D 99 10.53 -33.33 14.54
C THR D 99 10.78 -34.55 13.67
N GLY D 100 10.98 -35.70 14.32
CA GLY D 100 11.08 -36.97 13.62
C GLY D 100 9.74 -37.69 13.56
N THR D 101 8.71 -36.96 13.11
CA THR D 101 7.37 -37.52 13.03
C THR D 101 6.81 -37.42 11.61
N ALA D 102 5.72 -38.12 11.36
CA ALA D 102 5.11 -38.14 10.03
C ALA D 102 3.62 -38.46 10.12
N ILE D 103 2.91 -38.20 9.03
CA ILE D 103 1.47 -38.45 8.98
C ILE D 103 1.12 -39.49 7.93
N VAL D 104 0.26 -40.43 8.28
CA VAL D 104 -0.19 -41.45 7.37
C VAL D 104 -1.71 -41.44 7.21
N VAL D 105 -2.18 -41.20 6.00
CA VAL D 105 -3.60 -41.30 5.70
C VAL D 105 -3.94 -42.66 5.08
N GLN D 106 -5.04 -43.24 5.53
CA GLN D 106 -5.41 -44.60 5.12
C GLN D 106 -6.81 -44.63 4.51
N GLY D 107 -6.99 -45.49 3.51
CA GLY D 107 -8.29 -45.66 2.87
C GLY D 107 -8.64 -47.13 2.72
N ALA D 108 -9.71 -47.55 3.38
CA ALA D 108 -10.09 -48.96 3.42
C ALA D 108 -8.94 -49.82 3.91
N GLY D 109 -8.66 -50.90 3.19
CA GLY D 109 -7.57 -51.80 3.56
C GLY D 109 -6.26 -51.36 2.91
N LYS D 110 -6.24 -50.13 2.41
CA LYS D 110 -5.06 -49.60 1.73
C LYS D 110 -4.58 -48.32 2.39
N ASN D 111 -3.34 -47.93 2.08
CA ASN D 111 -2.80 -46.66 2.55
C ASN D 111 -2.77 -45.63 1.42
N VAL D 112 -2.80 -44.35 1.79
CA VAL D 112 -2.70 -43.27 0.82
C VAL D 112 -1.24 -42.91 0.55
N VAL D 113 -0.91 -42.71 -0.72
CA VAL D 113 0.44 -42.30 -1.10
C VAL D 113 0.44 -40.88 -1.67
N PHE D 114 1.45 -40.10 -1.29
CA PHE D 114 1.48 -38.68 -1.62
C PHE D 114 2.49 -38.40 -2.72
N ASP D 115 2.65 -39.34 -3.64
CA ASP D 115 3.63 -39.22 -4.71
C ASP D 115 2.97 -38.79 -6.02
N GLY D 116 1.68 -38.44 -5.93
CA GLY D 116 0.97 -37.89 -7.08
C GLY D 116 0.27 -38.98 -7.87
N SER D 117 0.52 -40.23 -7.49
CA SER D 117 -0.12 -41.37 -8.15
C SER D 117 -1.56 -41.52 -7.70
N GLU D 118 -2.38 -42.15 -8.53
CA GLU D 118 -3.79 -42.38 -8.22
C GLU D 118 -3.97 -43.62 -7.35
N GLY D 119 -4.96 -43.58 -6.47
CA GLY D 119 -5.28 -44.71 -5.62
C GLY D 119 -6.28 -45.65 -6.28
N ASP D 120 -6.87 -46.54 -5.50
CA ASP D 120 -7.81 -47.52 -6.02
C ASP D 120 -9.11 -46.85 -6.44
N ALA D 121 -9.73 -47.38 -7.50
CA ALA D 121 -11.05 -46.92 -7.93
C ALA D 121 -12.11 -47.22 -6.89
N ASN D 122 -13.01 -46.26 -6.68
CA ASN D 122 -14.04 -46.40 -5.65
C ASN D 122 -15.43 -46.27 -6.25
N THR D 123 -16.19 -47.36 -6.18
CA THR D 123 -17.56 -47.35 -6.69
C THR D 123 -18.42 -46.34 -5.94
N LEU D 124 -19.24 -45.60 -6.69
CA LEU D 124 -20.18 -44.65 -6.09
C LEU D 124 -21.57 -44.80 -6.69
N LYS D 125 -22.57 -44.25 -6.01
CA LYS D 125 -23.95 -44.40 -6.42
C LYS D 125 -24.52 -43.08 -6.93
N ASP D 126 -25.81 -43.10 -7.27
CA ASP D 126 -26.47 -41.91 -7.81
C ASP D 126 -26.89 -40.97 -6.68
N GLY D 127 -26.82 -39.67 -6.94
CA GLY D 127 -27.28 -38.67 -5.99
C GLY D 127 -26.13 -38.20 -5.10
N GLU D 128 -26.01 -38.83 -3.93
CA GLU D 128 -25.03 -38.41 -2.93
C GLU D 128 -24.04 -39.51 -2.63
N ASN D 129 -22.80 -39.12 -2.34
CA ASN D 129 -21.75 -40.08 -1.99
C ASN D 129 -20.79 -39.50 -0.96
N VAL D 130 -20.00 -40.37 -0.35
CA VAL D 130 -18.95 -39.93 0.56
C VAL D 130 -17.84 -40.97 0.67
N LEU D 131 -16.59 -40.51 0.57
CA LEU D 131 -15.44 -41.38 0.79
C LEU D 131 -14.92 -41.26 2.22
N HIS D 132 -14.44 -42.37 2.78
CA HIS D 132 -14.01 -42.41 4.16
C HIS D 132 -12.50 -42.58 4.26
N TYR D 133 -11.84 -41.65 4.92
CA TYR D 133 -10.40 -41.70 5.10
C TYR D 133 -10.01 -41.38 6.54
N THR D 134 -8.90 -41.99 6.99
CA THR D 134 -8.40 -41.74 8.34
C THR D 134 -6.96 -41.25 8.29
N ALA D 135 -6.60 -40.39 9.25
CA ALA D 135 -5.25 -39.88 9.35
C ALA D 135 -4.70 -40.05 10.77
N VAL D 136 -3.44 -40.47 10.87
CA VAL D 136 -2.80 -40.66 12.16
C VAL D 136 -1.38 -40.10 12.15
N VAL D 137 -0.87 -39.78 13.34
CA VAL D 137 0.51 -39.34 13.49
C VAL D 137 1.36 -40.41 14.16
N LYS D 138 2.57 -40.60 13.64
CA LYS D 138 3.52 -41.53 14.25
C LYS D 138 4.95 -41.01 14.11
N LYS D 139 5.86 -41.60 14.90
CA LYS D 139 7.29 -41.39 14.70
C LYS D 139 7.72 -41.82 13.31
N SER D 140 8.34 -40.91 12.57
CA SER D 140 8.71 -41.17 11.18
C SER D 140 9.55 -42.44 11.06
N SER D 141 9.39 -43.12 9.93
CA SER D 141 10.15 -44.34 9.67
C SER D 141 11.52 -44.04 9.08
N ALA D 142 11.81 -42.75 8.93
CA ALA D 142 13.11 -42.31 8.42
C ALA D 142 14.24 -42.83 9.30
N VAL D 143 15.41 -43.04 8.70
CA VAL D 143 16.56 -43.56 9.42
C VAL D 143 17.09 -42.53 10.41
N GLY D 144 17.13 -42.90 11.69
CA GLY D 144 17.64 -42.03 12.74
C GLY D 144 16.58 -41.06 13.21
N ALA D 145 15.34 -41.27 12.77
CA ALA D 145 14.23 -40.42 13.16
C ALA D 145 14.15 -40.29 14.69
N ALA D 146 13.82 -39.09 15.15
CA ALA D 146 13.65 -38.86 16.58
C ALA D 146 12.64 -37.74 16.83
N VAL D 147 11.79 -37.93 17.84
CA VAL D 147 10.69 -37.02 18.10
C VAL D 147 11.17 -35.78 18.86
N THR D 148 10.98 -34.61 18.25
CA THR D 148 11.36 -33.36 18.88
C THR D 148 10.15 -32.69 19.53
N GLU D 149 10.34 -32.14 20.72
CA GLU D 149 9.26 -31.50 21.46
C GLU D 149 8.92 -30.14 20.87
N GLY D 150 8.30 -30.16 19.68
CA GLY D 150 7.94 -28.92 18.99
C GLY D 150 6.54 -29.01 18.41
N ALA D 151 6.30 -28.24 17.35
CA ALA D 151 4.98 -28.19 16.73
C ALA D 151 4.94 -28.99 15.44
N PHE D 152 3.74 -29.33 15.00
CA PHE D 152 3.55 -30.05 13.75
C PHE D 152 2.85 -29.19 12.70
N SER D 153 3.24 -29.37 11.44
CA SER D 153 2.61 -28.66 10.34
C SER D 153 2.90 -29.33 9.01
N ALA D 154 1.85 -29.64 8.26
CA ALA D 154 2.00 -30.30 6.97
C ALA D 154 0.85 -29.96 6.03
N VAL D 155 1.12 -29.96 4.74
CA VAL D 155 0.09 -29.69 3.73
C VAL D 155 0.12 -30.73 2.63
N ALA D 156 -1.03 -31.29 2.31
CA ALA D 156 -1.16 -32.27 1.23
C ALA D 156 -2.24 -31.88 0.23
N ASN D 157 -1.99 -32.10 -1.05
CA ASN D 157 -2.96 -31.81 -2.08
C ASN D 157 -3.31 -33.06 -2.88
N PHE D 158 -4.49 -33.05 -3.49
CA PHE D 158 -4.97 -34.21 -4.24
C PHE D 158 -5.87 -33.78 -5.39
N ASN D 159 -5.90 -34.60 -6.45
CA ASN D 159 -6.87 -34.44 -7.51
C ASN D 159 -7.88 -35.59 -7.53
N LEU D 160 -9.07 -35.32 -8.04
CA LEU D 160 -10.11 -36.33 -8.13
C LEU D 160 -10.53 -36.58 -9.57
N THR D 161 -10.47 -37.84 -10.00
CA THR D 161 -10.87 -38.22 -11.35
C THR D 161 -12.03 -39.19 -11.32
N TYR D 162 -12.83 -39.19 -12.40
CA TYR D 162 -14.05 -39.99 -12.45
C TYR D 162 -13.97 -41.04 -13.55
N GLN D 163 -14.31 -42.27 -13.19
CA GLN D 163 -14.41 -43.36 -14.17
C GLN D 163 -15.66 -44.19 -13.94
N ALA E 1 20.21 4.49 27.26
CA ALA E 1 19.29 5.09 28.23
C ALA E 1 17.84 4.90 27.82
N PRO E 2 17.42 5.65 26.81
CA PRO E 2 15.99 5.84 26.54
C PRO E 2 15.20 4.60 26.89
N THR E 3 14.12 4.79 27.66
CA THR E 3 13.31 3.68 28.14
C THR E 3 12.50 3.06 27.01
N ILE E 4 12.33 1.74 27.06
CA ILE E 4 11.57 1.02 26.05
C ILE E 4 10.46 0.20 26.68
N PRO E 5 9.22 0.58 26.41
CA PRO E 5 8.06 -0.16 26.90
C PRO E 5 8.17 -1.64 26.56
N GLN E 6 7.71 -2.49 27.47
CA GLN E 6 7.90 -3.93 27.36
C GLN E 6 6.88 -4.56 26.42
N GLY E 7 5.98 -3.73 25.90
CA GLY E 7 4.99 -4.19 24.93
C GLY E 7 4.06 -3.06 24.52
N GLN E 8 4.28 -2.55 23.31
CA GLN E 8 3.41 -1.50 22.77
C GLN E 8 2.43 -2.07 21.75
N GLY E 9 1.20 -1.58 21.79
CA GLY E 9 0.15 -2.05 20.88
C GLY E 9 -0.87 -0.95 20.60
N LYS E 10 -1.71 -1.19 19.60
CA LYS E 10 -2.71 -0.20 19.20
C LYS E 10 -3.99 -0.86 18.71
N VAL E 11 -5.12 -0.29 19.08
CA VAL E 11 -6.41 -0.79 18.59
C VAL E 11 -7.26 0.36 18.04
N THR E 12 -7.86 0.12 16.88
CA THR E 12 -8.72 1.11 16.24
C THR E 12 -10.18 0.68 16.28
N PHE E 13 -11.08 1.64 16.07
CA PHE E 13 -12.51 1.37 16.12
C PHE E 13 -13.24 2.04 14.97
N ASN E 14 -14.19 1.32 14.39
CA ASN E 14 -14.97 1.84 13.26
C ASN E 14 -16.43 1.41 13.37
N GLY E 15 -17.31 2.19 12.75
CA GLY E 15 -18.73 1.84 12.68
C GLY E 15 -19.56 3.00 12.15
N THR E 16 -20.88 2.86 12.19
CA THR E 16 -21.79 3.93 11.83
C THR E 16 -23.14 3.76 12.50
N VAL E 17 -23.99 4.78 12.38
CA VAL E 17 -25.30 4.76 13.02
C VAL E 17 -26.36 5.36 12.10
N VAL E 18 -27.53 4.74 12.08
CA VAL E 18 -28.64 5.22 11.26
C VAL E 18 -29.91 5.38 12.09
N ASP E 19 -30.97 5.88 11.47
CA ASP E 19 -32.21 6.20 12.17
C ASP E 19 -33.05 4.95 12.37
N ALA E 20 -32.52 3.80 11.95
CA ALA E 20 -33.23 2.54 12.10
C ALA E 20 -33.55 2.26 13.57
N PRO E 21 -34.63 1.52 13.81
CA PRO E 21 -35.00 1.13 15.15
C PRO E 21 -34.17 -0.04 15.65
N CYS E 22 -33.48 -0.70 14.71
CA CYS E 22 -32.68 -1.88 15.04
C CYS E 22 -31.28 -1.77 14.48
N SER E 23 -30.32 -2.43 15.14
CA SER E 23 -28.93 -2.36 14.74
C SER E 23 -28.56 -3.54 13.84
N ILE E 24 -27.51 -3.37 13.04
CA ILE E 24 -27.07 -4.40 12.12
C ILE E 24 -25.61 -4.76 12.35
N SER E 25 -25.37 -6.00 12.75
CA SER E 25 -24.01 -6.49 12.97
C SER E 25 -23.24 -6.53 11.65
N GLN E 26 -21.97 -6.12 11.70
CA GLN E 26 -21.11 -6.14 10.53
C GLN E 26 -21.10 -7.51 9.87
N LYS E 27 -21.18 -8.56 10.69
CA LYS E 27 -21.05 -9.92 10.21
C LYS E 27 -22.10 -10.24 9.16
N SER E 28 -23.22 -9.53 9.21
CA SER E 28 -24.31 -9.73 8.26
C SER E 28 -24.35 -8.61 7.22
N ALA E 29 -23.96 -7.42 7.64
CA ALA E 29 -23.89 -6.28 6.73
C ALA E 29 -23.20 -6.65 5.44
N ASP E 30 -22.08 -7.35 5.55
CA ASP E 30 -21.39 -7.90 4.38
C ASP E 30 -21.06 -9.37 4.59
N GLN E 31 -20.96 -10.10 3.48
CA GLN E 31 -20.68 -11.53 3.54
C GLN E 31 -20.42 -12.10 2.15
N SER E 32 -20.07 -13.38 2.08
CA SER E 32 -19.70 -14.01 0.82
C SER E 32 -20.12 -15.47 0.80
N ILE E 33 -20.58 -15.94 -0.36
CA ILE E 33 -21.02 -17.31 -0.52
C ILE E 33 -20.13 -18.06 -1.50
N ASP E 34 -19.72 -19.27 -1.09
CA ASP E 34 -18.92 -20.12 -1.97
C ASP E 34 -19.62 -21.43 -2.28
N PHE E 35 -19.86 -21.68 -3.56
CA PHE E 35 -20.60 -22.85 -4.00
C PHE E 35 -19.66 -24.00 -4.33
N GLY E 36 -18.38 -23.80 -4.07
CA GLY E 36 -17.38 -24.84 -4.29
C GLY E 36 -17.28 -25.21 -5.77
N GLN E 37 -17.28 -26.50 -6.05
CA GLN E 37 -17.14 -26.99 -7.42
C GLN E 37 -18.39 -27.71 -7.88
N LEU E 38 -18.89 -27.35 -9.06
CA LEU E 38 -20.15 -27.88 -9.56
C LEU E 38 -19.91 -28.76 -10.79
N SER E 39 -20.81 -29.71 -11.00
CA SER E 39 -20.80 -30.52 -12.22
C SER E 39 -21.45 -29.77 -13.38
N LYS E 40 -20.73 -29.65 -14.48
CA LYS E 40 -21.29 -29.09 -15.71
C LYS E 40 -22.50 -29.89 -16.16
N SER E 41 -22.32 -31.18 -16.38
CA SER E 41 -23.40 -32.05 -16.83
C SER E 41 -24.65 -31.82 -16.00
N PHE E 42 -24.49 -31.79 -14.68
CA PHE E 42 -25.60 -31.58 -13.77
C PHE E 42 -26.34 -30.28 -14.08
N LEU E 43 -25.58 -29.19 -14.18
CA LEU E 43 -26.15 -27.89 -14.52
C LEU E 43 -26.77 -27.91 -15.91
N GLU E 44 -26.08 -28.56 -16.86
CA GLU E 44 -26.57 -28.67 -18.21
C GLU E 44 -27.89 -29.43 -18.26
N ALA E 45 -28.06 -30.37 -17.35
CA ALA E 45 -29.30 -31.13 -17.24
C ALA E 45 -30.41 -30.31 -16.60
N GLY E 46 -30.10 -29.06 -16.30
CA GLY E 46 -31.07 -28.15 -15.69
C GLY E 46 -31.10 -28.33 -14.17
N GLY E 47 -30.07 -28.98 -13.64
CA GLY E 47 -30.00 -29.22 -12.20
C GLY E 47 -29.74 -27.93 -11.44
N VAL E 48 -29.86 -28.00 -10.12
CA VAL E 48 -29.63 -26.83 -9.27
C VAL E 48 -28.88 -27.21 -8.00
N SER E 49 -27.96 -26.34 -7.59
CA SER E 49 -27.10 -26.62 -6.44
C SER E 49 -27.90 -26.58 -5.15
N LYS E 50 -27.24 -26.90 -4.04
CA LYS E 50 -27.88 -26.86 -2.72
C LYS E 50 -27.96 -25.44 -2.19
N PRO E 51 -28.95 -25.19 -1.35
CA PRO E 51 -29.21 -23.84 -0.84
C PRO E 51 -28.13 -23.41 0.14
N MET E 52 -27.67 -22.17 -0.01
CA MET E 52 -26.73 -21.58 0.93
C MET E 52 -27.41 -20.55 1.81
N ASP E 53 -26.96 -20.45 3.06
CA ASP E 53 -27.61 -19.59 4.04
C ASP E 53 -27.13 -18.14 3.91
N LEU E 54 -28.02 -17.26 3.50
CA LEU E 54 -27.72 -15.84 3.45
C LEU E 54 -28.46 -15.07 4.55
N ASP E 55 -28.61 -15.71 5.71
CA ASP E 55 -29.44 -15.17 6.77
C ASP E 55 -28.89 -13.84 7.28
N ILE E 56 -29.79 -12.93 7.62
CA ILE E 56 -29.39 -11.61 8.12
C ILE E 56 -29.92 -11.38 9.53
N GLU E 57 -29.01 -11.30 10.50
CA GLU E 57 -29.38 -11.15 11.90
C GLU E 57 -29.48 -9.68 12.29
N LEU E 58 -30.62 -9.32 12.86
CA LEU E 58 -30.80 -7.98 13.40
C LEU E 58 -30.79 -7.99 14.92
N VAL E 59 -30.14 -7.00 15.52
CA VAL E 59 -29.87 -7.00 16.95
C VAL E 59 -30.33 -5.70 17.59
N ASN E 60 -30.68 -5.76 18.87
CA ASN E 60 -31.13 -4.58 19.61
C ASN E 60 -32.20 -3.82 18.83
N CYS E 61 -33.33 -4.48 18.58
CA CYS E 61 -34.38 -3.93 17.74
C CYS E 61 -35.37 -3.11 18.56
N ASP E 62 -35.62 -3.57 19.79
CA ASP E 62 -36.60 -2.90 20.65
C ASP E 62 -37.52 -2.00 19.86
N ILE E 63 -38.48 -2.61 19.15
CA ILE E 63 -39.35 -1.87 18.26
C ILE E 63 -40.64 -1.47 18.96
N THR E 64 -40.61 -1.48 20.29
CA THR E 64 -41.76 -1.07 21.09
C THR E 64 -42.18 0.36 20.77
N ALA E 65 -41.48 1.32 21.35
CA ALA E 65 -41.74 2.73 21.09
C ALA E 65 -41.87 3.00 19.60
N PHE E 66 -41.02 2.35 18.81
CA PHE E 66 -41.02 2.53 17.37
C PHE E 66 -42.40 2.26 16.77
N LYS E 67 -42.84 1.01 16.84
CA LYS E 67 -44.07 0.59 16.20
C LYS E 67 -45.26 1.36 16.76
N GLY E 68 -45.12 1.87 17.97
CA GLY E 68 -46.16 2.65 18.60
C GLY E 68 -46.27 4.04 17.97
N GLY E 69 -45.21 4.83 18.11
CA GLY E 69 -45.25 6.24 17.74
C GLY E 69 -45.38 6.39 16.22
N ASN E 70 -44.89 5.39 15.48
CA ASN E 70 -44.84 5.47 14.03
C ASN E 70 -46.08 4.87 13.40
N GLY E 71 -47.06 4.55 14.23
CA GLY E 71 -48.37 4.14 13.73
C GLY E 71 -48.26 3.00 12.73
N ALA E 72 -48.75 3.25 11.51
CA ALA E 72 -48.83 2.20 10.50
C ALA E 72 -47.59 1.33 10.50
N LYS E 73 -46.43 1.95 10.74
CA LYS E 73 -45.16 1.24 10.77
C LYS E 73 -45.12 0.26 11.95
N LYS E 74 -45.77 -0.88 11.79
CA LYS E 74 -45.92 -1.84 12.88
C LYS E 74 -44.91 -2.97 12.75
N GLY E 75 -43.63 -2.62 12.72
CA GLY E 75 -42.56 -3.59 12.95
C GLY E 75 -42.46 -4.58 11.80
N THR E 76 -42.26 -4.04 10.60
CA THR E 76 -41.91 -4.88 9.45
C THR E 76 -40.73 -4.28 8.69
N VAL E 77 -40.01 -5.13 7.96
CA VAL E 77 -38.89 -4.69 7.16
C VAL E 77 -38.90 -5.35 5.78
N LYS E 78 -38.11 -4.80 4.86
CA LYS E 78 -37.99 -5.37 3.52
C LYS E 78 -36.66 -5.00 2.89
N LEU E 79 -36.20 -5.82 1.94
CA LEU E 79 -34.90 -5.63 1.32
C LEU E 79 -35.05 -5.27 -0.15
N ALA E 80 -34.13 -4.45 -0.65
CA ALA E 80 -34.10 -4.10 -2.07
C ALA E 80 -32.77 -4.47 -2.70
N PHE E 81 -32.72 -5.66 -3.30
CA PHE E 81 -31.49 -6.17 -3.88
C PHE E 81 -31.22 -5.54 -5.24
N THR E 82 -29.94 -5.30 -5.54
CA THR E 82 -29.56 -4.67 -6.79
C THR E 82 -28.34 -5.37 -7.40
N GLY E 83 -28.45 -5.69 -8.69
CA GLY E 83 -27.32 -6.26 -9.42
C GLY E 83 -27.70 -6.59 -10.86
N PRO E 84 -26.75 -7.09 -11.63
CA PRO E 84 -27.01 -7.52 -13.00
C PRO E 84 -28.02 -8.67 -13.02
N ILE E 85 -29.02 -8.55 -13.88
CA ILE E 85 -30.08 -9.54 -13.95
C ILE E 85 -30.20 -10.14 -15.36
N VAL E 86 -30.71 -11.35 -15.43
CA VAL E 86 -31.02 -11.97 -16.71
C VAL E 86 -32.33 -11.45 -17.29
N ASN E 87 -32.31 -11.08 -18.56
CA ASN E 87 -33.45 -10.40 -19.17
C ASN E 87 -34.72 -11.23 -19.07
N GLY E 88 -35.81 -10.59 -18.65
CA GLY E 88 -37.12 -11.22 -18.67
C GLY E 88 -37.30 -12.15 -17.47
N HIS E 89 -36.38 -12.05 -16.52
CA HIS E 89 -36.42 -12.91 -15.33
C HIS E 89 -36.26 -12.10 -14.06
N SER E 90 -35.21 -11.27 -14.03
CA SER E 90 -35.04 -10.30 -12.96
C SER E 90 -34.60 -10.97 -11.67
N ASP E 91 -35.29 -12.04 -11.30
CA ASP E 91 -34.96 -12.78 -10.08
C ASP E 91 -33.79 -13.72 -10.32
N GLU E 92 -33.14 -13.57 -11.48
CA GLU E 92 -32.01 -14.41 -11.83
C GLU E 92 -30.74 -13.58 -12.02
N LEU E 93 -29.76 -13.82 -11.15
CA LEU E 93 -28.57 -12.98 -11.09
C LEU E 93 -27.60 -13.32 -12.21
N ASP E 94 -27.33 -12.33 -13.06
CA ASP E 94 -26.41 -12.50 -14.18
C ASP E 94 -24.96 -12.46 -13.71
N THR E 95 -24.45 -13.60 -13.27
CA THR E 95 -23.08 -13.68 -12.75
C THR E 95 -22.08 -13.10 -13.73
N ASN E 96 -20.91 -12.75 -13.23
CA ASN E 96 -19.83 -12.25 -14.07
C ASN E 96 -18.85 -13.36 -14.43
N GLY E 97 -18.86 -13.76 -15.70
CA GLY E 97 -17.99 -14.83 -16.18
C GLY E 97 -18.36 -15.26 -17.60
N GLY E 98 -17.65 -16.25 -18.11
CA GLY E 98 -17.90 -16.75 -19.46
C GLY E 98 -18.75 -18.02 -19.42
N THR E 99 -19.59 -18.14 -18.40
CA THR E 99 -20.44 -19.31 -18.24
C THR E 99 -21.90 -18.96 -18.50
N GLY E 100 -22.69 -19.97 -18.86
CA GLY E 100 -24.13 -19.81 -19.00
C GLY E 100 -24.86 -20.19 -17.72
N THR E 101 -24.41 -19.65 -16.59
CA THR E 101 -25.00 -19.96 -15.30
C THR E 101 -25.49 -18.69 -14.60
N ALA E 102 -26.27 -18.87 -13.55
CA ALA E 102 -26.84 -17.75 -12.81
C ALA E 102 -27.16 -18.13 -11.37
N ILE E 103 -27.37 -17.13 -10.53
CA ILE E 103 -27.67 -17.37 -9.12
C ILE E 103 -29.06 -16.85 -8.75
N VAL E 104 -29.80 -17.65 -8.01
CA VAL E 104 -31.13 -17.27 -7.56
C VAL E 104 -31.25 -17.32 -6.04
N VAL E 105 -31.51 -16.17 -5.43
CA VAL E 105 -31.78 -16.11 -3.99
C VAL E 105 -33.28 -16.12 -3.71
N GLN E 106 -33.68 -16.89 -2.71
CA GLN E 106 -35.09 -17.10 -2.42
C GLN E 106 -35.41 -16.73 -0.98
N GLY E 107 -36.60 -16.18 -0.77
CA GLY E 107 -37.05 -15.82 0.57
C GLY E 107 -38.48 -16.30 0.82
N ALA E 108 -38.66 -17.20 1.78
CA ALA E 108 -39.94 -17.83 2.03
C ALA E 108 -40.50 -18.46 0.76
N GLY E 109 -41.76 -18.20 0.47
CA GLY E 109 -42.41 -18.73 -0.72
C GLY E 109 -42.21 -17.81 -1.91
N LYS E 110 -41.28 -16.87 -1.78
CA LYS E 110 -41.01 -15.90 -2.84
C LYS E 110 -39.56 -15.94 -3.28
N ASN E 111 -39.28 -15.34 -4.44
CA ASN E 111 -37.90 -15.21 -4.91
C ASN E 111 -37.41 -13.78 -4.74
N VAL E 112 -36.09 -13.63 -4.64
CA VAL E 112 -35.47 -12.32 -4.56
C VAL E 112 -35.18 -11.75 -5.94
N VAL E 113 -35.50 -10.46 -6.13
CA VAL E 113 -35.22 -9.78 -7.39
C VAL E 113 -34.16 -8.71 -7.22
N PHE E 114 -33.25 -8.63 -8.18
CA PHE E 114 -32.07 -7.77 -8.06
C PHE E 114 -32.21 -6.53 -8.94
N ASP E 115 -33.43 -6.04 -9.07
CA ASP E 115 -33.69 -4.89 -9.93
C ASP E 115 -33.84 -3.62 -9.10
N GLY E 116 -33.54 -3.72 -7.81
CA GLY E 116 -33.51 -2.55 -6.94
C GLY E 116 -34.86 -2.33 -6.26
N SER E 117 -35.85 -3.13 -6.64
CA SER E 117 -37.17 -3.06 -6.04
C SER E 117 -37.19 -3.71 -4.66
N GLU E 118 -38.12 -3.29 -3.82
CA GLU E 118 -38.25 -3.85 -2.48
C GLU E 118 -39.06 -5.15 -2.50
N GLY E 119 -38.71 -6.06 -1.60
CA GLY E 119 -39.44 -7.32 -1.47
C GLY E 119 -40.59 -7.20 -0.48
N ASP E 120 -41.12 -8.34 -0.06
CA ASP E 120 -42.26 -8.36 0.86
C ASP E 120 -41.86 -7.88 2.25
N ALA E 121 -42.79 -7.20 2.91
CA ALA E 121 -42.58 -6.79 4.30
C ALA E 121 -42.49 -7.99 5.22
N ASN E 122 -41.56 -7.94 6.16
CA ASN E 122 -41.32 -9.06 7.07
C ASN E 122 -41.49 -8.63 8.53
N THR E 123 -42.49 -9.20 9.19
CA THR E 123 -42.74 -8.91 10.60
C THR E 123 -41.53 -9.31 11.46
N LEU E 124 -41.18 -8.45 12.41
CA LEU E 124 -40.12 -8.75 13.36
C LEU E 124 -40.53 -8.43 14.79
N LYS E 125 -39.80 -8.97 15.75
CA LYS E 125 -40.16 -8.83 17.15
C LYS E 125 -39.17 -7.93 17.89
N ASP E 126 -39.37 -7.77 19.19
CA ASP E 126 -38.50 -6.92 20.00
C ASP E 126 -37.21 -7.64 20.38
N GLY E 127 -36.12 -6.88 20.44
CA GLY E 127 -34.84 -7.43 20.88
C GLY E 127 -34.02 -7.92 19.70
N GLU E 128 -34.13 -9.21 19.41
CA GLU E 128 -33.31 -9.83 18.37
C GLU E 128 -34.17 -10.41 17.26
N ASN E 129 -33.65 -10.37 16.04
CA ASN E 129 -34.35 -10.92 14.88
C ASN E 129 -33.39 -11.51 13.87
N VAL E 130 -33.91 -12.30 12.95
CA VAL E 130 -33.11 -12.84 11.86
C VAL E 130 -33.98 -13.20 10.66
N LEU E 131 -33.55 -12.78 9.47
CA LEU E 131 -34.22 -13.17 8.24
C LEU E 131 -33.52 -14.36 7.58
N HIS E 132 -34.31 -15.23 6.97
CA HIS E 132 -33.78 -16.47 6.39
C HIS E 132 -33.85 -16.43 4.87
N TYR E 133 -32.69 -16.58 4.23
CA TYR E 133 -32.62 -16.58 2.77
C TYR E 133 -31.76 -17.74 2.26
N THR E 134 -32.08 -18.24 1.07
CA THR E 134 -31.31 -19.30 0.45
C THR E 134 -30.81 -18.90 -0.92
N ALA E 135 -29.65 -19.39 -1.30
CA ALA E 135 -29.09 -19.11 -2.62
C ALA E 135 -28.66 -20.40 -3.33
N VAL E 136 -28.96 -20.50 -4.61
CA VAL E 136 -28.61 -21.66 -5.40
C VAL E 136 -28.04 -21.26 -6.75
N VAL E 137 -27.26 -22.16 -7.36
CA VAL E 137 -26.75 -21.95 -8.70
C VAL E 137 -27.43 -22.87 -9.70
N LYS E 138 -27.76 -22.33 -10.87
CA LYS E 138 -28.34 -23.11 -11.95
C LYS E 138 -27.87 -22.61 -13.31
N LYS E 139 -28.06 -23.43 -14.34
CA LYS E 139 -27.89 -22.99 -15.72
C LYS E 139 -28.83 -21.84 -16.05
N SER E 140 -28.27 -20.73 -16.50
CA SER E 140 -29.03 -19.52 -16.75
C SER E 140 -30.22 -19.79 -17.66
N SER E 141 -31.29 -19.04 -17.47
CA SER E 141 -32.49 -19.19 -18.28
C SER E 141 -32.39 -18.35 -19.56
N ALA E 142 -31.26 -17.67 -19.73
CA ALA E 142 -31.01 -16.88 -20.92
C ALA E 142 -31.08 -17.74 -22.19
N VAL E 143 -31.48 -17.12 -23.29
CA VAL E 143 -31.63 -17.83 -24.56
C VAL E 143 -30.27 -18.28 -25.10
N GLY E 144 -30.11 -19.58 -25.29
CA GLY E 144 -28.88 -20.14 -25.83
C GLY E 144 -27.84 -20.33 -24.75
N ALA E 145 -28.25 -20.16 -23.49
CA ALA E 145 -27.36 -20.34 -22.36
C ALA E 145 -26.64 -21.68 -22.42
N ALA E 146 -25.37 -21.69 -22.05
CA ALA E 146 -24.59 -22.92 -22.00
C ALA E 146 -23.51 -22.85 -20.93
N VAL E 147 -23.32 -23.95 -20.22
CA VAL E 147 -22.41 -23.97 -19.07
C VAL E 147 -20.97 -24.13 -19.52
N THR E 148 -20.14 -23.14 -19.17
CA THR E 148 -18.72 -23.19 -19.50
C THR E 148 -17.89 -23.67 -18.31
N GLU E 149 -16.91 -24.52 -18.58
CA GLU E 149 -16.08 -25.08 -17.53
C GLU E 149 -15.08 -24.05 -17.02
N GLY E 150 -15.58 -23.06 -16.28
CA GLY E 150 -14.74 -22.00 -15.76
C GLY E 150 -15.09 -21.68 -14.32
N ALA E 151 -14.83 -20.44 -13.91
CA ALA E 151 -15.06 -20.03 -12.53
C ALA E 151 -16.31 -19.16 -12.42
N PHE E 152 -16.84 -19.04 -11.21
CA PHE E 152 -18.01 -18.21 -10.96
C PHE E 152 -17.65 -17.00 -10.09
N SER E 153 -18.29 -15.87 -10.37
CA SER E 153 -18.10 -14.67 -9.57
C SER E 153 -19.23 -13.68 -9.78
N ALA E 154 -19.85 -13.25 -8.69
CA ALA E 154 -20.97 -12.30 -8.76
C ALA E 154 -21.07 -11.47 -7.48
N VAL E 155 -21.57 -10.24 -7.63
CA VAL E 155 -21.76 -9.37 -6.47
C VAL E 155 -23.14 -8.75 -6.49
N ALA E 156 -23.82 -8.81 -5.35
CA ALA E 156 -25.15 -8.23 -5.21
C ALA E 156 -25.22 -7.31 -4.00
N ASN E 157 -25.93 -6.19 -4.14
CA ASN E 157 -26.11 -5.25 -3.04
C ASN E 157 -27.58 -5.06 -2.72
N PHE E 158 -27.85 -4.64 -1.48
CA PHE E 158 -29.24 -4.47 -1.03
C PHE E 158 -29.33 -3.37 0.01
N ASN E 159 -30.49 -2.72 0.08
CA ASN E 159 -30.80 -1.81 1.17
C ASN E 159 -31.90 -2.37 2.07
N LEU E 160 -31.91 -1.94 3.33
CA LEU E 160 -32.92 -2.39 4.28
C LEU E 160 -33.73 -1.22 4.82
N THR E 161 -35.04 -1.32 4.70
CA THR E 161 -35.94 -0.28 5.20
C THR E 161 -36.86 -0.82 6.27
N TYR E 162 -37.32 0.06 7.17
CA TYR E 162 -38.11 -0.36 8.32
C TYR E 162 -39.51 0.25 8.27
N GLN E 163 -40.51 -0.60 8.46
CA GLN E 163 -41.90 -0.15 8.56
C GLN E 163 -42.62 -0.83 9.70
N ALA F 1 19.67 -15.05 -25.95
CA ALA F 1 20.56 -15.82 -25.09
C ALA F 1 20.17 -15.69 -23.63
N PRO F 2 20.44 -14.53 -23.04
CA PRO F 2 20.46 -14.40 -21.59
C PRO F 2 19.43 -15.32 -20.94
N THR F 3 19.87 -16.07 -19.94
CA THR F 3 19.01 -17.04 -19.28
C THR F 3 17.96 -16.35 -18.41
N ILE F 4 16.76 -16.93 -18.37
CA ILE F 4 15.68 -16.38 -17.56
C ILE F 4 15.13 -17.42 -16.59
N PRO F 5 15.32 -17.18 -15.30
CA PRO F 5 14.80 -18.06 -14.27
C PRO F 5 13.31 -18.31 -14.47
N GLN F 6 12.87 -19.54 -14.17
CA GLN F 6 11.52 -19.97 -14.48
C GLN F 6 10.53 -19.48 -13.42
N GLY F 7 11.05 -18.80 -12.41
CA GLY F 7 10.20 -18.22 -11.37
C GLY F 7 11.04 -17.51 -10.31
N GLN F 8 11.05 -16.18 -10.34
CA GLN F 8 11.76 -15.39 -9.35
C GLN F 8 10.81 -14.81 -8.32
N GLY F 9 11.22 -14.82 -7.06
CA GLY F 9 10.40 -14.30 -5.98
C GLY F 9 11.26 -13.75 -4.85
N LYS F 10 10.62 -13.03 -3.92
CA LYS F 10 11.33 -12.41 -2.81
C LYS F 10 10.47 -12.38 -1.56
N VAL F 11 11.10 -12.63 -0.41
CA VAL F 11 10.41 -12.55 0.87
C VAL F 11 11.20 -11.71 1.86
N THR F 12 10.50 -10.82 2.56
CA THR F 12 11.14 -9.96 3.55
C THR F 12 10.71 -10.35 4.97
N PHE F 13 11.47 -9.89 5.95
CA PHE F 13 11.20 -10.23 7.35
C PHE F 13 11.31 -9.01 8.25
N ASN F 14 10.39 -8.88 9.19
CA ASN F 14 10.39 -7.76 10.12
C ASN F 14 9.99 -8.20 11.53
N GLY F 15 10.43 -7.44 12.52
CA GLY F 15 10.03 -7.70 13.91
C GLY F 15 10.86 -6.87 14.88
N THR F 16 10.68 -7.12 16.16
CA THR F 16 11.50 -6.49 17.19
C THR F 16 11.56 -7.33 18.46
N VAL F 17 12.42 -6.94 19.39
CA VAL F 17 12.60 -7.70 20.63
C VAL F 17 12.76 -6.76 21.82
N VAL F 18 12.13 -7.14 22.94
CA VAL F 18 12.21 -6.34 24.16
C VAL F 18 12.63 -7.20 25.34
N ASP F 19 12.81 -6.57 26.49
CA ASP F 19 13.33 -7.24 27.68
C ASP F 19 12.23 -8.02 28.40
N ALA F 20 11.04 -8.01 27.81
CA ALA F 20 9.91 -8.74 28.39
C ALA F 20 10.21 -10.22 28.53
N PRO F 21 9.59 -10.86 29.52
CA PRO F 21 9.75 -12.29 29.73
C PRO F 21 8.90 -13.09 28.74
N CYS F 22 7.96 -12.41 28.10
CA CYS F 22 7.03 -13.06 27.18
C CYS F 22 6.96 -12.32 25.85
N SER F 23 6.65 -13.06 24.79
CA SER F 23 6.60 -12.49 23.45
C SER F 23 5.18 -12.09 23.08
N ILE F 24 5.06 -11.15 22.14
CA ILE F 24 3.77 -10.66 21.70
C ILE F 24 3.58 -10.82 20.21
N SER F 25 2.61 -11.64 19.82
CA SER F 25 2.30 -11.85 18.42
C SER F 25 1.77 -10.57 17.77
N GLN F 26 2.21 -10.30 16.55
CA GLN F 26 1.76 -9.12 15.82
C GLN F 26 0.25 -9.06 15.75
N LYS F 27 -0.39 -10.22 15.66
CA LYS F 27 -1.83 -10.29 15.47
C LYS F 27 -2.57 -9.58 16.59
N SER F 28 -1.93 -9.50 17.75
CA SER F 28 -2.54 -8.85 18.91
C SER F 28 -1.93 -7.48 19.15
N ALA F 29 -0.64 -7.34 18.83
CA ALA F 29 0.04 -6.06 18.96
C ALA F 29 -0.79 -4.92 18.37
N ASP F 30 -1.34 -5.16 17.18
CA ASP F 30 -2.28 -4.23 16.58
C ASP F 30 -3.54 -4.94 16.10
N GLN F 31 -4.64 -4.21 16.05
CA GLN F 31 -5.93 -4.77 15.64
C GLN F 31 -6.98 -3.69 15.49
N SER F 32 -8.17 -4.08 15.03
CA SER F 32 -9.23 -3.13 14.75
C SER F 32 -10.60 -3.73 15.04
N ILE F 33 -11.50 -2.91 15.59
CA ILE F 33 -12.84 -3.35 15.92
C ILE F 33 -13.89 -2.64 15.06
N ASP F 34 -14.83 -3.42 14.52
CA ASP F 34 -15.92 -2.85 13.73
C ASP F 34 -17.27 -3.16 14.36
N PHE F 35 -18.00 -2.11 14.71
CA PHE F 35 -19.29 -2.26 15.39
C PHE F 35 -20.44 -2.29 14.40
N GLY F 36 -20.11 -2.28 13.11
CA GLY F 36 -21.11 -2.36 12.07
C GLY F 36 -22.03 -1.14 12.08
N GLN F 37 -23.34 -1.39 12.00
CA GLN F 37 -24.31 -0.30 11.96
C GLN F 37 -25.21 -0.33 13.19
N LEU F 38 -25.34 0.83 13.83
CA LEU F 38 -26.08 0.92 15.08
C LEU F 38 -27.36 1.73 14.91
N SER F 39 -28.36 1.44 15.73
CA SER F 39 -29.58 2.25 15.78
C SER F 39 -29.39 3.51 16.61
N LYS F 40 -29.67 4.66 16.01
CA LYS F 40 -29.67 5.92 16.73
C LYS F 40 -30.62 5.87 17.93
N SER F 41 -31.89 5.60 17.66
CA SER F 41 -32.90 5.53 18.71
C SER F 41 -32.42 4.70 19.89
N PHE F 42 -31.86 3.53 19.58
CA PHE F 42 -31.34 2.64 20.62
C PHE F 42 -30.30 3.33 21.48
N LEU F 43 -29.31 3.95 20.83
CA LEU F 43 -28.27 4.69 21.54
C LEU F 43 -28.86 5.87 22.29
N GLU F 44 -29.80 6.56 21.66
CA GLU F 44 -30.47 7.71 22.27
C GLU F 44 -31.23 7.29 23.52
N ALA F 45 -31.74 6.06 23.52
CA ALA F 45 -32.45 5.52 24.68
C ALA F 45 -31.48 5.11 25.78
N GLY F 46 -30.19 5.36 25.54
CA GLY F 46 -29.16 5.03 26.51
C GLY F 46 -28.72 3.58 26.39
N GLY F 47 -29.08 2.96 25.25
CA GLY F 47 -28.72 1.57 25.00
C GLY F 47 -27.23 1.41 24.78
N VAL F 48 -26.77 0.16 24.75
CA VAL F 48 -25.36 -0.14 24.54
C VAL F 48 -25.18 -1.35 23.64
N SER F 49 -24.19 -1.28 22.75
CA SER F 49 -23.96 -2.32 21.77
C SER F 49 -23.44 -3.59 22.42
N LYS F 50 -23.26 -4.64 21.64
CA LYS F 50 -22.74 -5.90 22.13
C LYS F 50 -21.23 -5.85 22.28
N PRO F 51 -20.70 -6.65 23.21
CA PRO F 51 -19.28 -6.63 23.52
C PRO F 51 -18.44 -7.21 22.39
N MET F 52 -17.35 -6.54 22.05
CA MET F 52 -16.40 -7.05 21.07
C MET F 52 -15.13 -7.55 21.74
N ASP F 53 -14.53 -8.60 21.18
CA ASP F 53 -13.38 -9.23 21.79
C ASP F 53 -12.09 -8.50 21.44
N LEU F 54 -11.47 -7.89 22.44
CA LEU F 54 -10.17 -7.25 22.28
C LEU F 54 -9.07 -8.05 22.95
N ASP F 55 -9.21 -9.37 22.94
CA ASP F 55 -8.32 -10.24 23.70
C ASP F 55 -6.87 -10.12 23.21
N ILE F 56 -5.94 -10.21 24.14
CA ILE F 56 -4.52 -10.10 23.81
C ILE F 56 -3.77 -11.36 24.21
N GLU F 57 -3.27 -12.09 23.21
CA GLU F 57 -2.60 -13.36 23.45
C GLU F 57 -1.11 -13.16 23.64
N LEU F 58 -0.58 -13.69 24.74
CA LEU F 58 0.86 -13.68 24.97
C LEU F 58 1.45 -15.08 24.81
N VAL F 59 2.62 -15.16 24.18
CA VAL F 59 3.18 -16.44 23.78
C VAL F 59 4.62 -16.57 24.27
N ASN F 60 5.05 -17.81 24.48
CA ASN F 60 6.41 -18.08 24.95
C ASN F 60 6.76 -17.22 26.16
N CYS F 61 6.01 -17.38 27.24
CA CYS F 61 6.16 -16.53 28.41
C CYS F 61 7.19 -17.09 29.38
N ASP F 62 7.24 -18.42 29.47
CA ASP F 62 8.17 -19.08 30.40
C ASP F 62 8.64 -18.12 31.48
N ILE F 63 7.76 -17.83 32.44
CA ILE F 63 8.06 -16.84 33.47
C ILE F 63 8.67 -17.48 34.70
N THR F 64 9.18 -18.70 34.54
CA THR F 64 9.82 -19.41 35.63
C THR F 64 10.99 -18.62 36.20
N ALA F 65 12.13 -18.69 35.53
CA ALA F 65 13.31 -17.94 35.93
C ALA F 65 12.96 -16.48 36.23
N PHE F 66 12.09 -15.91 35.41
CA PHE F 66 11.69 -14.53 35.58
C PHE F 66 11.16 -14.27 36.98
N LYS F 67 10.02 -14.87 37.30
CA LYS F 67 9.33 -14.60 38.56
C LYS F 67 10.20 -14.96 39.75
N GLY F 68 11.16 -15.86 39.53
CA GLY F 68 12.10 -16.26 40.57
C GLY F 68 13.12 -15.16 40.85
N GLY F 69 13.94 -14.86 39.85
CA GLY F 69 15.08 -13.96 40.05
C GLY F 69 14.62 -12.54 40.34
N ASN F 70 13.44 -12.19 39.85
CA ASN F 70 12.93 -10.82 39.95
C ASN F 70 12.09 -10.64 41.20
N GLY F 71 12.08 -11.65 42.06
CA GLY F 71 11.45 -11.52 43.37
C GLY F 71 10.02 -11.02 43.26
N ALA F 72 9.75 -9.89 43.89
CA ALA F 72 8.39 -9.37 44.00
C ALA F 72 7.64 -9.55 42.68
N LYS F 73 8.34 -9.39 41.57
CA LYS F 73 7.74 -9.54 40.25
C LYS F 73 7.32 -10.98 40.00
N LYS F 74 6.18 -11.36 40.58
CA LYS F 74 5.73 -12.75 40.53
C LYS F 74 4.67 -12.94 39.45
N GLY F 75 5.03 -12.61 38.21
CA GLY F 75 4.27 -13.07 37.05
C GLY F 75 2.92 -12.38 36.98
N THR F 76 2.93 -11.05 36.96
CA THR F 76 1.74 -10.28 36.65
C THR F 76 2.02 -9.21 35.60
N VAL F 77 0.97 -8.79 34.89
CA VAL F 77 1.11 -7.73 33.90
C VAL F 77 -0.04 -6.73 33.99
N LYS F 78 0.13 -5.58 33.36
CA LYS F 78 -0.92 -4.56 33.33
C LYS F 78 -0.78 -3.67 32.10
N LEU F 79 -1.88 -3.07 31.68
CA LEU F 79 -1.91 -2.27 30.46
C LEU F 79 -2.17 -0.80 30.79
N ALA F 80 -1.58 0.09 29.99
CA ALA F 80 -1.81 1.52 30.15
C ALA F 80 -2.35 2.13 28.86
N PHE F 81 -3.67 2.22 28.77
CA PHE F 81 -4.33 2.72 27.57
C PHE F 81 -4.28 4.23 27.49
N THR F 82 -4.12 4.75 26.28
CA THR F 82 -4.03 6.19 26.07
C THR F 82 -4.87 6.64 24.88
N GLY F 83 -5.67 7.67 25.07
CA GLY F 83 -6.45 8.26 23.99
C GLY F 83 -7.33 9.39 24.50
N PRO F 84 -8.06 10.03 23.58
CA PRO F 84 -9.01 11.07 23.95
C PRO F 84 -10.11 10.52 24.84
N ILE F 85 -10.38 11.24 25.94
CA ILE F 85 -11.36 10.78 26.92
C ILE F 85 -12.45 11.81 27.13
N VAL F 86 -13.63 11.35 27.55
CA VAL F 86 -14.71 12.24 27.92
C VAL F 86 -14.51 12.79 29.33
N ASN F 87 -14.67 14.10 29.48
CA ASN F 87 -14.32 14.79 30.71
C ASN F 87 -15.08 14.21 31.90
N GLY F 88 -14.38 13.94 32.98
CA GLY F 88 -15.01 13.54 34.23
C GLY F 88 -15.40 12.07 34.22
N HIS F 89 -14.90 11.34 33.21
CA HIS F 89 -15.23 9.94 33.06
C HIS F 89 -13.97 9.11 32.83
N SER F 90 -13.15 9.53 31.87
CA SER F 90 -11.83 8.95 31.67
C SER F 90 -11.92 7.57 31.04
N ASP F 91 -12.79 6.72 31.60
CA ASP F 91 -12.98 5.37 31.09
C ASP F 91 -13.88 5.37 29.87
N GLU F 92 -14.18 6.57 29.36
CA GLU F 92 -15.05 6.72 28.20
C GLU F 92 -14.32 7.35 27.03
N LEU F 93 -14.17 6.60 25.95
CA LEU F 93 -13.32 7.02 24.84
C LEU F 93 -14.03 8.04 23.97
N ASP F 94 -13.44 9.23 23.86
CA ASP F 94 -14.01 10.30 23.05
C ASP F 94 -13.74 10.07 21.57
N THR F 95 -14.59 9.30 20.92
CA THR F 95 -14.41 8.96 19.52
C THR F 95 -14.23 10.21 18.67
N ASN F 96 -13.66 10.03 17.47
CA ASN F 96 -13.51 11.13 16.53
C ASN F 96 -14.63 11.16 15.52
N GLY F 97 -15.50 12.17 15.62
CA GLY F 97 -16.64 12.29 14.71
C GLY F 97 -17.60 13.37 15.19
N GLY F 98 -18.69 13.55 14.45
CA GLY F 98 -19.69 14.55 14.80
C GLY F 98 -20.87 13.93 15.53
N THR F 99 -20.61 12.84 16.24
CA THR F 99 -21.65 12.14 16.98
C THR F 99 -21.49 12.31 18.49
N GLY F 100 -22.59 12.15 19.21
CA GLY F 100 -22.55 12.16 20.67
C GLY F 100 -22.42 10.75 21.23
N THR F 101 -21.46 10.00 20.72
CA THR F 101 -21.26 8.61 21.15
C THR F 101 -19.84 8.40 21.65
N ALA F 102 -19.61 7.27 22.32
CA ALA F 102 -18.31 6.96 22.89
C ALA F 102 -18.11 5.47 23.04
N ILE F 103 -16.87 5.05 23.24
CA ILE F 103 -16.54 3.64 23.37
C ILE F 103 -15.97 3.33 24.75
N VAL F 104 -16.45 2.24 25.36
CA VAL F 104 -15.96 1.81 26.67
C VAL F 104 -15.42 0.39 26.60
N VAL F 105 -14.13 0.24 26.91
CA VAL F 105 -13.52 -1.07 27.03
C VAL F 105 -13.47 -1.52 28.49
N GLN F 106 -13.80 -2.79 28.72
CA GLN F 106 -13.92 -3.32 30.08
C GLN F 106 -13.03 -4.53 30.27
N GLY F 107 -12.48 -4.66 31.49
CA GLY F 107 -11.64 -5.81 31.82
C GLY F 107 -12.03 -6.39 33.18
N ALA F 108 -12.48 -7.64 33.17
CA ALA F 108 -13.01 -8.28 34.36
C ALA F 108 -14.12 -7.44 34.99
N GLY F 109 -14.04 -7.23 36.30
CA GLY F 109 -15.02 -6.42 37.02
C GLY F 109 -14.63 -4.95 37.02
N LYS F 110 -13.69 -4.59 36.16
CA LYS F 110 -13.20 -3.21 36.08
C LYS F 110 -13.36 -2.65 34.69
N ASN F 111 -13.26 -1.33 34.58
CA ASN F 111 -13.27 -0.67 33.27
C ASN F 111 -11.88 -0.20 32.88
N VAL F 112 -11.65 -0.07 31.59
CA VAL F 112 -10.38 0.44 31.08
C VAL F 112 -10.40 1.97 30.98
N VAL F 113 -9.31 2.59 31.41
CA VAL F 113 -9.17 4.04 31.32
C VAL F 113 -8.08 4.43 30.34
N PHE F 114 -8.36 5.46 29.54
CA PHE F 114 -7.47 5.83 28.44
C PHE F 114 -6.69 7.09 28.77
N ASP F 115 -6.34 7.26 30.04
CA ASP F 115 -5.62 8.45 30.48
C ASP F 115 -4.14 8.17 30.65
N GLY F 116 -3.71 6.99 30.22
CA GLY F 116 -2.30 6.65 30.19
C GLY F 116 -1.88 5.93 31.46
N SER F 117 -2.80 5.85 32.42
CA SER F 117 -2.53 5.17 33.68
C SER F 117 -2.59 3.65 33.50
N GLU F 118 -1.92 2.93 34.38
CA GLU F 118 -1.89 1.48 34.33
C GLU F 118 -3.13 0.88 35.01
N GLY F 119 -3.60 -0.25 34.51
CA GLY F 119 -4.73 -0.95 35.11
C GLY F 119 -4.27 -1.95 36.16
N ASP F 120 -5.17 -2.85 36.54
CA ASP F 120 -4.88 -3.83 37.58
C ASP F 120 -3.87 -4.86 37.09
N ALA F 121 -3.01 -5.32 37.99
CA ALA F 121 -2.08 -6.41 37.68
C ALA F 121 -2.82 -7.70 37.39
N ASN F 122 -2.36 -8.42 36.38
CA ASN F 122 -3.02 -9.66 35.95
C ASN F 122 -2.06 -10.85 36.01
N THR F 123 -2.36 -11.80 36.88
CA THR F 123 -1.55 -13.00 37.01
C THR F 123 -1.53 -13.79 35.70
N LEU F 124 -0.35 -14.28 35.33
CA LEU F 124 -0.21 -15.12 34.15
C LEU F 124 0.62 -16.35 34.45
N LYS F 125 0.53 -17.35 33.58
CA LYS F 125 1.20 -18.63 33.79
C LYS F 125 2.36 -18.82 32.82
N ASP F 126 3.01 -19.98 32.89
CA ASP F 126 4.14 -20.28 32.03
C ASP F 126 3.69 -20.74 30.65
N GLY F 127 4.45 -20.36 29.63
CA GLY F 127 4.17 -20.82 28.26
C GLY F 127 3.28 -19.83 27.53
N GLU F 128 1.98 -20.06 27.56
CA GLU F 128 1.03 -19.26 26.80
C GLU F 128 0.02 -18.57 27.72
N ASN F 129 -0.41 -17.38 27.33
CA ASN F 129 -1.39 -16.63 28.10
C ASN F 129 -2.30 -15.82 27.19
N VAL F 130 -3.41 -15.34 27.73
CA VAL F 130 -4.31 -14.45 27.02
C VAL F 130 -5.14 -13.60 27.97
N LEU F 131 -5.21 -12.31 27.70
CA LEU F 131 -6.07 -11.41 28.45
C LEU F 131 -7.40 -11.19 27.72
N HIS F 132 -8.47 -11.07 28.50
CA HIS F 132 -9.81 -10.95 27.93
C HIS F 132 -10.38 -9.55 28.15
N TYR F 133 -10.75 -8.88 27.06
CA TYR F 133 -11.31 -7.54 27.14
C TYR F 133 -12.54 -7.41 26.24
N THR F 134 -13.48 -6.57 26.65
CA THR F 134 -14.67 -6.32 25.85
C THR F 134 -14.82 -4.83 25.54
N ALA F 135 -15.39 -4.53 24.37
CA ALA F 135 -15.63 -3.14 23.97
C ALA F 135 -17.08 -2.96 23.52
N VAL F 136 -17.67 -1.85 23.95
CA VAL F 136 -19.05 -1.54 23.57
C VAL F 136 -19.19 -0.08 23.17
N VAL F 137 -20.23 0.22 22.39
CA VAL F 137 -20.55 1.60 22.04
C VAL F 137 -21.81 2.07 22.74
N LYS F 138 -21.78 3.30 23.24
CA LYS F 138 -22.95 3.91 23.86
C LYS F 138 -23.01 5.41 23.57
N LYS F 139 -24.18 6.00 23.79
CA LYS F 139 -24.31 7.45 23.80
C LYS F 139 -23.42 8.08 24.86
N SER F 140 -22.56 9.00 24.43
CA SER F 140 -21.57 9.60 25.33
C SER F 140 -22.23 10.18 26.57
N SER F 141 -21.51 10.15 27.68
CA SER F 141 -22.01 10.70 28.94
C SER F 141 -21.74 12.20 29.03
N ALA F 142 -21.14 12.75 27.99
CA ALA F 142 -20.88 14.18 27.93
C ALA F 142 -22.16 14.99 28.06
N VAL F 143 -22.06 16.19 28.62
CA VAL F 143 -23.21 17.04 28.84
C VAL F 143 -23.77 17.54 27.51
N GLY F 144 -25.04 17.23 27.27
CA GLY F 144 -25.72 17.68 26.05
C GLY F 144 -25.43 16.74 24.88
N ALA F 145 -24.80 15.61 25.18
CA ALA F 145 -24.48 14.61 24.17
C ALA F 145 -25.71 14.24 23.35
N ALA F 146 -25.53 14.07 22.05
CA ALA F 146 -26.61 13.64 21.17
C ALA F 146 -26.08 12.83 20.00
N VAL F 147 -26.80 11.77 19.64
CA VAL F 147 -26.33 10.84 18.63
C VAL F 147 -26.60 11.37 17.22
N THR F 148 -25.52 11.54 16.45
CA THR F 148 -25.65 12.00 15.07
C THR F 148 -25.58 10.83 14.10
N GLU F 149 -26.45 10.86 13.09
CA GLU F 149 -26.51 9.79 12.10
C GLU F 149 -25.33 9.86 11.14
N GLY F 150 -24.15 9.50 11.65
CA GLY F 150 -22.93 9.54 10.85
C GLY F 150 -22.08 8.30 11.08
N ALA F 151 -20.77 8.44 10.87
CA ALA F 151 -19.85 7.32 11.00
C ALA F 151 -19.07 7.39 12.30
N PHE F 152 -18.50 6.27 12.72
CA PHE F 152 -17.68 6.22 13.92
C PHE F 152 -16.22 5.94 13.58
N SER F 153 -15.31 6.54 14.33
CA SER F 153 -13.88 6.30 14.16
C SER F 153 -13.10 6.74 15.39
N ALA F 154 -12.30 5.83 15.93
CA ALA F 154 -11.50 6.12 17.12
C ALA F 154 -10.23 5.27 17.16
N VAL F 155 -9.19 5.80 17.77
CA VAL F 155 -7.93 5.08 17.92
C VAL F 155 -7.42 5.15 19.35
N ALA F 156 -7.06 3.99 19.90
CA ALA F 156 -6.50 3.93 21.25
C ALA F 156 -5.19 3.16 21.27
N ASN F 157 -4.25 3.64 22.08
CA ASN F 157 -2.96 2.98 22.22
C ASN F 157 -2.70 2.58 23.67
N PHE F 158 -1.85 1.57 23.85
CA PHE F 158 -1.56 1.05 25.19
C PHE F 158 -0.14 0.51 25.27
N ASN F 159 0.44 0.55 26.47
CA ASN F 159 1.69 -0.13 26.74
C ASN F 159 1.50 -1.31 27.69
N LEU F 160 2.38 -2.29 27.60
CA LEU F 160 2.30 -3.47 28.46
C LEU F 160 3.56 -3.60 29.31
N THR F 161 3.38 -3.70 30.63
CA THR F 161 4.50 -3.87 31.55
C THR F 161 4.39 -5.18 32.32
N TYR F 162 5.53 -5.71 32.74
CA TYR F 162 5.58 -7.02 33.38
C TYR F 162 6.05 -6.92 34.82
N GLN F 163 5.31 -7.54 35.72
CA GLN F 163 5.73 -7.64 37.12
C GLN F 163 5.51 -9.05 37.66
N ALA G 1 -19.30 25.90 -21.63
CA ALA G 1 -19.63 24.94 -22.68
C ALA G 1 -18.96 23.59 -22.42
N PRO G 2 -17.66 23.55 -22.66
CA PRO G 2 -16.96 22.27 -22.81
C PRO G 2 -17.57 21.20 -21.93
N THR G 3 -17.86 20.04 -22.53
CA THR G 3 -18.52 18.95 -21.83
C THR G 3 -17.58 18.30 -20.82
N ILE G 4 -18.14 17.88 -19.68
CA ILE G 4 -17.36 17.21 -18.65
C ILE G 4 -17.95 15.86 -18.29
N PRO G 5 -17.21 14.81 -18.59
CA PRO G 5 -17.63 13.45 -18.25
C PRO G 5 -18.01 13.35 -16.78
N GLN G 6 -19.01 12.54 -16.48
CA GLN G 6 -19.59 12.49 -15.13
C GLN G 6 -18.77 11.59 -14.23
N GLY G 7 -17.71 10.99 -14.79
CA GLY G 7 -16.81 10.15 -14.01
C GLY G 7 -15.71 9.57 -14.89
N GLN G 8 -14.50 10.11 -14.77
CA GLN G 8 -13.35 9.61 -15.51
C GLN G 8 -12.45 8.77 -14.63
N GLY G 9 -11.95 7.67 -15.17
CA GLY G 9 -11.07 6.78 -14.42
C GLY G 9 -10.09 6.06 -15.33
N LYS G 10 -9.09 5.43 -14.74
CA LYS G 10 -8.05 4.74 -15.50
C LYS G 10 -7.56 3.49 -14.78
N VAL G 11 -7.33 2.42 -15.54
CA VAL G 11 -6.77 1.20 -14.98
C VAL G 11 -5.57 0.73 -15.80
N THR G 12 -4.50 0.34 -15.11
CA THR G 12 -3.29 -0.15 -15.76
C THR G 12 -3.12 -1.64 -15.51
N PHE G 13 -2.28 -2.28 -16.33
CA PHE G 13 -2.05 -3.72 -16.23
C PHE G 13 -0.56 -4.05 -16.34
N ASN G 14 -0.11 -4.97 -15.51
CA ASN G 14 1.29 -5.38 -15.51
C ASN G 14 1.41 -6.89 -15.29
N GLY G 15 2.52 -7.46 -15.77
CA GLY G 15 2.83 -8.86 -15.53
C GLY G 15 4.00 -9.32 -16.38
N THR G 16 4.27 -10.63 -16.36
CA THR G 16 5.29 -11.22 -17.22
C THR G 16 5.01 -12.69 -17.48
N VAL G 17 5.76 -13.28 -18.39
CA VAL G 17 5.57 -14.68 -18.76
C VAL G 17 6.90 -15.39 -18.96
N VAL G 18 6.98 -16.63 -18.48
CA VAL G 18 8.19 -17.43 -18.62
C VAL G 18 7.89 -18.79 -19.22
N ASP G 19 8.93 -19.57 -19.47
CA ASP G 19 8.79 -20.85 -20.17
C ASP G 19 8.32 -21.95 -19.22
N ALA G 20 8.06 -21.56 -17.97
CA ALA G 20 7.58 -22.51 -16.97
C ALA G 20 6.29 -23.18 -17.42
N PRO G 21 6.06 -24.40 -16.95
CA PRO G 21 4.83 -25.12 -17.26
C PRO G 21 3.68 -24.65 -16.37
N CYS G 22 4.02 -23.92 -15.31
CA CYS G 22 3.03 -23.46 -14.35
C CYS G 22 3.18 -21.96 -14.09
N SER G 23 2.06 -21.31 -13.74
CA SER G 23 2.07 -19.88 -13.51
C SER G 23 2.24 -19.55 -12.03
N ILE G 24 2.72 -18.35 -11.74
CA ILE G 24 2.96 -17.93 -10.36
C ILE G 24 2.21 -16.65 -10.04
N SER G 25 1.26 -16.73 -9.11
CA SER G 25 0.50 -15.57 -8.67
C SER G 25 1.40 -14.55 -7.97
N GLN G 26 1.18 -13.28 -8.27
CA GLN G 26 1.96 -12.21 -7.65
C GLN G 26 1.95 -12.32 -6.14
N LYS G 27 0.81 -12.76 -5.60
CA LYS G 27 0.61 -12.80 -4.15
C LYS G 27 1.69 -13.64 -3.46
N SER G 28 2.24 -14.60 -4.21
CA SER G 28 3.28 -15.48 -3.68
C SER G 28 4.65 -15.09 -4.19
N ALA G 29 4.70 -14.57 -5.42
CA ALA G 29 5.95 -14.11 -6.01
C ALA G 29 6.72 -13.24 -5.03
N ASP G 30 6.02 -12.32 -4.37
CA ASP G 30 6.60 -11.52 -3.30
C ASP G 30 5.72 -11.52 -2.07
N GLN G 31 6.33 -11.33 -0.90
CA GLN G 31 5.60 -11.34 0.36
C GLN G 31 6.50 -10.91 1.51
N SER G 32 5.91 -10.80 2.70
CA SER G 32 6.64 -10.30 3.87
C SER G 32 6.15 -10.98 5.14
N ILE G 33 7.09 -11.27 6.04
CA ILE G 33 6.76 -11.92 7.31
C ILE G 33 7.03 -11.00 8.49
N ASP G 34 6.08 -10.92 9.40
CA ASP G 34 6.24 -10.12 10.61
C ASP G 34 6.16 -10.99 11.86
N PHE G 35 7.23 -10.99 12.65
CA PHE G 35 7.31 -11.83 13.84
C PHE G 35 6.86 -11.08 15.08
N GLY G 36 6.36 -9.87 14.88
CA GLY G 36 5.84 -9.06 15.99
C GLY G 36 6.93 -8.72 16.99
N GLN G 37 6.63 -8.91 18.27
CA GLN G 37 7.57 -8.57 19.33
C GLN G 37 8.01 -9.82 20.09
N LEU G 38 9.31 -9.98 20.25
CA LEU G 38 9.86 -11.17 20.88
C LEU G 38 10.49 -10.86 22.23
N SER G 39 10.52 -11.86 23.11
CA SER G 39 11.21 -11.75 24.38
C SER G 39 12.72 -11.99 24.20
N LYS G 40 13.52 -11.03 24.64
CA LYS G 40 14.97 -11.21 24.67
C LYS G 40 15.36 -12.43 25.49
N SER G 41 14.97 -12.45 26.76
CA SER G 41 15.27 -13.56 27.64
C SER G 41 14.99 -14.89 26.97
N PHE G 42 13.82 -15.00 26.35
CA PHE G 42 13.43 -16.23 25.67
C PHE G 42 14.45 -16.62 24.60
N LEU G 43 14.79 -15.67 23.74
CA LEU G 43 15.79 -15.89 22.71
C LEU G 43 17.15 -16.19 23.30
N GLU G 44 17.50 -15.46 24.36
CA GLU G 44 18.77 -15.68 25.05
C GLU G 44 18.84 -17.07 25.65
N ALA G 45 17.70 -17.60 26.05
CA ALA G 45 17.62 -18.96 26.59
C ALA G 45 17.73 -19.99 25.48
N GLY G 46 17.91 -19.53 24.25
CA GLY G 46 18.03 -20.41 23.10
C GLY G 46 16.66 -20.80 22.56
N GLY G 47 15.64 -20.05 22.96
CA GLY G 47 14.27 -20.31 22.54
C GLY G 47 14.09 -19.99 21.06
N VAL G 48 12.95 -20.39 20.50
CA VAL G 48 12.65 -20.14 19.09
C VAL G 48 11.19 -19.75 18.90
N SER G 49 10.94 -18.79 18.03
CA SER G 49 9.60 -18.27 17.82
C SER G 49 8.72 -19.30 17.11
N LYS G 50 7.45 -18.96 16.94
CA LYS G 50 6.51 -19.83 16.27
C LYS G 50 6.66 -19.77 14.75
N PRO G 51 6.31 -20.84 14.07
CA PRO G 51 6.52 -20.94 12.63
C PRO G 51 5.56 -20.03 11.88
N MET G 52 6.09 -19.32 10.88
CA MET G 52 5.26 -18.51 10.00
C MET G 52 5.12 -19.16 8.62
N ASP G 53 3.97 -18.96 8.01
CA ASP G 53 3.66 -19.63 6.74
C ASP G 53 4.24 -18.86 5.56
N LEU G 54 5.22 -19.47 4.90
CA LEU G 54 5.78 -18.90 3.68
C LEU G 54 5.36 -19.69 2.45
N ASP G 55 4.13 -20.19 2.48
CA ASP G 55 3.66 -21.12 1.45
C ASP G 55 3.64 -20.44 0.08
N ILE G 56 3.97 -21.21 -0.96
CA ILE G 56 3.99 -20.68 -2.32
C ILE G 56 3.01 -21.44 -3.21
N GLU G 57 1.97 -20.75 -3.65
CA GLU G 57 0.92 -21.38 -4.45
C GLU G 57 1.23 -21.28 -5.94
N LEU G 58 1.20 -22.43 -6.62
CA LEU G 58 1.36 -22.46 -8.07
C LEU G 58 0.03 -22.78 -8.75
N VAL G 59 -0.25 -22.07 -9.85
CA VAL G 59 -1.56 -22.13 -10.48
C VAL G 59 -1.44 -22.45 -11.96
N ASN G 60 -2.47 -23.07 -12.52
CA ASN G 60 -2.48 -23.44 -13.94
C ASN G 60 -1.20 -24.15 -14.33
N CYS G 61 -0.96 -25.30 -13.71
CA CYS G 61 0.30 -26.03 -13.90
C CYS G 61 0.20 -26.99 -15.08
N ASP G 62 -0.98 -27.59 -15.25
CA ASP G 62 -1.19 -28.57 -16.31
C ASP G 62 0.13 -29.13 -16.82
N ILE G 63 0.75 -30.01 -16.02
CA ILE G 63 2.08 -30.52 -16.34
C ILE G 63 1.99 -31.83 -17.12
N THR G 64 0.83 -32.08 -17.72
CA THR G 64 0.63 -33.27 -18.52
C THR G 64 1.63 -33.34 -19.66
N ALA G 65 1.34 -32.61 -20.74
CA ALA G 65 2.24 -32.54 -21.89
C ALA G 65 3.67 -32.29 -21.45
N PHE G 66 3.84 -31.43 -20.45
CA PHE G 66 5.17 -31.10 -19.95
C PHE G 66 5.94 -32.34 -19.55
N LYS G 67 5.47 -33.01 -18.49
CA LYS G 67 6.19 -34.15 -17.92
C LYS G 67 6.36 -35.26 -18.94
N GLY G 68 5.48 -35.27 -19.95
CA GLY G 68 5.56 -36.26 -21.01
C GLY G 68 6.71 -35.98 -21.96
N GLY G 69 6.63 -34.83 -22.65
CA GLY G 69 7.57 -34.52 -23.72
C GLY G 69 8.97 -34.30 -23.18
N ASN G 70 9.07 -33.87 -21.92
CA ASN G 70 10.34 -33.49 -21.32
C ASN G 70 10.96 -34.67 -20.59
N GLY G 71 10.38 -35.85 -20.76
CA GLY G 71 10.99 -37.08 -20.26
C GLY G 71 11.36 -36.96 -18.79
N ALA G 72 12.64 -37.14 -18.49
CA ALA G 72 13.10 -37.20 -17.11
C ALA G 72 12.39 -36.17 -16.25
N LYS G 73 12.13 -35.00 -16.81
CA LYS G 73 11.44 -33.93 -16.11
C LYS G 73 10.01 -34.31 -15.78
N LYS G 74 9.84 -35.13 -14.74
CA LYS G 74 8.53 -35.68 -14.39
C LYS G 74 7.89 -34.90 -13.26
N GLY G 75 7.72 -33.60 -13.47
CA GLY G 75 6.81 -32.81 -12.63
C GLY G 75 7.36 -32.64 -11.22
N THR G 76 8.57 -32.11 -11.12
CA THR G 76 9.12 -31.69 -9.83
C THR G 76 9.70 -30.28 -9.93
N VAL G 77 9.77 -29.60 -8.78
CA VAL G 77 10.35 -28.26 -8.72
C VAL G 77 11.26 -28.12 -7.51
N LYS G 78 12.07 -27.06 -7.52
CA LYS G 78 12.96 -26.77 -6.40
C LYS G 78 13.30 -25.29 -6.33
N LEU G 79 13.64 -24.82 -5.14
CA LEU G 79 13.91 -23.40 -4.93
C LEU G 79 15.37 -23.15 -4.58
N ALA G 80 15.90 -22.01 -5.02
CA ALA G 80 17.26 -21.63 -4.68
C ALA G 80 17.29 -20.29 -3.95
N PHE G 81 17.29 -20.33 -2.63
CA PHE G 81 17.23 -19.12 -1.82
C PHE G 81 18.61 -18.46 -1.73
N THR G 82 18.62 -17.13 -1.71
CA THR G 82 19.86 -16.38 -1.67
C THR G 82 19.76 -15.22 -0.68
N GLY G 83 20.76 -15.10 0.19
CA GLY G 83 20.85 -13.98 1.11
C GLY G 83 22.05 -14.12 2.03
N PRO G 84 22.24 -13.12 2.90
CA PRO G 84 23.31 -13.17 3.89
C PRO G 84 23.13 -14.34 4.85
N ILE G 85 24.19 -15.10 5.06
CA ILE G 85 24.13 -16.30 5.88
C ILE G 85 25.11 -16.23 7.04
N VAL G 86 24.82 -16.94 8.13
CA VAL G 86 25.74 -17.08 9.23
C VAL G 86 26.81 -18.12 8.94
N ASN G 87 28.07 -17.77 9.19
CA ASN G 87 29.20 -18.59 8.78
C ASN G 87 29.10 -19.99 9.38
N GLY G 88 29.31 -21.00 8.52
CA GLY G 88 29.42 -22.38 9.00
C GLY G 88 28.05 -22.98 9.26
N HIS G 89 27.00 -22.27 8.82
CA HIS G 89 25.63 -22.73 9.03
C HIS G 89 24.83 -22.67 7.74
N SER G 90 24.86 -21.53 7.07
CA SER G 90 24.30 -21.41 5.72
C SER G 90 22.79 -21.38 5.77
N ASP G 91 22.20 -22.34 6.49
CA ASP G 91 20.75 -22.41 6.62
C ASP G 91 20.24 -21.40 7.65
N GLU G 92 21.13 -20.52 8.09
CA GLU G 92 20.77 -19.52 9.09
C GLU G 92 20.92 -18.11 8.53
N LEU G 93 19.81 -17.39 8.43
CA LEU G 93 19.78 -16.11 7.74
C LEU G 93 20.36 -15.00 8.62
N ASP G 94 21.42 -14.37 8.15
CA ASP G 94 22.07 -13.29 8.88
C ASP G 94 21.28 -11.99 8.74
N THR G 95 20.28 -11.80 9.59
CA THR G 95 19.42 -10.63 9.52
C THR G 95 20.24 -9.35 9.53
N ASN G 96 19.63 -8.25 9.08
CA ASN G 96 20.27 -6.95 9.11
C ASN G 96 19.85 -6.16 10.33
N GLY G 97 20.78 -5.97 11.27
CA GLY G 97 20.51 -5.24 12.49
C GLY G 97 21.64 -5.38 13.50
N GLY G 98 21.48 -4.77 14.66
CA GLY G 98 22.50 -4.83 15.70
C GLY G 98 22.16 -5.88 16.76
N THR G 99 21.47 -6.93 16.33
CA THR G 99 21.07 -8.01 17.22
C THR G 99 21.83 -9.28 16.93
N GLY G 100 21.93 -10.16 17.92
CA GLY G 100 22.51 -11.48 17.74
C GLY G 100 21.45 -12.53 17.45
N THR G 101 20.59 -12.22 16.48
CA THR G 101 19.50 -13.12 16.11
C THR G 101 19.56 -13.49 14.64
N ALA G 102 18.79 -14.51 14.25
CA ALA G 102 18.78 -14.98 12.88
C ALA G 102 17.47 -15.67 12.54
N ILE G 103 17.22 -15.86 11.25
CA ILE G 103 15.98 -16.48 10.79
C ILE G 103 16.27 -17.80 10.06
N VAL G 104 15.48 -18.82 10.39
CA VAL G 104 15.62 -20.12 9.72
C VAL G 104 14.31 -20.55 9.08
N VAL G 105 14.35 -20.72 7.76
CA VAL G 105 13.21 -21.27 7.03
C VAL G 105 13.37 -22.77 6.79
N GLN G 106 12.29 -23.52 6.99
CA GLN G 106 12.33 -24.97 6.93
C GLN G 106 11.33 -25.51 5.92
N GLY G 107 11.72 -26.59 5.25
CA GLY G 107 10.83 -27.25 4.28
C GLY G 107 10.82 -28.75 4.49
N ALA G 108 9.64 -29.29 4.83
CA ALA G 108 9.51 -30.69 5.18
C ALA G 108 10.48 -31.08 6.28
N GLY G 109 11.20 -32.18 6.08
CA GLY G 109 12.18 -32.65 7.05
C GLY G 109 13.55 -32.03 6.79
N LYS G 110 13.58 -30.99 5.97
CA LYS G 110 14.83 -30.33 5.61
C LYS G 110 14.79 -28.85 5.97
N ASN G 111 15.96 -28.22 5.98
CA ASN G 111 16.06 -26.79 6.18
C ASN G 111 16.38 -26.07 4.88
N VAL G 112 16.00 -24.79 4.80
CA VAL G 112 16.31 -23.97 3.64
C VAL G 112 17.67 -23.30 3.79
N VAL G 113 18.46 -23.32 2.73
CA VAL G 113 19.76 -22.66 2.71
C VAL G 113 19.77 -21.47 1.77
N PHE G 114 20.39 -20.38 2.20
CA PHE G 114 20.33 -19.12 1.47
C PHE G 114 21.64 -18.81 0.76
N ASP G 115 22.31 -19.87 0.31
CA ASP G 115 23.61 -19.73 -0.35
C ASP G 115 23.47 -19.80 -1.87
N GLY G 116 22.23 -19.80 -2.35
CA GLY G 116 21.96 -19.73 -3.78
C GLY G 116 21.83 -21.12 -4.38
N SER G 117 22.10 -22.14 -3.57
CA SER G 117 21.97 -23.53 -4.01
C SER G 117 20.52 -23.96 -4.06
N GLU G 118 20.23 -24.96 -4.89
CA GLU G 118 18.86 -25.48 -5.01
C GLU G 118 18.55 -26.49 -3.92
N GLY G 119 17.29 -26.52 -3.50
CA GLY G 119 16.84 -27.47 -2.49
C GLY G 119 16.36 -28.77 -3.14
N ASP G 120 15.65 -29.58 -2.37
CA ASP G 120 15.17 -30.87 -2.84
C ASP G 120 14.07 -30.69 -3.88
N ALA G 121 14.02 -31.60 -4.86
CA ALA G 121 12.94 -31.62 -5.84
C ALA G 121 11.60 -31.94 -5.18
N ASN G 122 10.55 -31.24 -5.60
CA ASN G 122 9.24 -31.41 -5.00
C ASN G 122 8.21 -31.80 -6.06
N THR G 123 7.67 -33.00 -5.93
CA THR G 123 6.64 -33.49 -6.85
C THR G 123 5.41 -32.60 -6.80
N LEU G 124 4.85 -32.30 -7.97
CA LEU G 124 3.62 -31.53 -8.06
C LEU G 124 2.63 -32.17 -9.02
N LYS G 125 1.37 -31.77 -8.93
CA LYS G 125 0.30 -32.38 -9.73
C LYS G 125 -0.21 -31.41 -10.78
N ASP G 126 -1.22 -31.85 -11.53
CA ASP G 126 -1.79 -31.03 -12.60
C ASP G 126 -2.78 -30.02 -12.05
N GLY G 127 -2.81 -28.84 -12.66
CA GLY G 127 -3.78 -27.81 -12.28
C GLY G 127 -3.18 -26.86 -11.23
N GLU G 128 -3.44 -27.15 -9.97
CA GLU G 128 -3.04 -26.26 -8.88
C GLU G 128 -2.08 -26.96 -7.93
N ASN G 129 -1.15 -26.19 -7.36
CA ASN G 129 -0.19 -26.74 -6.40
C ASN G 129 0.15 -25.70 -5.34
N VAL G 130 0.77 -26.17 -4.26
CA VAL G 130 1.27 -25.27 -3.22
C VAL G 130 2.39 -25.92 -2.42
N LEU G 131 3.47 -25.18 -2.22
CA LEU G 131 4.55 -25.63 -1.36
C LEU G 131 4.42 -25.05 0.05
N HIS G 132 4.80 -25.84 1.04
CA HIS G 132 4.64 -25.45 2.45
C HIS G 132 5.98 -25.19 3.10
N TYR G 133 6.16 -23.97 3.61
CA TYR G 133 7.40 -23.60 4.29
C TYR G 133 7.11 -22.88 5.61
N THR G 134 8.02 -23.04 6.57
CA THR G 134 7.89 -22.36 7.85
C THR G 134 9.13 -21.53 8.16
N ALA G 135 8.91 -20.42 8.87
CA ALA G 135 10.02 -19.55 9.26
C ALA G 135 9.97 -19.24 10.75
N VAL G 136 11.13 -19.28 11.40
CA VAL G 136 11.21 -18.99 12.83
C VAL G 136 12.40 -18.08 13.13
N VAL G 137 12.33 -17.38 14.26
CA VAL G 137 13.43 -16.56 14.73
C VAL G 137 14.10 -17.18 15.96
N LYS G 138 15.43 -17.16 15.98
CA LYS G 138 16.19 -17.63 17.13
C LYS G 138 17.45 -16.80 17.34
N LYS G 139 18.04 -16.92 18.53
CA LYS G 139 19.36 -16.38 18.78
C LYS G 139 20.40 -16.99 17.83
N SER G 140 21.11 -16.14 17.11
CA SER G 140 22.04 -16.59 16.08
C SER G 140 23.04 -17.59 16.65
N SER G 141 23.48 -18.53 15.82
CA SER G 141 24.46 -19.52 16.23
C SER G 141 25.88 -19.00 16.09
N ALA G 142 26.00 -17.75 15.64
CA ALA G 142 27.30 -17.10 15.51
C ALA G 142 28.05 -17.08 16.84
N VAL G 143 29.37 -17.11 16.77
CA VAL G 143 30.20 -17.12 17.97
C VAL G 143 30.11 -15.79 18.71
N GLY G 144 29.68 -15.85 19.97
CA GLY G 144 29.58 -14.66 20.79
C GLY G 144 28.28 -13.91 20.55
N ALA G 145 27.38 -14.54 19.80
CA ALA G 145 26.08 -13.96 19.50
C ALA G 145 25.37 -13.53 20.77
N ALA G 146 24.70 -12.38 20.71
CA ALA G 146 23.92 -11.88 21.84
C ALA G 146 22.74 -11.06 21.36
N VAL G 147 21.60 -11.23 22.02
CA VAL G 147 20.35 -10.61 21.58
C VAL G 147 20.27 -9.15 22.04
N THR G 148 20.17 -8.25 21.07
CA THR G 148 20.05 -6.82 21.37
C THR G 148 18.59 -6.38 21.31
N GLU G 149 18.19 -5.54 22.27
CA GLU G 149 16.82 -5.07 22.34
C GLU G 149 16.54 -4.03 21.27
N GLY G 150 16.46 -4.47 20.02
CA GLY G 150 16.23 -3.57 18.90
C GLY G 150 15.20 -4.15 17.93
N ALA G 151 15.31 -3.75 16.67
CA ALA G 151 14.35 -4.19 15.65
C ALA G 151 14.97 -5.25 14.75
N PHE G 152 14.12 -5.98 14.04
CA PHE G 152 14.58 -7.00 13.10
C PHE G 152 14.24 -6.61 11.67
N SER G 153 15.13 -6.95 10.75
CA SER G 153 14.89 -6.71 9.32
C SER G 153 15.80 -7.56 8.46
N ALA G 154 15.22 -8.31 7.53
CA ALA G 154 15.98 -9.17 6.64
C ALA G 154 15.26 -9.37 5.31
N VAL G 155 16.03 -9.60 4.25
CA VAL G 155 15.47 -9.85 2.94
C VAL G 155 16.12 -11.08 2.29
N ALA G 156 15.29 -11.97 1.78
CA ALA G 156 15.78 -13.16 1.09
C ALA G 156 15.14 -13.31 -0.28
N ASN G 157 15.93 -13.74 -1.26
CA ASN G 157 15.42 -13.97 -2.61
C ASN G 157 15.63 -15.42 -3.05
N PHE G 158 14.82 -15.86 -3.99
CA PHE G 158 14.88 -17.24 -4.46
C PHE G 158 14.47 -17.35 -5.92
N ASN G 159 14.99 -18.36 -6.60
CA ASN G 159 14.52 -18.70 -7.94
C ASN G 159 13.81 -20.05 -7.94
N LEU G 160 12.91 -20.25 -8.89
CA LEU G 160 12.17 -21.50 -9.00
C LEU G 160 12.43 -22.17 -10.35
N THR G 161 12.85 -23.43 -10.31
CA THR G 161 13.10 -24.19 -11.52
C THR G 161 12.19 -25.41 -11.59
N TYR G 162 11.92 -25.86 -12.82
CA TYR G 162 10.96 -26.95 -13.04
C TYR G 162 11.65 -28.16 -13.65
N GLN G 163 11.40 -29.33 -13.06
CA GLN G 163 11.88 -30.59 -13.63
C GLN G 163 10.79 -31.66 -13.59
N ALA H 1 42.79 2.38 -21.20
CA ALA H 1 43.38 2.10 -19.90
C ALA H 1 42.41 2.44 -18.77
N PRO H 2 42.23 3.73 -18.52
CA PRO H 2 41.63 4.20 -17.27
C PRO H 2 40.59 3.21 -16.76
N THR H 3 40.71 2.85 -15.49
CA THR H 3 39.80 1.86 -14.90
C THR H 3 38.41 2.42 -14.71
N ILE H 4 37.41 1.57 -14.89
CA ILE H 4 36.02 1.97 -14.73
C ILE H 4 35.30 1.07 -13.73
N PRO H 5 34.90 1.64 -12.59
CA PRO H 5 34.15 0.91 -11.59
C PRO H 5 32.94 0.23 -12.20
N GLN H 6 32.62 -0.96 -11.70
CA GLN H 6 31.59 -1.80 -12.31
C GLN H 6 30.20 -1.37 -11.86
N GLY H 7 30.15 -0.37 -11.00
CA GLY H 7 28.87 0.19 -10.55
C GLY H 7 29.09 1.31 -9.54
N GLN H 8 28.88 2.54 -9.99
CA GLN H 8 29.00 3.71 -9.12
C GLN H 8 27.63 4.23 -8.72
N GLY H 9 27.49 4.61 -7.45
CA GLY H 9 26.23 5.13 -6.93
C GLY H 9 26.45 6.12 -5.81
N LYS H 10 25.40 6.84 -5.44
CA LYS H 10 25.48 7.86 -4.41
C LYS H 10 24.20 7.95 -3.60
N VAL H 11 24.34 8.13 -2.29
CA VAL H 11 23.18 8.32 -1.42
C VAL H 11 23.36 9.55 -0.53
N THR H 12 22.31 10.36 -0.43
CA THR H 12 22.33 11.55 0.40
C THR H 12 21.43 11.39 1.62
N PHE H 13 21.64 12.25 2.61
CA PHE H 13 20.89 12.17 3.86
C PHE H 13 20.44 13.55 4.32
N ASN H 14 19.19 13.64 4.79
CA ASN H 14 18.65 14.90 5.27
C ASN H 14 17.79 14.69 6.52
N GLY H 15 17.65 15.74 7.31
CA GLY H 15 16.78 15.72 8.47
C GLY H 15 16.99 16.94 9.35
N THR H 16 16.36 16.94 10.53
CA THR H 16 16.57 17.98 11.51
C THR H 16 16.24 17.49 12.92
N VAL H 17 16.58 18.30 13.92
CA VAL H 17 16.36 17.92 15.31
C VAL H 17 15.86 19.11 16.13
N VAL H 18 14.91 18.85 17.02
CA VAL H 18 14.36 19.89 17.88
C VAL H 18 14.39 19.47 19.34
N ASP H 19 13.98 20.37 20.22
CA ASP H 19 14.09 20.14 21.66
C ASP H 19 12.93 19.29 22.16
N ALA H 20 12.08 18.84 21.24
CA ALA H 20 10.95 17.99 21.59
C ALA H 20 11.41 16.72 22.28
N PRO H 21 10.54 16.17 23.13
CA PRO H 21 10.84 14.92 23.82
C PRO H 21 10.59 13.73 22.91
N CYS H 22 9.90 13.96 21.81
CA CYS H 22 9.54 12.90 20.88
C CYS H 22 9.90 13.27 19.45
N SER H 23 10.17 12.25 18.63
CA SER H 23 10.58 12.47 17.25
C SER H 23 9.39 12.39 16.30
N ILE H 24 9.52 13.02 15.13
CA ILE H 24 8.44 13.03 14.15
C ILE H 24 8.92 12.49 12.81
N SER H 25 8.33 11.37 12.40
CA SER H 25 8.65 10.77 11.11
C SER H 25 8.23 11.68 9.96
N GLN H 26 9.08 11.78 8.94
CA GLN H 26 8.79 12.59 7.77
C GLN H 26 7.44 12.23 7.18
N LYS H 27 7.09 10.96 7.24
CA LYS H 27 5.88 10.45 6.59
C LYS H 27 4.64 11.18 7.11
N SER H 28 4.73 11.69 8.33
CA SER H 28 3.61 12.40 8.95
C SER H 28 3.85 13.89 8.94
N ALA H 29 5.11 14.30 9.05
CA ALA H 29 5.48 15.70 9.00
C ALA H 29 4.79 16.42 7.84
N ASP H 30 4.81 15.78 6.67
CA ASP H 30 4.06 16.26 5.51
C ASP H 30 3.23 15.15 4.89
N GLN H 31 2.14 15.53 4.23
CA GLN H 31 1.24 14.56 3.62
C GLN H 31 0.18 15.26 2.77
N SER H 32 -0.64 14.47 2.08
CA SER H 32 -1.63 15.01 1.16
C SER H 32 -2.89 14.15 1.14
N ILE H 33 -4.05 14.80 1.06
CA ILE H 33 -5.32 14.10 1.03
C ILE H 33 -6.03 14.29 -0.31
N ASP H 34 -6.53 13.19 -0.87
CA ASP H 34 -7.28 13.25 -2.11
C ASP H 34 -8.70 12.74 -1.92
N PHE H 35 -9.67 13.60 -2.20
CA PHE H 35 -11.08 13.26 -1.99
C PHE H 35 -11.72 12.71 -3.26
N GLY H 36 -10.89 12.51 -4.28
CA GLY H 36 -11.36 11.93 -5.54
C GLY H 36 -12.38 12.84 -6.22
N GLN H 37 -13.48 12.23 -6.66
CA GLN H 37 -14.52 12.97 -7.38
C GLN H 37 -15.82 13.00 -6.58
N LEU H 38 -16.39 14.19 -6.42
CA LEU H 38 -17.58 14.36 -5.60
C LEU H 38 -18.79 14.73 -6.45
N SER H 39 -19.98 14.38 -5.97
CA SER H 39 -21.22 14.82 -6.60
C SER H 39 -21.58 16.24 -6.18
N LYS H 40 -21.78 17.10 -7.18
CA LYS H 40 -22.27 18.45 -6.93
C LYS H 40 -23.61 18.42 -6.19
N SER H 41 -24.59 17.76 -6.78
CA SER H 41 -25.92 17.67 -6.17
C SER H 41 -25.82 17.28 -4.70
N PHE H 42 -25.02 16.27 -4.42
CA PHE H 42 -24.84 15.81 -3.04
C PHE H 42 -24.36 16.93 -2.14
N LEU H 43 -23.30 17.62 -2.56
CA LEU H 43 -22.77 18.75 -1.82
C LEU H 43 -23.80 19.88 -1.72
N GLU H 44 -24.49 20.13 -2.82
CA GLU H 44 -25.52 21.16 -2.85
C GLU H 44 -26.65 20.84 -1.89
N ALA H 45 -26.91 19.56 -1.68
CA ALA H 45 -27.93 19.12 -0.74
C ALA H 45 -27.43 19.26 0.70
N GLY H 46 -26.23 19.79 0.86
CA GLY H 46 -25.64 19.97 2.19
C GLY H 46 -24.96 18.70 2.66
N GLY H 47 -24.72 17.77 1.73
CA GLY H 47 -24.08 16.50 2.07
C GLY H 47 -22.62 16.70 2.44
N VAL H 48 -22.00 15.65 2.96
CA VAL H 48 -20.59 15.71 3.36
C VAL H 48 -19.87 14.42 3.00
N SER H 49 -18.63 14.55 2.53
CA SER H 49 -17.86 13.40 2.07
C SER H 49 -17.45 12.51 3.23
N LYS H 50 -16.81 11.39 2.91
CA LYS H 50 -16.34 10.46 3.92
C LYS H 50 -15.05 10.94 4.57
N PRO H 51 -14.82 10.54 5.81
CA PRO H 51 -13.67 11.03 6.57
C PRO H 51 -12.37 10.45 6.04
N MET H 52 -11.35 11.29 5.91
CA MET H 52 -10.02 10.84 5.53
C MET H 52 -9.07 10.87 6.71
N ASP H 53 -8.14 9.94 6.74
CA ASP H 53 -7.24 9.78 7.89
C ASP H 53 -6.06 10.74 7.79
N LEU H 54 -6.01 11.70 8.71
CA LEU H 54 -4.87 12.61 8.80
C LEU H 54 -4.03 12.31 10.04
N ASP H 55 -3.94 11.03 10.38
CA ASP H 55 -3.30 10.62 11.63
C ASP H 55 -1.83 11.01 11.65
N ILE H 56 -1.35 11.40 12.83
CA ILE H 56 0.04 11.80 12.99
C ILE H 56 0.76 10.91 14.00
N GLU H 57 1.72 10.13 13.51
CA GLU H 57 2.44 9.18 14.36
C GLU H 57 3.68 9.81 14.97
N LEU H 58 3.78 9.71 16.29
CA LEU H 58 4.98 10.16 17.00
C LEU H 58 5.80 8.97 17.49
N VAL H 59 7.12 9.07 17.35
CA VAL H 59 8.00 7.94 17.60
C VAL H 59 9.12 8.30 18.57
N ASN H 60 9.62 7.31 19.30
CA ASN H 60 10.69 7.53 20.26
C ASN H 60 10.38 8.71 21.18
N CYS H 61 9.29 8.59 21.93
CA CYS H 61 8.81 9.69 22.75
C CYS H 61 9.44 9.66 24.14
N ASP H 62 9.65 8.46 24.65
CA ASP H 62 10.21 8.30 25.99
C ASP H 62 10.05 9.57 26.82
N ILE H 63 8.83 9.81 27.28
CA ILE H 63 8.52 11.06 27.98
C ILE H 63 8.67 10.89 29.48
N THR H 64 9.39 9.86 29.89
CA THR H 64 9.64 9.61 31.31
C THR H 64 10.33 10.79 31.97
N ALA H 65 11.64 10.88 31.78
CA ALA H 65 12.42 12.00 32.31
C ALA H 65 11.76 13.33 32.01
N PHE H 66 11.21 13.44 30.80
CA PHE H 66 10.56 14.67 30.37
C PHE H 66 9.47 15.09 31.35
N LYS H 67 8.41 14.29 31.43
CA LYS H 67 7.24 14.65 32.22
C LYS H 67 7.60 14.81 33.69
N GLY H 68 8.70 14.18 34.10
CA GLY H 68 9.18 14.29 35.47
C GLY H 68 9.81 15.66 35.72
N GLY H 69 10.90 15.94 35.03
CA GLY H 69 11.71 17.12 35.31
C GLY H 69 10.95 18.40 34.97
N ASN H 70 10.02 18.30 34.03
CA ASN H 70 9.31 19.46 33.51
C ASN H 70 8.02 19.70 34.26
N GLY H 71 7.83 18.95 35.34
CA GLY H 71 6.71 19.18 36.25
C GLY H 71 5.38 19.25 35.50
N ALA H 72 4.70 20.38 35.62
CA ALA H 72 3.34 20.52 35.07
C ALA H 72 3.23 19.85 33.71
N LYS H 73 4.30 19.95 32.91
CA LYS H 73 4.31 19.34 31.59
C LYS H 73 4.26 17.83 31.68
N LYS H 74 3.07 17.29 31.91
CA LYS H 74 2.90 15.87 32.14
C LYS H 74 2.43 15.15 30.89
N GLY H 75 3.19 15.28 29.81
CA GLY H 75 3.06 14.39 28.66
C GLY H 75 1.76 14.64 27.92
N THR H 76 1.57 15.89 27.49
CA THR H 76 0.49 16.22 26.57
C THR H 76 1.00 17.06 25.41
N VAL H 77 0.28 17.02 24.28
CA VAL H 77 0.63 17.82 23.12
C VAL H 77 -0.59 18.47 22.50
N LYS H 78 -0.37 19.45 21.63
CA LYS H 78 -1.46 20.11 20.92
C LYS H 78 -0.98 20.70 19.61
N LEU H 79 -1.90 20.87 18.66
CA LEU H 79 -1.55 21.35 17.33
C LEU H 79 -2.15 22.73 17.07
N ALA H 80 -1.45 23.53 16.30
CA ALA H 80 -1.94 24.85 15.90
C ALA H 80 -2.01 24.98 14.39
N PHE H 81 -3.18 24.69 13.82
CA PHE H 81 -3.35 24.70 12.37
C PHE H 81 -3.52 26.12 11.85
N THR H 82 -2.97 26.38 10.67
CA THR H 82 -3.04 27.70 10.06
C THR H 82 -3.37 27.62 8.58
N GLY H 83 -4.35 28.42 8.16
CA GLY H 83 -4.70 28.52 6.74
C GLY H 83 -5.88 29.46 6.53
N PRO H 84 -6.26 29.65 5.28
CA PRO H 84 -7.43 30.46 4.94
C PRO H 84 -8.70 29.85 5.53
N ILE H 85 -9.50 30.69 6.19
CA ILE H 85 -10.70 30.23 6.87
C ILE H 85 -11.94 30.94 6.34
N VAL H 86 -13.09 30.29 6.46
CA VAL H 86 -14.36 30.92 6.15
C VAL H 86 -14.83 31.81 7.29
N ASN H 87 -15.26 33.02 6.95
CA ASN H 87 -15.55 34.04 7.95
C ASN H 87 -16.63 33.56 8.91
N GLY H 88 -16.39 33.74 10.20
CA GLY H 88 -17.40 33.49 11.22
C GLY H 88 -17.51 32.00 11.53
N HIS H 89 -16.55 31.23 11.03
CA HIS H 89 -16.54 29.78 11.23
C HIS H 89 -15.19 29.29 11.72
N SER H 90 -14.13 29.69 11.01
CA SER H 90 -12.77 29.45 11.48
C SER H 90 -12.37 27.99 11.32
N ASP H 91 -13.24 27.10 11.79
CA ASP H 91 -13.00 25.67 11.69
C ASP H 91 -13.32 25.15 10.29
N GLU H 92 -13.57 26.08 9.37
CA GLU H 92 -13.91 25.71 7.99
C GLU H 92 -12.87 26.25 7.01
N LEU H 93 -12.17 25.33 6.35
CA LEU H 93 -11.02 25.70 5.52
C LEU H 93 -11.48 26.27 4.18
N ASP H 94 -11.09 27.51 3.92
CA ASP H 94 -11.45 28.18 2.67
C ASP H 94 -10.56 27.72 1.53
N THR H 95 -10.94 26.60 0.90
CA THR H 95 -10.16 26.02 -0.18
C THR H 95 -9.85 27.05 -1.26
N ASN H 96 -8.83 26.76 -2.06
CA ASN H 96 -8.47 27.63 -3.19
C ASN H 96 -9.09 27.11 -4.48
N GLY H 97 -10.06 27.84 -5.00
CA GLY H 97 -10.73 27.46 -6.24
C GLY H 97 -11.98 28.32 -6.48
N GLY H 98 -12.69 28.02 -7.56
CA GLY H 98 -13.89 28.77 -7.91
C GLY H 98 -15.14 28.03 -7.48
N THR H 99 -15.03 27.25 -6.41
CA THR H 99 -16.15 26.47 -5.90
C THR H 99 -16.64 27.02 -4.57
N GLY H 100 -17.90 26.74 -4.25
CA GLY H 100 -18.46 27.09 -2.95
C GLY H 100 -18.35 25.93 -1.97
N THR H 101 -17.15 25.37 -1.86
CA THR H 101 -16.93 24.23 -0.97
C THR H 101 -15.82 24.53 0.03
N ALA H 102 -15.71 23.68 1.04
CA ALA H 102 -14.71 23.88 2.10
C ALA H 102 -14.36 22.55 2.77
N ILE H 103 -13.25 22.55 3.51
CA ILE H 103 -12.78 21.34 4.17
C ILE H 103 -12.79 21.52 5.69
N VAL H 104 -13.28 20.51 6.39
CA VAL H 104 -13.30 20.53 7.86
C VAL H 104 -12.56 19.33 8.44
N VAL H 105 -11.51 19.61 9.19
CA VAL H 105 -10.80 18.57 9.93
C VAL H 105 -11.27 18.48 11.37
N GLN H 106 -11.47 17.27 11.87
CA GLN H 106 -12.04 17.06 13.19
C GLN H 106 -11.12 16.20 14.05
N GLY H 107 -11.10 16.50 15.34
CA GLY H 107 -10.30 15.73 16.30
C GLY H 107 -11.11 15.39 17.54
N ALA H 108 -11.32 14.09 17.77
CA ALA H 108 -12.17 13.63 18.85
C ALA H 108 -13.57 14.25 18.76
N GLY H 109 -14.04 14.77 19.88
CA GLY H 109 -15.35 15.41 19.93
C GLY H 109 -15.25 16.90 19.60
N LYS H 110 -14.10 17.30 19.05
CA LYS H 110 -13.85 18.70 18.73
C LYS H 110 -13.52 18.87 17.25
N ASN H 111 -13.59 20.11 16.77
CA ASN H 111 -13.18 20.43 15.42
C ASN H 111 -11.84 21.15 15.40
N VAL H 112 -11.13 21.04 14.28
CA VAL H 112 -9.86 21.75 14.11
C VAL H 112 -10.08 23.14 13.54
N VAL H 113 -9.37 24.12 14.10
CA VAL H 113 -9.45 25.49 13.62
C VAL H 113 -8.13 25.94 12.99
N PHE H 114 -8.21 26.65 11.88
CA PHE H 114 -7.03 26.98 11.09
C PHE H 114 -6.65 28.44 11.26
N ASP H 115 -6.89 28.98 12.45
CA ASP H 115 -6.63 30.38 12.72
C ASP H 115 -5.30 30.56 13.46
N GLY H 116 -4.55 29.48 13.60
CA GLY H 116 -3.21 29.53 14.16
C GLY H 116 -3.24 29.27 15.66
N SER H 117 -4.44 29.16 16.22
CA SER H 117 -4.61 28.87 17.64
C SER H 117 -4.35 27.39 17.92
N GLU H 118 -3.99 27.09 19.17
CA GLU H 118 -3.72 25.73 19.59
C GLU H 118 -5.01 25.00 19.96
N GLY H 119 -5.04 23.70 19.70
CA GLY H 119 -6.18 22.88 20.05
C GLY H 119 -6.04 22.30 21.46
N ASP H 120 -6.87 21.31 21.78
CA ASP H 120 -6.86 20.71 23.10
C ASP H 120 -5.59 19.90 23.33
N ALA H 121 -5.12 19.89 24.57
CA ALA H 121 -3.98 19.06 24.95
C ALA H 121 -4.32 17.57 24.85
N ASN H 122 -3.38 16.80 24.34
CA ASN H 122 -3.59 15.37 24.12
C ASN H 122 -2.58 14.54 24.87
N THR H 123 -3.05 13.76 25.83
CA THR H 123 -2.18 12.87 26.61
C THR H 123 -1.51 11.85 25.71
N LEU H 124 -0.22 11.62 25.94
CA LEU H 124 0.53 10.61 25.20
C LEU H 124 1.35 9.74 26.14
N LYS H 125 1.78 8.58 25.64
CA LYS H 125 2.51 7.61 26.47
C LYS H 125 3.97 7.53 26.05
N ASP H 126 4.71 6.63 26.71
CA ASP H 126 6.13 6.47 26.43
C ASP H 126 6.35 5.59 25.20
N GLY H 127 7.39 5.92 24.43
CA GLY H 127 7.76 5.11 23.28
C GLY H 127 7.11 5.63 22.01
N GLU H 128 5.96 5.07 21.67
CA GLU H 128 5.28 5.39 20.41
C GLU H 128 3.90 5.98 20.67
N ASN H 129 3.48 6.89 19.80
CA ASN H 129 2.16 7.50 19.91
C ASN H 129 1.58 7.81 18.54
N VAL H 130 0.28 8.08 18.49
CA VAL H 130 -0.37 8.51 17.26
C VAL H 130 -1.64 9.29 17.56
N LEU H 131 -1.80 10.44 16.89
CA LEU H 131 -3.03 11.21 16.98
C LEU H 131 -3.97 10.89 15.81
N HIS H 132 -5.26 10.90 16.09
CA HIS H 132 -6.26 10.52 15.08
C HIS H 132 -7.09 11.73 14.65
N TYR H 133 -7.07 12.02 13.35
CA TYR H 133 -7.83 13.12 12.81
C TYR H 133 -8.59 12.72 11.55
N THR H 134 -9.73 13.34 11.32
CA THR H 134 -10.53 13.08 10.12
C THR H 134 -10.77 14.36 9.33
N ALA H 135 -10.85 14.23 8.01
CA ALA H 135 -11.13 15.37 7.14
C ALA H 135 -12.27 15.06 6.18
N VAL H 136 -13.17 16.02 6.00
CA VAL H 136 -14.30 15.86 5.10
C VAL H 136 -14.50 17.10 4.25
N VAL H 137 -15.16 16.93 3.11
CA VAL H 137 -15.53 18.06 2.25
C VAL H 137 -17.03 18.32 2.29
N LYS H 138 -17.40 19.59 2.35
CA LYS H 138 -18.80 19.98 2.31
C LYS H 138 -18.98 21.30 1.57
N LYS H 139 -20.21 21.60 1.18
CA LYS H 139 -20.57 22.92 0.68
C LYS H 139 -20.29 23.99 1.74
N SER H 140 -19.50 24.99 1.36
CA SER H 140 -19.06 26.01 2.31
C SER H 140 -20.25 26.66 3.00
N SER H 141 -20.05 27.09 4.25
CA SER H 141 -21.09 27.75 5.02
C SER H 141 -21.13 29.24 4.72
N ALA H 142 -20.26 29.69 3.82
CA ALA H 142 -20.22 31.08 3.41
C ALA H 142 -21.57 31.52 2.84
N VAL H 143 -21.88 32.80 3.00
CA VAL H 143 -23.15 33.34 2.52
C VAL H 143 -23.20 33.36 1.00
N GLY H 144 -24.19 32.67 0.44
CA GLY H 144 -24.38 32.62 -1.01
C GLY H 144 -23.49 31.57 -1.64
N ALA H 145 -22.87 30.74 -0.81
CA ALA H 145 -22.00 29.67 -1.29
C ALA H 145 -22.72 28.80 -2.31
N ALA H 146 -22.00 28.39 -3.35
CA ALA H 146 -22.55 27.50 -4.36
C ALA H 146 -21.47 26.62 -4.97
N VAL H 147 -21.80 25.36 -5.20
CA VAL H 147 -20.82 24.37 -5.65
C VAL H 147 -20.58 24.48 -7.14
N THR H 148 -19.33 24.76 -7.52
CA THR H 148 -18.96 24.84 -8.92
C THR H 148 -18.32 23.55 -9.40
N GLU H 149 -18.68 23.11 -10.60
CA GLU H 149 -18.17 21.88 -11.17
C GLU H 149 -16.72 22.03 -11.62
N GLY H 150 -15.81 22.13 -10.66
CA GLY H 150 -14.40 22.32 -10.96
C GLY H 150 -13.53 21.43 -10.07
N ALA H 151 -12.29 21.87 -9.86
CA ALA H 151 -11.33 21.10 -9.07
C ALA H 151 -11.17 21.67 -7.66
N PHE H 152 -10.65 20.87 -6.76
CA PHE H 152 -10.38 21.31 -5.40
C PHE H 152 -8.89 21.36 -5.11
N SER H 153 -8.48 22.34 -4.32
CA SER H 153 -7.08 22.46 -3.90
C SER H 153 -6.95 23.36 -2.68
N ALA H 154 -6.30 22.84 -1.64
CA ALA H 154 -6.10 23.60 -0.40
C ALA H 154 -4.86 23.15 0.33
N VAL H 155 -4.24 24.08 1.06
CA VAL H 155 -3.06 23.76 1.86
C VAL H 155 -3.19 24.29 3.28
N ALA H 156 -2.91 23.43 4.25
CA ALA H 156 -2.95 23.83 5.66
C ALA H 156 -1.64 23.47 6.36
N ASN H 157 -1.20 24.35 7.25
CA ASN H 157 0.00 24.11 8.03
C ASN H 157 -0.29 24.13 9.53
N PHE H 158 0.56 23.46 10.30
CA PHE H 158 0.37 23.34 11.74
C PHE H 158 1.69 23.24 12.47
N ASN H 159 1.72 23.71 13.72
CA ASN H 159 2.86 23.46 14.61
C ASN H 159 2.48 22.53 15.75
N LEU H 160 3.47 21.83 16.28
CA LEU H 160 3.24 20.91 17.38
C LEU H 160 4.04 21.30 18.62
N THR H 161 3.37 21.46 19.74
CA THR H 161 4.02 21.81 20.99
C THR H 161 3.82 20.73 22.04
N TYR H 162 4.76 20.64 22.98
CA TYR H 162 4.75 19.56 23.97
C TYR H 162 4.58 20.12 25.38
N GLN H 163 3.65 19.53 26.12
CA GLN H 163 3.47 19.88 27.53
C GLN H 163 3.29 18.63 28.38
N ALA I 1 -0.56 31.25 -43.59
CA ALA I 1 -0.29 30.02 -44.32
C ALA I 1 0.44 29.01 -43.45
N PRO I 2 1.72 29.25 -43.19
CA PRO I 2 2.61 28.22 -42.69
C PRO I 2 1.87 27.24 -41.78
N THR I 3 2.04 25.95 -42.05
CA THR I 3 1.33 24.91 -41.32
C THR I 3 1.87 24.78 -39.90
N ILE I 4 0.98 24.49 -38.95
CA ILE I 4 1.36 24.32 -37.56
C ILE I 4 0.91 22.96 -37.03
N PRO I 5 1.86 22.10 -36.70
CA PRO I 5 1.56 20.80 -36.12
C PRO I 5 0.65 20.94 -34.91
N GLN I 6 -0.27 19.98 -34.75
CA GLN I 6 -1.31 20.09 -33.74
C GLN I 6 -0.79 19.67 -32.37
N GLY I 7 0.47 19.27 -32.31
CA GLY I 7 1.11 18.91 -31.05
C GLY I 7 2.55 18.45 -31.27
N GLN I 8 3.49 19.31 -30.93
CA GLN I 8 4.91 18.98 -31.03
C GLN I 8 5.50 18.64 -29.67
N GLY I 9 6.35 17.62 -29.63
CA GLY I 9 6.97 17.18 -28.38
C GLY I 9 8.34 16.58 -28.63
N LYS I 10 9.10 16.38 -27.57
CA LYS I 10 10.46 15.84 -27.68
C LYS I 10 10.80 14.97 -26.48
N VAL I 11 11.49 13.86 -26.73
CA VAL I 11 11.97 12.99 -25.67
C VAL I 11 13.45 12.69 -25.82
N THR I 12 14.18 12.77 -24.73
CA THR I 12 15.62 12.48 -24.74
C THR I 12 15.92 11.19 -23.98
N PHE I 13 17.11 10.63 -24.22
CA PHE I 13 17.50 9.37 -23.60
C PHE I 13 18.94 9.44 -23.09
N ASN I 14 19.15 8.88 -21.90
CA ASN I 14 20.48 8.87 -21.29
C ASN I 14 20.74 7.54 -20.59
N GLY I 15 22.03 7.20 -20.46
CA GLY I 15 22.43 6.03 -19.70
C GLY I 15 23.91 5.72 -19.90
N THR I 16 24.34 4.57 -19.39
CA THR I 16 25.70 4.09 -19.62
C THR I 16 25.78 2.58 -19.48
N VAL I 17 26.94 2.03 -19.84
CA VAL I 17 27.13 0.58 -19.80
C VAL I 17 28.53 0.23 -19.30
N VAL I 18 28.61 -0.80 -18.46
CA VAL I 18 29.87 -1.25 -17.92
C VAL I 18 30.07 -2.75 -18.13
N ASP I 19 31.23 -3.26 -17.74
CA ASP I 19 31.59 -4.64 -18.00
C ASP I 19 30.96 -5.59 -16.98
N ALA I 20 30.15 -5.03 -16.09
CA ALA I 20 29.47 -5.81 -15.07
C ALA I 20 28.59 -6.88 -15.70
N PRO I 21 28.40 -7.98 -14.98
CA PRO I 21 27.53 -9.06 -15.44
C PRO I 21 26.07 -8.71 -15.21
N CYS I 22 25.82 -7.70 -14.39
CA CYS I 22 24.46 -7.32 -14.02
C CYS I 22 24.25 -5.82 -14.21
N SER I 23 23.01 -5.43 -14.48
CA SER I 23 22.68 -4.03 -14.73
C SER I 23 22.18 -3.36 -13.45
N ILE I 24 22.30 -2.03 -13.41
CA ILE I 24 21.89 -1.27 -12.24
C ILE I 24 20.88 -0.19 -12.61
N SER I 25 19.67 -0.31 -12.09
CA SER I 25 18.62 0.67 -12.33
C SER I 25 18.99 2.02 -11.72
N GLN I 26 18.71 3.09 -12.46
CA GLN I 26 18.99 4.44 -11.98
C GLN I 26 18.37 4.67 -10.60
N LYS I 27 17.21 4.08 -10.38
CA LYS I 27 16.45 4.32 -9.15
C LYS I 27 17.27 3.98 -7.92
N SER I 28 18.23 3.06 -8.08
CA SER I 28 19.07 2.64 -6.98
C SER I 28 20.46 3.25 -7.09
N ALA I 29 20.92 3.47 -8.31
CA ALA I 29 22.21 4.10 -8.55
C ALA I 29 22.37 5.35 -7.70
N ASP I 30 21.32 6.17 -7.64
CA ASP I 30 21.29 7.32 -6.75
C ASP I 30 19.99 7.36 -5.95
N GLN I 31 20.04 7.96 -4.77
CA GLN I 31 18.87 8.05 -3.90
C GLN I 31 19.14 8.95 -2.71
N SER I 32 18.12 9.17 -1.89
CA SER I 32 18.21 10.09 -0.77
C SER I 32 17.36 9.61 0.41
N ILE I 33 17.89 9.80 1.62
CA ILE I 33 17.18 9.39 2.83
C ILE I 33 16.81 10.59 3.69
N ASP I 34 15.56 10.62 4.14
CA ASP I 34 15.09 11.68 5.01
C ASP I 34 14.64 11.12 6.36
N PHE I 35 15.29 11.60 7.43
CA PHE I 35 15.01 11.09 8.77
C PHE I 35 13.98 11.97 9.48
N GLY I 36 13.42 12.92 8.76
CA GLY I 36 12.38 13.79 9.30
C GLY I 36 12.91 14.62 10.46
N GLN I 37 12.13 14.67 11.55
CA GLN I 37 12.49 15.46 12.71
C GLN I 37 12.77 14.58 13.92
N LEU I 38 13.91 14.83 14.56
CA LEU I 38 14.35 13.99 15.68
C LEU I 38 14.32 14.76 16.99
N SER I 39 14.14 14.03 18.09
CA SER I 39 14.24 14.62 19.42
C SER I 39 15.69 14.75 19.86
N LYS I 40 16.09 15.97 20.23
CA LYS I 40 17.40 16.20 20.80
C LYS I 40 17.63 15.34 22.05
N SER I 41 16.75 15.50 23.03
CA SER I 41 16.85 14.75 24.28
C SER I 41 17.08 13.27 24.00
N PHE I 42 16.30 12.71 23.09
CA PHE I 42 16.42 11.30 22.72
C PHE I 42 17.83 10.97 22.26
N LEU I 43 18.34 11.76 21.30
CA LEU I 43 19.69 11.59 20.80
C LEU I 43 20.72 11.80 21.90
N GLU I 44 20.49 12.81 22.73
CA GLU I 44 21.39 13.12 23.84
C GLU I 44 21.44 11.97 24.83
N ALA I 45 20.33 11.25 24.96
CA ALA I 45 20.26 10.09 25.84
C ALA I 45 20.97 8.89 25.22
N GLY I 46 21.57 9.10 24.05
CA GLY I 46 22.27 8.03 23.34
C GLY I 46 21.32 7.19 22.52
N GLY I 47 20.11 7.71 22.29
CA GLY I 47 19.11 7.00 21.51
C GLY I 47 19.49 6.92 20.05
N VAL I 48 18.76 6.12 19.29
CA VAL I 48 19.02 5.95 17.87
C VAL I 48 17.71 5.87 17.07
N SER I 49 17.69 6.51 15.91
CA SER I 49 16.49 6.58 15.09
C SER I 49 16.14 5.23 14.50
N LYS I 50 15.01 5.17 13.80
CA LYS I 50 14.58 3.94 13.15
C LYS I 50 15.33 3.71 11.84
N PRO I 51 15.46 2.45 11.45
CA PRO I 51 16.25 2.08 10.28
C PRO I 51 15.54 2.51 9.00
N MET I 52 16.31 3.09 8.08
CA MET I 52 15.80 3.43 6.76
C MET I 52 16.33 2.48 5.69
N ASP I 53 15.51 2.20 4.69
CA ASP I 53 15.85 1.21 3.67
C ASP I 53 16.74 1.82 2.59
N LEU I 54 17.99 1.36 2.53
CA LEU I 54 18.90 1.77 1.47
C LEU I 54 19.14 0.63 0.48
N ASP I 55 18.11 -0.17 0.24
CA ASP I 55 18.24 -1.38 -0.55
C ASP I 55 18.67 -1.07 -1.98
N ILE I 56 19.51 -1.93 -2.54
CA ILE I 56 20.00 -1.75 -3.90
C ILE I 56 19.60 -2.91 -4.79
N GLU I 57 18.74 -2.65 -5.76
CA GLU I 57 18.22 -3.70 -6.63
C GLU I 57 19.08 -3.86 -7.87
N LEU I 58 19.52 -5.09 -8.13
CA LEU I 58 20.25 -5.42 -9.35
C LEU I 58 19.38 -6.22 -10.31
N VAL I 59 19.47 -5.89 -11.59
CA VAL I 59 18.55 -6.43 -12.59
C VAL I 59 19.32 -7.04 -13.75
N ASN I 60 18.71 -8.03 -14.41
CA ASN I 60 19.33 -8.68 -15.55
C ASN I 60 20.76 -9.10 -15.24
N CYS I 61 20.92 -9.98 -14.26
CA CYS I 61 22.23 -10.36 -13.77
C CYS I 61 22.78 -11.56 -14.53
N ASP I 62 21.89 -12.47 -14.90
CA ASP I 62 22.29 -13.69 -15.60
C ASP I 62 23.77 -13.97 -15.42
N ILE I 63 24.14 -14.44 -14.24
CA ILE I 63 25.54 -14.65 -13.90
C ILE I 63 25.99 -16.06 -14.21
N THR I 64 25.23 -16.75 -15.05
CA THR I 64 25.56 -18.10 -15.47
C THR I 64 26.94 -18.15 -16.12
N ALA I 65 27.00 -17.78 -17.39
CA ALA I 65 28.26 -17.75 -18.12
C ALA I 65 29.34 -17.02 -17.32
N PHE I 66 28.95 -15.95 -16.65
CA PHE I 66 29.88 -15.17 -15.86
C PHE I 66 30.62 -16.04 -14.84
N LYS I 67 29.87 -16.54 -13.86
CA LYS I 67 30.46 -17.29 -12.75
C LYS I 67 31.21 -18.52 -13.25
N GLY I 68 30.83 -19.00 -14.43
CA GLY I 68 31.49 -20.15 -15.04
C GLY I 68 32.87 -19.77 -15.57
N GLY I 69 32.89 -18.89 -16.57
CA GLY I 69 34.12 -18.58 -17.30
C GLY I 69 35.13 -17.87 -16.39
N ASN I 70 34.62 -17.17 -15.39
CA ASN I 70 35.46 -16.34 -14.54
C ASN I 70 35.93 -17.10 -13.31
N GLY I 71 35.66 -18.40 -13.29
CA GLY I 71 36.20 -19.28 -12.25
C GLY I 71 35.91 -18.74 -10.86
N ALA I 72 36.98 -18.49 -10.10
CA ALA I 72 36.84 -18.12 -8.70
C ALA I 72 35.68 -17.14 -8.50
N LYS I 73 35.49 -16.24 -9.46
CA LYS I 73 34.42 -15.27 -9.39
C LYS I 73 33.05 -15.94 -9.48
N LYS I 74 32.61 -16.50 -8.37
CA LYS I 74 31.39 -17.30 -8.35
C LYS I 74 30.22 -16.48 -7.80
N GLY I 75 29.93 -15.36 -8.45
CA GLY I 75 28.66 -14.67 -8.28
C GLY I 75 28.56 -14.05 -6.89
N THR I 76 29.52 -13.20 -6.54
CA THR I 76 29.42 -12.37 -5.36
C THR I 76 29.76 -10.92 -5.68
N VAL I 77 29.25 -10.01 -4.85
CA VAL I 77 29.54 -8.58 -5.02
C VAL I 77 29.84 -7.92 -3.68
N LYS I 78 30.41 -6.72 -3.73
CA LYS I 78 30.70 -5.96 -2.53
C LYS I 78 30.74 -4.46 -2.82
N LEU I 79 30.48 -3.66 -1.79
CA LEU I 79 30.41 -2.21 -1.96
C LEU I 79 31.55 -1.51 -1.22
N ALA I 80 32.02 -0.40 -1.78
CA ALA I 80 33.05 0.40 -1.13
C ALA I 80 32.56 1.83 -0.91
N PHE I 81 32.04 2.09 0.28
CA PHE I 81 31.47 3.39 0.61
C PHE I 81 32.55 4.40 0.95
N THR I 82 32.35 5.65 0.55
CA THR I 82 33.33 6.70 0.78
C THR I 82 32.65 7.98 1.26
N GLY I 83 33.18 8.56 2.34
CA GLY I 83 32.70 9.84 2.83
C GLY I 83 33.44 10.25 4.10
N PRO I 84 33.10 11.42 4.63
CA PRO I 84 33.66 11.88 5.89
C PRO I 84 33.30 10.95 7.04
N ILE I 85 34.29 10.58 7.83
CA ILE I 85 34.09 9.62 8.92
C ILE I 85 34.50 10.22 10.25
N VAL I 86 33.90 9.72 11.33
CA VAL I 86 34.31 10.09 12.68
C VAL I 86 35.56 9.33 13.11
N ASN I 87 36.52 10.06 13.65
CA ASN I 87 37.83 9.50 13.93
C ASN I 87 37.74 8.30 14.87
N GLY I 88 38.43 7.22 14.51
CA GLY I 88 38.56 6.06 15.39
C GLY I 88 37.30 5.20 15.33
N HIS I 89 36.44 5.47 14.37
CA HIS I 89 35.19 4.72 14.23
C HIS I 89 34.99 4.27 12.79
N SER I 90 35.12 5.20 11.84
CA SER I 90 35.13 4.85 10.43
C SER I 90 33.74 4.49 9.94
N ASP I 91 33.07 3.60 10.67
CA ASP I 91 31.73 3.17 10.32
C ASP I 91 30.69 4.20 10.73
N GLU I 92 31.16 5.36 11.16
CA GLU I 92 30.28 6.44 11.60
C GLU I 92 30.42 7.67 10.72
N LEU I 93 29.35 8.02 10.02
CA LEU I 93 29.40 9.07 9.00
C LEU I 93 29.37 10.45 9.63
N ASP I 94 30.43 11.22 9.39
CA ASP I 94 30.53 12.58 9.92
C ASP I 94 29.68 13.54 9.11
N THR I 95 28.41 13.64 9.46
CA THR I 95 27.47 14.50 8.74
C THR I 95 28.00 15.92 8.63
N ASN I 96 27.46 16.67 7.68
CA ASN I 96 27.82 18.08 7.51
C ASN I 96 26.81 18.99 8.21
N GLY I 97 27.25 19.62 9.29
CA GLY I 97 26.38 20.52 10.06
C GLY I 97 27.03 20.91 11.38
N GLY I 98 26.30 21.70 12.17
CA GLY I 98 26.81 22.15 13.46
C GLY I 98 26.24 21.32 14.60
N THR I 99 25.96 20.05 14.31
CA THR I 99 25.41 19.14 15.30
C THR I 99 26.42 18.08 15.71
N GLY I 100 26.24 17.52 16.90
CA GLY I 100 27.06 16.39 17.35
C GLY I 100 26.38 15.07 17.04
N THR I 101 25.95 14.90 15.79
CA THR I 101 25.26 13.68 15.39
C THR I 101 25.98 13.01 14.21
N ALA I 102 25.61 11.77 13.93
CA ALA I 102 26.23 11.01 12.85
C ALA I 102 25.29 9.94 12.32
N ILE I 103 25.63 9.40 11.15
CA ILE I 103 24.80 8.38 10.51
C ILE I 103 25.55 7.06 10.37
N VAL I 104 24.90 5.96 10.71
CA VAL I 104 25.49 4.64 10.58
C VAL I 104 24.65 3.74 9.69
N VAL I 105 25.24 3.29 8.59
CA VAL I 105 24.60 2.30 7.72
C VAL I 105 25.07 0.89 8.04
N GLN I 106 24.14 -0.06 8.08
CA GLN I 106 24.45 -1.41 8.50
C GLN I 106 24.04 -2.42 7.43
N GLY I 107 24.82 -3.48 7.29
CA GLY I 107 24.52 -4.55 6.35
C GLY I 107 24.67 -5.92 6.99
N ALA I 108 23.56 -6.66 7.06
CA ALA I 108 23.53 -7.93 7.76
C ALA I 108 24.02 -7.79 9.20
N GLY I 109 24.91 -8.67 9.61
CA GLY I 109 25.48 -8.63 10.96
C GLY I 109 26.72 -7.73 11.01
N LYS I 110 26.91 -6.94 9.96
CA LYS I 110 28.08 -6.07 9.86
C LYS I 110 27.67 -4.61 9.70
N ASN I 111 28.61 -3.70 9.93
CA ASN I 111 28.39 -2.29 9.69
C ASN I 111 29.09 -1.82 8.41
N VAL I 112 28.58 -0.75 7.82
CA VAL I 112 29.20 -0.16 6.63
C VAL I 112 30.25 0.87 7.03
N VAL I 113 31.40 0.83 6.36
CA VAL I 113 32.46 1.78 6.59
C VAL I 113 32.66 2.69 5.39
N PHE I 114 32.87 3.98 5.64
CA PHE I 114 32.90 4.97 4.58
C PHE I 114 34.34 5.44 4.31
N ASP I 115 35.29 4.53 4.46
CA ASP I 115 36.70 4.86 4.29
C ASP I 115 37.21 4.42 2.92
N GLY I 116 36.29 3.98 2.07
CA GLY I 116 36.62 3.64 0.69
C GLY I 116 36.96 2.16 0.55
N SER I 117 37.04 1.47 1.68
CA SER I 117 37.32 0.04 1.67
C SER I 117 36.10 -0.77 1.27
N GLU I 118 36.33 -1.97 0.74
CA GLU I 118 35.24 -2.85 0.32
C GLU I 118 34.67 -3.62 1.49
N GLY I 119 33.38 -3.90 1.44
CA GLY I 119 32.72 -4.68 2.48
C GLY I 119 32.75 -6.17 2.15
N ASP I 120 31.94 -6.95 2.85
CA ASP I 120 31.89 -8.40 2.66
C ASP I 120 31.29 -8.76 1.31
N ALA I 121 31.80 -9.84 0.71
CA ALA I 121 31.23 -10.37 -0.52
C ALA I 121 29.82 -10.89 -0.30
N ASN I 122 28.93 -10.60 -1.25
CA ASN I 122 27.53 -10.98 -1.12
C ASN I 122 27.09 -11.86 -2.29
N THR I 123 26.75 -13.11 -1.98
CA THR I 123 26.27 -14.04 -3.00
C THR I 123 24.99 -13.53 -3.66
N LEU I 124 24.92 -13.67 -4.98
CA LEU I 124 23.72 -13.29 -5.72
C LEU I 124 23.34 -14.38 -6.72
N LYS I 125 22.09 -14.32 -7.19
CA LYS I 125 21.56 -15.36 -8.07
C LYS I 125 21.37 -14.83 -9.49
N ASP I 126 20.84 -15.68 -10.36
CA ASP I 126 20.62 -15.31 -11.75
C ASP I 126 19.35 -14.50 -11.92
N GLY I 127 19.38 -13.54 -12.85
CA GLY I 127 18.19 -12.74 -13.16
C GLY I 127 18.15 -11.48 -12.34
N GLU I 128 17.45 -11.52 -11.21
CA GLU I 128 17.23 -10.33 -10.39
C GLU I 128 17.82 -10.51 -8.99
N ASN I 129 18.30 -9.43 -8.42
CA ASN I 129 18.86 -9.46 -7.06
C ASN I 129 18.58 -8.15 -6.32
N VAL I 130 18.76 -8.17 -5.01
CA VAL I 130 18.65 -6.97 -4.21
C VAL I 130 19.44 -7.09 -2.91
N LEU I 131 20.21 -6.06 -2.58
CA LEU I 131 20.91 -6.00 -1.30
C LEU I 131 20.13 -5.18 -0.29
N HIS I 132 20.18 -5.59 0.97
CA HIS I 132 19.41 -4.95 2.02
C HIS I 132 20.32 -4.19 2.99
N TYR I 133 20.07 -2.89 3.13
CA TYR I 133 20.85 -2.05 4.04
C TYR I 133 19.94 -1.17 4.87
N THR I 134 20.39 -0.85 6.09
CA THR I 134 19.65 0.04 6.97
C THR I 134 20.50 1.23 7.41
N ALA I 135 19.86 2.37 7.60
CA ALA I 135 20.54 3.57 8.07
C ALA I 135 19.84 4.18 9.27
N VAL I 136 20.62 4.60 10.26
CA VAL I 136 20.08 5.21 11.46
C VAL I 136 20.87 6.45 11.85
N VAL I 137 20.24 7.35 12.61
CA VAL I 137 20.92 8.52 13.15
C VAL I 137 21.12 8.39 14.65
N LYS I 138 22.30 8.78 15.12
CA LYS I 138 22.59 8.80 16.56
C LYS I 138 23.51 9.96 16.91
N LYS I 139 23.58 10.28 18.20
CA LYS I 139 24.58 11.19 18.71
C LYS I 139 25.99 10.68 18.42
N SER I 140 26.79 11.51 17.76
CA SER I 140 28.11 11.10 17.31
C SER I 140 28.95 10.57 18.48
N SER I 141 29.83 9.62 18.18
CA SER I 141 30.70 9.04 19.20
C SER I 141 31.96 9.88 19.39
N ALA I 142 32.04 10.98 18.65
CA ALA I 142 33.17 11.90 18.78
C ALA I 142 33.29 12.43 20.21
N VAL I 143 34.52 12.74 20.61
CA VAL I 143 34.78 13.23 21.96
C VAL I 143 34.19 14.61 22.17
N GLY I 144 33.31 14.73 23.15
CA GLY I 144 32.69 16.01 23.47
C GLY I 144 31.49 16.29 22.57
N ALA I 145 31.09 15.29 21.79
CA ALA I 145 29.94 15.42 20.91
C ALA I 145 28.73 15.93 21.65
N ALA I 146 27.96 16.81 21.01
CA ALA I 146 26.73 17.33 21.58
C ALA I 146 25.71 17.67 20.50
N VAL I 147 24.45 17.35 20.74
CA VAL I 147 23.41 17.50 19.73
C VAL I 147 22.93 18.95 19.65
N THR I 148 23.08 19.55 18.47
CA THR I 148 22.62 20.91 18.26
C THR I 148 21.26 20.93 17.56
N GLU I 149 20.38 21.81 18.02
CA GLU I 149 19.03 21.90 17.46
C GLU I 149 19.05 22.57 16.09
N GLY I 150 19.56 21.84 15.09
CA GLY I 150 19.67 22.38 13.74
C GLY I 150 19.24 21.34 12.71
N ALA I 151 19.77 21.46 11.49
CA ALA I 151 19.40 20.56 10.40
C ALA I 151 20.49 19.52 10.15
N PHE I 152 20.12 18.45 9.47
CA PHE I 152 21.08 17.42 9.11
C PHE I 152 21.30 17.35 7.60
N SER I 153 22.53 17.07 7.18
CA SER I 153 22.85 16.90 5.78
C SER I 153 24.16 16.16 5.59
N ALA I 154 24.13 15.09 4.80
CA ALA I 154 25.31 14.29 4.55
C ALA I 154 25.24 13.60 3.19
N VAL I 155 26.40 13.36 2.59
CA VAL I 155 26.47 12.67 1.30
C VAL I 155 27.50 11.56 1.34
N ALA I 156 27.11 10.37 0.89
CA ALA I 156 28.02 9.24 0.81
C ALA I 156 28.03 8.62 -0.58
N ASN I 157 29.21 8.20 -1.03
CA ASN I 157 29.34 7.55 -2.33
C ASN I 157 29.92 6.16 -2.19
N PHE I 158 29.65 5.30 -3.16
CA PHE I 158 30.11 3.91 -3.13
C PHE I 158 30.35 3.37 -4.53
N ASN I 159 31.27 2.42 -4.64
CA ASN I 159 31.45 1.67 -5.88
C ASN I 159 31.02 0.22 -5.69
N LEU I 160 30.63 -0.43 -6.79
CA LEU I 160 30.20 -1.82 -6.76
C LEU I 160 31.09 -2.69 -7.65
N THR I 161 31.65 -3.74 -7.08
CA THR I 161 32.49 -4.66 -7.82
C THR I 161 31.91 -6.07 -7.82
N TYR I 162 32.22 -6.84 -8.86
CA TYR I 162 31.63 -8.16 -9.04
C TYR I 162 32.68 -9.25 -8.97
N GLN I 163 32.41 -10.28 -8.17
CA GLN I 163 33.27 -11.46 -8.11
C GLN I 163 32.45 -12.74 -8.11
N ALA J 1 15.50 57.38 4.09
CA ALA J 1 14.09 57.61 3.79
C ALA J 1 13.53 56.50 2.90
N PRO J 2 13.90 56.54 1.63
CA PRO J 2 13.19 55.79 0.60
C PRO J 2 12.61 54.49 1.17
N THR J 3 11.33 54.26 0.92
CA THR J 3 10.65 53.09 1.45
C THR J 3 11.10 51.81 0.77
N ILE J 4 11.18 50.73 1.53
CA ILE J 4 11.59 49.43 0.99
C ILE J 4 10.54 48.37 1.28
N PRO J 5 9.91 47.85 0.23
CA PRO J 5 8.93 46.79 0.36
C PRO J 5 9.50 45.62 1.15
N GLN J 6 8.65 44.98 1.96
CA GLN J 6 9.11 43.97 2.89
C GLN J 6 9.29 42.62 2.21
N GLY J 7 8.98 42.57 0.92
CA GLY J 7 9.18 41.36 0.13
C GLY J 7 8.72 41.57 -1.31
N GLN J 8 9.69 41.70 -2.22
CA GLN J 8 9.39 41.85 -3.64
C GLN J 8 9.64 40.55 -4.39
N GLY J 9 8.75 40.23 -5.32
CA GLY J 9 8.86 39.00 -6.09
C GLY J 9 8.25 39.17 -7.48
N LYS J 10 8.52 38.22 -8.36
CA LYS J 10 8.04 38.28 -9.74
C LYS J 10 7.72 36.88 -10.28
N VAL J 11 6.64 36.78 -11.03
CA VAL J 11 6.27 35.53 -11.68
C VAL J 11 5.98 35.74 -13.16
N THR J 12 6.52 34.86 -14.00
CA THR J 12 6.30 34.94 -15.44
C THR J 12 5.42 33.79 -15.92
N PHE J 13 4.87 33.95 -17.12
CA PHE J 13 3.97 32.95 -17.68
C PHE J 13 4.28 32.68 -19.14
N ASN J 14 4.25 31.41 -19.53
CA ASN J 14 4.53 31.02 -20.91
C ASN J 14 3.60 29.90 -21.36
N GLY J 15 3.39 29.80 -22.67
CA GLY J 15 2.62 28.70 -23.24
C GLY J 15 2.31 28.95 -24.71
N THR J 16 1.48 28.10 -25.30
CA THR J 16 1.00 28.29 -26.66
C THR J 16 -0.33 27.59 -26.89
N VAL J 17 -0.95 27.86 -28.04
CA VAL J 17 -2.25 27.28 -28.36
C VAL J 17 -2.32 26.87 -29.81
N VAL J 18 -2.93 25.71 -30.07
CA VAL J 18 -3.08 25.19 -31.42
C VAL J 18 -4.54 24.84 -31.71
N ASP J 19 -4.81 24.44 -32.94
CA ASP J 19 -6.17 24.18 -33.40
C ASP J 19 -6.65 22.81 -32.95
N ALA J 20 -5.81 22.11 -32.19
CA ALA J 20 -6.16 20.79 -31.69
C ALA J 20 -7.42 20.84 -30.84
N PRO J 21 -8.16 19.73 -30.81
CA PRO J 21 -9.36 19.63 -30.00
C PRO J 21 -9.01 19.35 -28.54
N CYS J 22 -7.76 18.96 -28.30
CA CYS J 22 -7.32 18.61 -26.96
C CYS J 22 -6.03 19.34 -26.60
N SER J 23 -5.81 19.57 -25.31
CA SER J 23 -4.64 20.30 -24.84
C SER J 23 -3.54 19.34 -24.41
N ILE J 24 -2.30 19.82 -24.44
CA ILE J 24 -1.15 19.01 -24.09
C ILE J 24 -0.35 19.63 -22.96
N SER J 25 -0.30 18.95 -21.82
CA SER J 25 0.48 19.42 -20.67
C SER J 25 1.96 19.44 -20.99
N GLN J 26 2.64 20.49 -20.54
CA GLN J 26 4.09 20.61 -20.76
C GLN J 26 4.82 19.36 -20.25
N LYS J 27 4.32 18.78 -19.18
CA LYS J 27 4.99 17.65 -18.53
C LYS J 27 5.19 16.49 -19.50
N SER J 28 4.33 16.42 -20.51
CA SER J 28 4.40 15.35 -21.50
C SER J 28 4.98 15.87 -22.82
N ALA J 29 4.71 17.12 -23.12
CA ALA J 29 5.25 17.76 -24.32
C ALA J 29 6.74 17.48 -24.46
N ASP J 30 7.47 17.62 -23.37
CA ASP J 30 8.88 17.24 -23.33
C ASP J 30 9.17 16.36 -22.12
N GLN J 31 10.20 15.52 -22.24
CA GLN J 31 10.58 14.61 -21.16
C GLN J 31 11.89 13.91 -21.47
N SER J 32 12.37 13.11 -20.52
CA SER J 32 13.67 12.46 -20.65
C SER J 32 13.66 11.10 -19.97
N ILE J 33 14.33 10.13 -20.60
CA ILE J 33 14.40 8.78 -20.06
C ILE J 33 15.82 8.41 -19.67
N ASP J 34 15.99 7.85 -18.48
CA ASP J 34 17.30 7.40 -18.01
C ASP J 34 17.30 5.90 -17.75
N PHE J 35 18.17 5.19 -18.46
CA PHE J 35 18.23 3.73 -18.37
C PHE J 35 19.28 3.29 -17.35
N GLY J 36 19.85 4.25 -16.64
CA GLY J 36 20.81 3.97 -15.59
C GLY J 36 22.06 3.29 -16.15
N GLN J 37 22.50 2.22 -15.50
CA GLN J 37 23.71 1.51 -15.91
C GLN J 37 23.38 0.11 -16.38
N LEU J 38 23.91 -0.25 -17.56
CA LEU J 38 23.59 -1.53 -18.18
C LEU J 38 24.82 -2.44 -18.21
N SER J 39 24.58 -3.75 -18.21
CA SER J 39 25.64 -4.72 -18.40
C SER J 39 25.99 -4.89 -19.87
N LYS J 40 27.26 -4.70 -20.20
CA LYS J 40 27.76 -4.98 -21.54
C LYS J 40 27.47 -6.42 -21.96
N SER J 41 27.98 -7.36 -21.18
CA SER J 41 27.77 -8.78 -21.47
C SER J 41 26.32 -9.07 -21.79
N PHE J 42 25.41 -8.55 -20.97
CA PHE J 42 23.99 -8.75 -21.17
C PHE J 42 23.54 -8.27 -22.55
N LEU J 43 23.91 -7.04 -22.89
CA LEU J 43 23.61 -6.47 -24.19
C LEU J 43 24.28 -7.26 -25.30
N GLU J 44 25.53 -7.65 -25.08
CA GLU J 44 26.27 -8.43 -26.06
C GLU J 44 25.61 -9.78 -26.31
N ALA J 45 24.96 -10.32 -25.28
CA ALA J 45 24.24 -11.57 -25.39
C ALA J 45 22.92 -11.39 -26.14
N GLY J 46 22.67 -10.16 -26.58
CA GLY J 46 21.45 -9.84 -27.31
C GLY J 46 20.31 -9.53 -26.35
N GLY J 47 20.65 -9.28 -25.09
CA GLY J 47 19.66 -8.98 -24.07
C GLY J 47 19.02 -7.62 -24.30
N VAL J 48 17.95 -7.32 -23.57
CA VAL J 48 17.25 -6.05 -23.69
C VAL J 48 16.81 -5.53 -22.33
N SER J 49 16.94 -4.22 -22.14
CA SER J 49 16.64 -3.60 -20.86
C SER J 49 15.15 -3.62 -20.56
N LYS J 50 14.78 -3.15 -19.38
CA LYS J 50 13.38 -3.09 -18.98
C LYS J 50 12.68 -1.89 -19.61
N PRO J 51 11.37 -2.01 -19.81
CA PRO J 51 10.60 -0.98 -20.50
C PRO J 51 10.46 0.27 -19.64
N MET J 52 10.65 1.43 -20.26
CA MET J 52 10.43 2.71 -19.58
C MET J 52 9.16 3.37 -20.09
N ASP J 53 8.47 4.08 -19.19
CA ASP J 53 7.18 4.67 -19.51
C ASP J 53 7.34 6.01 -20.23
N LEU J 54 6.94 6.05 -21.50
CA LEU J 54 6.94 7.28 -22.26
C LEU J 54 5.52 7.78 -22.49
N ASP J 55 4.65 7.56 -21.51
CA ASP J 55 3.22 7.82 -21.67
C ASP J 55 2.96 9.30 -21.92
N ILE J 56 1.98 9.59 -22.77
CA ILE J 56 1.62 10.97 -23.10
C ILE J 56 0.19 11.27 -22.70
N GLU J 57 0.01 12.15 -21.72
CA GLU J 57 -1.31 12.47 -21.20
C GLU J 57 -1.91 13.66 -21.96
N LEU J 58 -3.13 13.46 -22.47
CA LEU J 58 -3.88 14.54 -23.09
C LEU J 58 -5.03 15.00 -22.21
N VAL J 59 -5.23 16.31 -22.13
CA VAL J 59 -6.15 16.89 -21.17
C VAL J 59 -7.14 17.83 -21.85
N ASN J 60 -8.33 17.96 -21.27
CA ASN J 60 -9.37 18.83 -21.83
C ASN J 60 -9.57 18.56 -23.31
N CYS J 61 -9.98 17.34 -23.63
CA CYS J 61 -10.09 16.91 -25.03
C CYS J 61 -11.47 17.22 -25.58
N ASP J 62 -12.49 17.09 -24.75
CA ASP J 62 -13.87 17.31 -25.17
C ASP J 62 -13.99 17.23 -26.68
N ILE J 63 -13.95 16.00 -27.21
CA ILE J 63 -13.95 15.80 -28.65
C ILE J 63 -15.37 15.59 -29.18
N THR J 64 -16.35 16.00 -28.40
CA THR J 64 -17.74 15.89 -28.80
C THR J 64 -18.00 16.64 -30.10
N ALA J 65 -18.16 17.96 -30.00
CA ALA J 65 -18.37 18.80 -31.17
C ALA J 65 -17.35 18.48 -32.26
N PHE J 66 -16.12 18.23 -31.85
CA PHE J 66 -15.05 17.92 -32.80
C PHE J 66 -15.42 16.76 -33.70
N LYS J 67 -15.53 15.57 -33.11
CA LYS J 67 -15.75 14.35 -33.87
C LYS J 67 -17.05 14.42 -34.66
N GLY J 68 -17.97 15.27 -34.21
CA GLY J 68 -19.23 15.46 -34.89
C GLY J 68 -19.05 16.27 -36.17
N GLY J 69 -18.63 17.52 -36.02
CA GLY J 69 -18.59 18.45 -37.14
C GLY J 69 -17.55 18.04 -38.18
N ASN J 70 -16.52 17.33 -37.71
CA ASN J 70 -15.39 16.98 -38.57
C ASN J 70 -15.58 15.63 -39.21
N GLY J 71 -16.79 15.07 -39.06
CA GLY J 71 -17.17 13.85 -39.78
C GLY J 71 -16.13 12.75 -39.58
N ALA J 72 -15.56 12.29 -40.70
CA ALA J 72 -14.67 11.14 -40.67
C ALA J 72 -13.74 11.18 -39.47
N LYS J 73 -13.30 12.39 -39.11
CA LYS J 73 -12.42 12.57 -37.96
C LYS J 73 -13.12 12.22 -36.66
N LYS J 74 -13.22 10.92 -36.39
CA LYS J 74 -13.98 10.43 -35.23
C LYS J 74 -13.07 10.11 -34.06
N GLY J 75 -12.29 11.10 -33.62
CA GLY J 75 -11.64 11.04 -32.32
C GLY J 75 -10.53 10.00 -32.31
N THR J 76 -9.59 10.14 -33.23
CA THR J 76 -8.34 9.37 -33.18
C THR J 76 -7.13 10.27 -33.36
N VAL J 77 -5.98 9.80 -32.86
CA VAL J 77 -4.74 10.54 -33.01
C VAL J 77 -3.59 9.61 -33.39
N LYS J 78 -2.49 10.20 -33.85
CA LYS J 78 -1.30 9.43 -34.19
C LYS J 78 -0.03 10.28 -34.08
N LEU J 79 1.09 9.62 -33.87
CA LEU J 79 2.36 10.33 -33.66
C LEU J 79 3.33 10.07 -34.80
N ALA J 80 4.15 11.07 -35.12
CA ALA J 80 5.18 10.92 -36.13
C ALA J 80 6.56 11.20 -35.55
N PHE J 81 7.25 10.15 -35.13
CA PHE J 81 8.55 10.29 -34.49
C PHE J 81 9.65 10.50 -35.53
N THR J 82 10.63 11.33 -35.17
CA THR J 82 11.73 11.65 -36.07
C THR J 82 13.06 11.61 -35.35
N GLY J 83 14.04 10.93 -35.94
CA GLY J 83 15.39 10.90 -35.40
C GLY J 83 16.29 10.00 -36.23
N PRO J 84 17.57 9.93 -35.85
CA PRO J 84 18.52 9.03 -36.50
C PRO J 84 18.10 7.58 -36.33
N ILE J 85 18.11 6.84 -37.44
CA ILE J 85 17.65 5.45 -37.42
C ILE J 85 18.74 4.51 -37.91
N VAL J 86 18.68 3.26 -37.47
CA VAL J 86 19.57 2.22 -37.97
C VAL J 86 19.09 1.70 -39.33
N ASN J 87 20.01 1.59 -40.27
CA ASN J 87 19.66 1.29 -41.65
C ASN J 87 18.91 -0.04 -41.75
N GLY J 88 17.81 -0.04 -42.49
CA GLY J 88 17.10 -1.27 -42.80
C GLY J 88 16.24 -1.72 -41.63
N HIS J 89 16.07 -0.84 -40.65
CA HIS J 89 15.29 -1.16 -39.46
C HIS J 89 14.29 -0.05 -39.15
N SER J 90 14.78 1.18 -39.10
CA SER J 90 13.90 2.35 -39.00
C SER J 90 13.31 2.48 -37.60
N ASP J 91 12.76 1.38 -37.10
CA ASP J 91 12.19 1.36 -35.76
C ASP J 91 13.26 1.26 -34.69
N GLU J 92 14.52 1.39 -35.10
CA GLU J 92 15.64 1.28 -34.18
C GLU J 92 16.43 2.58 -34.13
N LEU J 93 16.43 3.22 -32.97
CA LEU J 93 16.99 4.56 -32.82
C LEU J 93 18.51 4.53 -32.75
N ASP J 94 19.17 5.18 -33.70
CA ASP J 94 20.62 5.22 -33.75
C ASP J 94 21.17 6.23 -32.74
N THR J 95 21.34 5.79 -31.50
CA THR J 95 21.81 6.66 -30.43
C THR J 95 23.10 7.38 -30.82
N ASN J 96 23.39 8.47 -30.14
CA ASN J 96 24.63 9.21 -30.35
C ASN J 96 25.70 8.80 -29.35
N GLY J 97 26.72 8.11 -29.83
CA GLY J 97 27.81 7.64 -28.98
C GLY J 97 28.72 6.68 -29.72
N GLY J 98 29.73 6.16 -29.03
CA GLY J 98 30.67 5.23 -29.61
C GLY J 98 30.34 3.79 -29.24
N THR J 99 29.05 3.54 -29.03
CA THR J 99 28.59 2.20 -28.66
C THR J 99 27.80 1.55 -29.80
N GLY J 100 27.75 0.22 -29.79
CA GLY J 100 26.93 -0.52 -30.74
C GLY J 100 25.56 -0.84 -30.15
N THR J 101 24.90 0.18 -29.61
CA THR J 101 23.60 0.00 -28.99
C THR J 101 22.55 0.91 -29.63
N ALA J 102 21.28 0.63 -29.33
CA ALA J 102 20.19 1.40 -29.91
C ALA J 102 18.94 1.35 -29.02
N ILE J 103 18.01 2.25 -29.27
CA ILE J 103 16.79 2.33 -28.47
C ILE J 103 15.55 2.04 -29.32
N VAL J 104 14.65 1.23 -28.79
CA VAL J 104 13.41 0.90 -29.48
C VAL J 104 12.20 1.27 -28.62
N VAL J 105 11.37 2.16 -29.14
CA VAL J 105 10.11 2.50 -28.50
C VAL J 105 8.95 1.72 -29.12
N GLN J 106 8.06 1.21 -28.28
CA GLN J 106 6.98 0.33 -28.74
C GLN J 106 5.63 0.87 -28.31
N GLY J 107 4.63 0.67 -29.16
CA GLY J 107 3.27 1.09 -28.86
C GLY J 107 2.26 -0.01 -29.18
N ALA J 108 1.58 -0.50 -28.16
CA ALA J 108 0.69 -1.64 -28.31
C ALA J 108 1.40 -2.83 -28.92
N GLY J 109 0.78 -3.44 -29.93
CA GLY J 109 1.38 -4.57 -30.62
C GLY J 109 2.26 -4.12 -31.77
N LYS J 110 2.59 -2.83 -31.79
CA LYS J 110 3.39 -2.26 -32.87
C LYS J 110 4.66 -1.60 -32.32
N ASN J 111 5.60 -1.33 -33.20
CA ASN J 111 6.81 -0.59 -32.84
C ASN J 111 6.76 0.84 -33.37
N VAL J 112 7.48 1.73 -32.70
CA VAL J 112 7.58 3.11 -33.16
C VAL J 112 8.72 3.29 -34.15
N VAL J 113 8.46 4.03 -35.22
CA VAL J 113 9.47 4.33 -36.23
C VAL J 113 9.84 5.80 -36.23
N PHE J 114 11.13 6.09 -36.36
CA PHE J 114 11.62 7.46 -36.19
C PHE J 114 12.00 8.06 -37.54
N ASP J 115 11.25 7.69 -38.58
CA ASP J 115 11.55 8.16 -39.93
C ASP J 115 10.62 9.30 -40.33
N GLY J 116 9.84 9.79 -39.37
CA GLY J 116 9.01 10.96 -39.58
C GLY J 116 7.60 10.56 -40.03
N SER J 117 7.41 9.28 -40.29
CA SER J 117 6.11 8.76 -40.69
C SER J 117 5.16 8.66 -39.50
N GLU J 118 3.86 8.70 -39.78
CA GLU J 118 2.85 8.61 -38.73
C GLU J 118 2.57 7.16 -38.36
N GLY J 119 2.25 6.94 -37.08
CA GLY J 119 1.92 5.60 -36.61
C GLY J 119 0.42 5.33 -36.73
N ASP J 120 -0.04 4.29 -36.05
CA ASP J 120 -1.45 3.90 -36.12
C ASP J 120 -2.34 4.92 -35.42
N ALA J 121 -3.55 5.11 -35.94
CA ALA J 121 -4.54 5.96 -35.30
C ALA J 121 -4.98 5.37 -33.96
N ASN J 122 -5.13 6.23 -32.96
CA ASN J 122 -5.48 5.80 -31.62
C ASN J 122 -6.76 6.47 -31.14
N THR J 123 -7.80 5.66 -30.93
CA THR J 123 -9.07 6.17 -30.43
C THR J 123 -8.90 6.81 -29.06
N LEU J 124 -9.55 7.96 -28.86
CA LEU J 124 -9.56 8.63 -27.57
C LEU J 124 -10.96 9.06 -27.17
N LYS J 125 -11.14 9.37 -25.90
CA LYS J 125 -12.46 9.69 -25.36
C LYS J 125 -12.54 11.17 -24.98
N ASP J 126 -13.68 11.57 -24.43
CA ASP J 126 -13.90 12.96 -24.05
C ASP J 126 -13.27 13.26 -22.70
N GLY J 127 -12.76 14.49 -22.55
CA GLY J 127 -12.20 14.93 -21.29
C GLY J 127 -10.70 14.66 -21.22
N GLU J 128 -10.33 13.53 -20.65
CA GLU J 128 -8.93 13.21 -20.42
C GLU J 128 -8.51 11.94 -21.15
N ASN J 129 -7.27 11.89 -21.59
CA ASN J 129 -6.74 10.71 -22.28
C ASN J 129 -5.26 10.51 -21.98
N VAL J 130 -4.75 9.33 -22.29
CA VAL J 130 -3.34 9.05 -22.17
C VAL J 130 -2.91 7.91 -23.09
N LEU J 131 -1.81 8.12 -23.80
CA LEU J 131 -1.22 7.06 -24.62
C LEU J 131 -0.09 6.35 -23.88
N HIS J 132 0.03 5.05 -24.11
CA HIS J 132 1.00 4.24 -23.39
C HIS J 132 2.11 3.76 -24.32
N TYR J 133 3.36 4.10 -23.97
CA TYR J 133 4.50 3.70 -24.77
C TYR J 133 5.62 3.17 -23.89
N THR J 134 6.40 2.24 -24.42
CA THR J 134 7.55 1.68 -23.71
C THR J 134 8.84 1.85 -24.50
N ALA J 135 9.94 2.03 -23.78
CA ALA J 135 11.25 2.16 -24.41
C ALA J 135 12.26 1.20 -23.78
N VAL J 136 13.06 0.57 -24.63
CA VAL J 136 14.09 -0.36 -24.15
C VAL J 136 15.40 -0.14 -24.88
N VAL J 137 16.50 -0.57 -24.26
CA VAL J 137 17.81 -0.51 -24.89
C VAL J 137 18.30 -1.92 -25.25
N LYS J 138 18.89 -2.04 -26.44
CA LYS J 138 19.47 -3.30 -26.87
C LYS J 138 20.72 -3.06 -27.72
N LYS J 139 21.52 -4.11 -27.89
CA LYS J 139 22.60 -4.10 -28.87
C LYS J 139 22.07 -3.85 -30.27
N SER J 140 22.59 -2.82 -30.92
CA SER J 140 22.09 -2.40 -32.23
C SER J 140 22.09 -3.57 -33.21
N SER J 141 21.14 -3.55 -34.14
CA SER J 141 21.04 -4.60 -35.15
C SER J 141 21.94 -4.28 -36.36
N ALA J 142 22.66 -3.17 -36.27
CA ALA J 142 23.60 -2.79 -37.32
C ALA J 142 24.65 -3.87 -37.54
N VAL J 143 25.14 -3.97 -38.78
CA VAL J 143 26.13 -4.98 -39.12
C VAL J 143 27.47 -4.70 -38.45
N GLY J 144 27.93 -5.67 -37.66
CA GLY J 144 29.21 -5.55 -36.97
C GLY J 144 29.06 -4.77 -35.67
N ALA J 145 27.83 -4.50 -35.28
CA ALA J 145 27.55 -3.78 -34.04
C ALA J 145 28.27 -4.42 -32.86
N ALA J 146 28.79 -3.58 -31.97
CA ALA J 146 29.45 -4.06 -30.76
C ALA J 146 29.29 -3.07 -29.62
N VAL J 147 29.05 -3.58 -28.42
CA VAL J 147 28.76 -2.73 -27.28
C VAL J 147 30.03 -2.16 -26.67
N THR J 148 30.13 -0.83 -26.65
CA THR J 148 31.27 -0.16 -26.05
C THR J 148 30.96 0.30 -24.64
N GLU J 149 31.92 0.13 -23.73
CA GLU J 149 31.74 0.50 -22.34
C GLU J 149 31.80 2.01 -22.15
N GLY J 150 30.77 2.71 -22.62
CA GLY J 150 30.72 4.16 -22.54
C GLY J 150 29.34 4.64 -22.10
N ALA J 151 28.99 5.86 -22.49
CA ALA J 151 27.73 6.47 -22.09
C ALA J 151 26.73 6.43 -23.23
N PHE J 152 25.45 6.59 -22.89
CA PHE J 152 24.39 6.65 -23.90
C PHE J 152 23.75 8.02 -23.95
N SER J 153 23.37 8.45 -25.16
CA SER J 153 22.68 9.71 -25.34
C SER J 153 21.97 9.76 -26.70
N ALA J 154 20.68 10.06 -26.66
CA ALA J 154 19.88 10.12 -27.88
C ALA J 154 18.71 11.09 -27.73
N VAL J 155 18.30 11.70 -28.83
CA VAL J 155 17.16 12.61 -28.83
C VAL J 155 16.19 12.29 -29.96
N ALA J 156 14.91 12.19 -29.62
CA ALA J 156 13.87 11.93 -30.62
C ALA J 156 12.75 12.95 -30.52
N ASN J 157 12.23 13.36 -31.68
CA ASN J 157 11.13 14.31 -31.73
C ASN J 157 9.92 13.72 -32.45
N PHE J 158 8.74 14.24 -32.15
CA PHE J 158 7.50 13.73 -32.73
C PHE J 158 6.46 14.83 -32.87
N ASN J 159 5.58 14.67 -33.85
CA ASN J 159 4.41 15.54 -33.96
C ASN J 159 3.13 14.76 -33.68
N LEU J 160 2.09 15.46 -33.23
CA LEU J 160 0.81 14.83 -32.93
C LEU J 160 -0.30 15.43 -33.78
N THR J 161 -1.03 14.56 -34.50
CA THR J 161 -2.14 14.99 -35.33
C THR J 161 -3.46 14.37 -34.86
N TYR J 162 -4.56 15.06 -35.14
CA TYR J 162 -5.86 14.64 -34.64
C TYR J 162 -6.79 14.28 -35.78
N GLN J 163 -7.43 13.12 -35.69
CA GLN J 163 -8.46 12.72 -36.63
C GLN J 163 -9.67 12.12 -35.93
N ALA K 1 58.90 25.99 -14.49
CA ALA K 1 58.94 26.18 -13.05
C ALA K 1 57.56 26.49 -12.50
N PRO K 2 57.08 27.72 -12.73
CA PRO K 2 55.96 28.27 -11.98
C PRO K 2 54.98 27.19 -11.58
N THR K 3 54.63 27.16 -10.30
CA THR K 3 53.74 26.12 -9.77
C THR K 3 52.31 26.32 -10.27
N ILE K 4 51.62 25.21 -10.51
CA ILE K 4 50.24 25.26 -10.96
C ILE K 4 49.33 24.45 -10.04
N PRO K 5 48.42 25.13 -9.36
CA PRO K 5 47.45 24.47 -8.49
C PRO K 5 46.71 23.37 -9.23
N GLN K 6 46.42 22.28 -8.53
CA GLN K 6 45.88 21.08 -9.17
C GLN K 6 44.38 21.21 -9.39
N GLY K 7 43.81 22.34 -8.95
CA GLY K 7 42.40 22.61 -9.17
C GLY K 7 42.00 23.95 -8.55
N GLN K 8 41.80 24.95 -9.41
CA GLN K 8 41.37 26.27 -8.95
C GLN K 8 39.88 26.48 -9.23
N GLY K 9 39.19 27.09 -8.28
CA GLY K 9 37.76 27.35 -8.41
C GLY K 9 37.35 28.61 -7.66
N LYS K 10 36.13 29.06 -7.92
CA LYS K 10 35.63 30.28 -7.29
C LYS K 10 34.12 30.20 -7.04
N VAL K 11 33.69 30.70 -5.89
CA VAL K 11 32.27 30.77 -5.57
C VAL K 11 31.87 32.17 -5.12
N THR K 12 30.76 32.66 -5.65
CA THR K 12 30.25 33.98 -5.27
C THR K 12 28.97 33.87 -4.45
N PHE K 13 28.62 34.95 -3.76
CA PHE K 13 27.44 34.96 -2.90
C PHE K 13 26.63 36.24 -3.08
N ASN K 14 25.32 36.09 -3.12
CA ASN K 14 24.43 37.23 -3.28
C ASN K 14 23.18 37.09 -2.41
N GLY K 15 22.57 38.22 -2.07
CA GLY K 15 21.31 38.22 -1.34
C GLY K 15 20.95 39.62 -0.87
N THR K 16 19.90 39.71 -0.05
CA THR K 16 19.53 40.97 0.57
C THR K 16 18.74 40.74 1.86
N VAL K 17 18.50 41.81 2.60
CA VAL K 17 17.80 41.73 3.88
C VAL K 17 16.84 42.88 4.07
N VAL K 18 15.65 42.58 4.60
CA VAL K 18 14.65 43.61 4.85
C VAL K 18 14.16 43.55 6.29
N ASP K 19 13.28 44.49 6.64
CA ASP K 19 12.83 44.63 8.02
C ASP K 19 11.72 43.62 8.35
N ALA K 20 11.40 42.77 7.37
CA ALA K 20 10.38 41.75 7.55
C ALA K 20 10.72 40.84 8.72
N PRO K 21 9.68 40.30 9.36
CA PRO K 21 9.86 39.36 10.46
C PRO K 21 10.21 37.97 9.93
N CYS K 22 9.99 37.75 8.64
CA CYS K 22 10.21 36.44 8.03
C CYS K 22 11.06 36.57 6.77
N SER K 23 11.80 35.50 6.47
CA SER K 23 12.69 35.51 5.31
C SER K 23 12.02 34.88 4.09
N ILE K 24 12.50 35.25 2.91
CA ILE K 24 11.93 34.75 1.66
C ILE K 24 12.99 34.07 0.81
N SER K 25 12.81 32.77 0.59
CA SER K 25 13.72 32.00 -0.26
C SER K 25 13.66 32.48 -1.70
N GLN K 26 14.82 32.57 -2.34
CA GLN K 26 14.91 33.00 -3.73
C GLN K 26 13.99 32.15 -4.62
N LYS K 27 13.86 30.87 -4.28
CA LYS K 27 13.11 29.94 -5.10
C LYS K 27 11.67 30.40 -5.30
N SER K 28 11.17 31.18 -4.35
CA SER K 28 9.81 31.68 -4.41
C SER K 28 9.78 33.16 -4.80
N ALA K 29 10.80 33.89 -4.40
CA ALA K 29 10.93 35.30 -4.76
C ALA K 29 10.67 35.51 -6.24
N ASP K 30 11.26 34.65 -7.07
CA ASP K 30 10.98 34.64 -8.50
C ASP K 30 10.66 33.24 -8.99
N GLN K 31 9.89 33.15 -10.07
CA GLN K 31 9.49 31.87 -10.63
C GLN K 31 8.77 32.04 -11.96
N SER K 32 8.43 30.92 -12.60
CA SER K 32 7.83 30.95 -13.92
C SER K 32 6.84 29.81 -14.10
N ILE K 33 5.73 30.09 -14.77
CA ILE K 33 4.71 29.08 -15.02
C ILE K 33 4.58 28.77 -16.51
N ASP K 34 4.53 27.48 -16.83
CA ASP K 34 4.36 27.05 -18.21
C ASP K 34 3.08 26.24 -18.37
N PHE K 35 2.18 26.72 -19.22
CA PHE K 35 0.88 26.08 -19.41
C PHE K 35 0.91 25.10 -20.59
N GLY K 36 2.11 24.90 -21.14
CA GLY K 36 2.29 23.95 -22.23
C GLY K 36 1.50 24.36 -23.46
N GLN K 37 0.79 23.40 -24.05
CA GLN K 37 0.02 23.66 -25.27
C GLN K 37 -1.47 23.51 -25.03
N LEU K 38 -2.24 24.50 -25.46
CA LEU K 38 -3.68 24.54 -25.19
C LEU K 38 -4.48 24.37 -26.47
N SER K 39 -5.69 23.83 -26.35
CA SER K 39 -6.62 23.76 -27.47
C SER K 39 -7.34 25.09 -27.67
N LYS K 40 -7.25 25.62 -28.88
CA LYS K 40 -8.01 26.81 -29.27
C LYS K 40 -9.50 26.59 -29.05
N SER K 41 -10.05 25.57 -29.71
CA SER K 41 -11.48 25.26 -29.60
C SER K 41 -11.92 25.26 -28.15
N PHE K 42 -11.16 24.60 -27.29
CA PHE K 42 -11.47 24.52 -25.87
C PHE K 42 -11.60 25.91 -25.26
N LEU K 43 -10.57 26.74 -25.49
CA LEU K 43 -10.59 28.12 -25.00
C LEU K 43 -11.73 28.91 -25.62
N GLU K 44 -11.95 28.71 -26.91
CA GLU K 44 -13.02 29.39 -27.62
C GLU K 44 -14.38 29.01 -27.05
N ALA K 45 -14.49 27.78 -26.56
CA ALA K 45 -15.72 27.32 -25.93
C ALA K 45 -15.89 27.91 -24.53
N GLY K 46 -14.94 28.76 -24.14
CA GLY K 46 -14.99 29.39 -22.82
C GLY K 46 -14.36 28.49 -21.76
N GLY K 47 -13.63 27.48 -22.22
CA GLY K 47 -12.99 26.54 -21.30
C GLY K 47 -11.85 27.20 -20.53
N VAL K 48 -11.33 26.50 -19.53
CA VAL K 48 -10.24 27.02 -18.72
C VAL K 48 -9.24 25.92 -18.37
N SER K 49 -7.95 26.28 -18.41
CA SER K 49 -6.89 25.30 -18.20
C SER K 49 -6.85 24.84 -16.75
N LYS K 50 -5.97 23.89 -16.46
CA LYS K 50 -5.80 23.38 -15.11
C LYS K 50 -4.98 24.32 -14.24
N PRO K 51 -5.21 24.30 -12.94
CA PRO K 51 -4.57 25.22 -12.03
C PRO K 51 -3.09 24.90 -11.87
N MET K 52 -2.26 25.94 -11.90
CA MET K 52 -0.83 25.79 -11.64
C MET K 52 -0.46 26.34 -10.27
N ASP K 53 0.51 25.73 -9.62
CA ASP K 53 0.89 26.08 -8.26
C ASP K 53 1.83 27.27 -8.24
N LEU K 54 1.36 28.39 -7.71
CA LEU K 54 2.19 29.57 -7.52
C LEU K 54 2.50 29.79 -6.04
N ASP K 55 2.65 28.70 -5.30
CA ASP K 55 2.77 28.77 -3.85
C ASP K 55 4.03 29.54 -3.45
N ILE K 56 3.93 30.30 -2.36
CA ILE K 56 5.04 31.08 -1.86
C ILE K 56 5.43 30.67 -0.45
N GLU K 57 6.61 30.09 -0.31
CA GLU K 57 7.06 29.57 0.98
C GLU K 57 7.83 30.65 1.76
N LEU K 58 7.40 30.88 2.99
CA LEU K 58 8.13 31.78 3.90
C LEU K 58 8.85 31.00 4.98
N VAL K 59 10.08 31.41 5.28
CA VAL K 59 10.95 30.64 6.16
C VAL K 59 11.51 31.51 7.28
N ASN K 60 11.82 30.87 8.41
CA ASN K 60 12.36 31.58 9.56
C ASN K 60 11.52 32.81 9.89
N CYS K 61 10.25 32.58 10.23
CA CYS K 61 9.31 33.67 10.44
C CYS K 61 9.31 34.12 11.90
N ASP K 62 9.50 33.18 12.81
CA ASP K 62 9.48 33.47 14.24
C ASP K 62 8.80 34.81 14.52
N ILE K 63 7.47 34.83 14.43
CA ILE K 63 6.71 36.06 14.55
C ILE K 63 6.26 36.29 15.98
N THR K 64 6.91 35.60 16.92
CA THR K 64 6.60 35.75 18.34
C THR K 64 6.76 37.20 18.78
N ALA K 65 8.00 37.60 19.04
CA ALA K 65 8.30 38.96 19.43
C ALA K 65 7.62 39.97 18.52
N PHE K 66 7.60 39.66 17.22
CA PHE K 66 6.99 40.54 16.23
C PHE K 66 5.55 40.86 16.60
N LYS K 67 4.69 39.85 16.55
CA LYS K 67 3.25 40.04 16.74
C LYS K 67 2.97 40.62 18.12
N GLY K 68 3.88 40.41 19.05
CA GLY K 68 3.74 40.96 20.40
C GLY K 68 3.98 42.47 20.42
N GLY K 69 5.21 42.86 20.08
CA GLY K 69 5.63 44.25 20.24
C GLY K 69 4.88 45.17 19.28
N ASN K 70 4.45 44.61 18.15
CA ASN K 70 3.83 45.40 17.09
C ASN K 70 2.32 45.43 17.23
N GLY K 71 1.82 44.92 18.36
CA GLY K 71 0.41 45.06 18.71
C GLY K 71 -0.48 44.59 17.57
N ALA K 72 -1.33 45.49 17.08
CA ALA K 72 -2.33 45.14 16.09
C ALA K 72 -1.79 44.18 15.05
N LYS K 73 -0.52 44.36 14.69
CA LYS K 73 0.14 43.51 13.71
C LYS K 73 0.30 42.09 14.24
N LYS K 74 -0.79 41.32 14.21
CA LYS K 74 -0.81 39.99 14.80
C LYS K 74 -0.62 38.91 13.75
N GLY K 75 0.49 38.99 13.02
CA GLY K 75 0.98 37.86 12.23
C GLY K 75 0.08 37.59 11.04
N THR K 76 -0.12 38.60 10.21
CA THR K 76 -0.77 38.42 8.92
C THR K 76 0.02 39.08 7.81
N VAL K 77 -0.16 38.59 6.58
CA VAL K 77 0.50 39.17 5.41
C VAL K 77 -0.46 39.30 4.25
N LYS K 78 -0.06 40.09 3.25
CA LYS K 78 -0.85 40.25 2.04
C LYS K 78 0.02 40.65 0.85
N LEU K 79 -0.45 40.34 -0.35
CA LEU K 79 0.31 40.57 -1.57
C LEU K 79 -0.34 41.65 -2.43
N ALA K 80 0.49 42.42 -3.13
CA ALA K 80 -0.01 43.43 -4.06
C ALA K 80 0.53 43.19 -5.46
N PHE K 81 -0.25 42.47 -6.28
CA PHE K 81 0.17 42.10 -7.62
C PHE K 81 0.01 43.27 -8.59
N THR K 82 0.94 43.39 -9.53
CA THR K 82 0.92 44.48 -10.49
C THR K 82 1.23 43.98 -11.90
N GLY K 83 0.40 44.37 -12.86
CA GLY K 83 0.64 44.05 -14.26
C GLY K 83 -0.48 44.56 -15.14
N PRO K 84 -0.35 44.35 -16.45
CA PRO K 84 -1.39 44.72 -17.40
C PRO K 84 -2.68 43.94 -17.13
N ILE K 85 -3.79 44.66 -17.08
CA ILE K 85 -5.07 44.06 -16.75
C ILE K 85 -6.10 44.28 -17.86
N VAL K 86 -7.07 43.39 -17.94
CA VAL K 86 -8.20 43.56 -18.86
C VAL K 86 -9.23 44.53 -18.30
N ASN K 87 -9.65 45.48 -19.12
CA ASN K 87 -10.49 46.57 -18.65
C ASN K 87 -11.78 46.05 -18.02
N GLY K 88 -12.11 46.59 -16.85
CA GLY K 88 -13.40 46.30 -16.22
C GLY K 88 -13.38 44.95 -15.52
N HIS K 89 -12.19 44.37 -15.39
CA HIS K 89 -12.04 43.07 -14.76
C HIS K 89 -10.94 43.09 -13.70
N SER K 90 -9.77 43.58 -14.09
CA SER K 90 -8.69 43.84 -13.13
C SER K 90 -8.04 42.53 -12.68
N ASP K 91 -8.86 41.57 -12.28
CA ASP K 91 -8.38 40.27 -11.85
C ASP K 91 -8.01 39.39 -13.03
N GLU K 92 -8.01 39.97 -14.22
CA GLU K 92 -7.70 39.23 -15.44
C GLU K 92 -6.46 39.80 -16.12
N LEU K 93 -5.41 38.98 -16.18
CA LEU K 93 -4.11 39.44 -16.64
C LEU K 93 -4.05 39.55 -18.16
N ASP K 94 -3.81 40.76 -18.65
CA ASP K 94 -3.73 41.00 -20.09
C ASP K 94 -2.38 40.54 -20.65
N THR K 95 -2.30 39.25 -20.98
CA THR K 95 -1.05 38.67 -21.48
C THR K 95 -0.50 39.47 -22.65
N ASN K 96 0.78 39.29 -22.93
CA ASN K 96 1.42 39.95 -24.07
C ASN K 96 1.48 39.00 -25.26
N GLY K 97 0.69 39.31 -26.29
CA GLY K 97 0.64 38.49 -27.50
C GLY K 97 -0.51 38.91 -28.41
N GLY K 98 -0.66 38.21 -29.52
CA GLY K 98 -1.71 38.50 -30.48
C GLY K 98 -2.91 37.56 -30.30
N THR K 99 -3.11 37.10 -29.07
CA THR K 99 -4.20 36.19 -28.76
C THR K 99 -5.28 36.87 -27.92
N GLY K 100 -6.49 36.34 -27.98
CA GLY K 100 -7.58 36.82 -27.13
C GLY K 100 -7.69 35.99 -25.86
N THR K 101 -6.57 35.80 -25.17
CA THR K 101 -6.53 35.00 -23.96
C THR K 101 -6.00 35.81 -22.78
N ALA K 102 -6.18 35.27 -21.58
CA ALA K 102 -5.74 35.96 -20.36
C ALA K 102 -5.48 34.96 -19.23
N ILE K 103 -4.79 35.42 -18.20
CA ILE K 103 -4.45 34.58 -17.07
C ILE K 103 -5.09 35.08 -15.78
N VAL K 104 -5.66 34.17 -15.01
CA VAL K 104 -6.28 34.51 -13.73
C VAL K 104 -5.66 33.73 -12.59
N VAL K 105 -5.06 34.44 -11.64
CA VAL K 105 -4.55 33.81 -10.42
C VAL K 105 -5.55 33.93 -9.29
N GLN K 106 -5.72 32.86 -8.54
CA GLN K 106 -6.74 32.80 -7.50
C GLN K 106 -6.14 32.45 -6.14
N GLY K 107 -6.69 33.03 -5.09
CA GLY K 107 -6.23 32.73 -3.72
C GLY K 107 -7.41 32.48 -2.79
N ALA K 108 -7.48 31.25 -2.26
CA ALA K 108 -8.62 30.84 -1.46
C ALA K 108 -9.93 31.04 -2.21
N GLY K 109 -10.91 31.65 -1.54
CA GLY K 109 -12.20 31.90 -2.15
C GLY K 109 -12.21 33.25 -2.87
N LYS K 110 -11.02 33.81 -3.09
CA LYS K 110 -10.89 35.11 -3.73
C LYS K 110 -10.02 35.03 -4.97
N ASN K 111 -10.09 36.06 -5.81
CA ASN K 111 -9.21 36.16 -6.98
C ASN K 111 -8.12 37.19 -6.75
N VAL K 112 -7.01 37.03 -7.46
CA VAL K 112 -5.91 37.98 -7.40
C VAL K 112 -6.10 39.11 -8.41
N VAL K 113 -5.85 40.34 -7.98
CA VAL K 113 -5.95 41.50 -8.86
C VAL K 113 -4.57 42.12 -9.09
N PHE K 114 -4.31 42.51 -10.34
CA PHE K 114 -2.98 42.96 -10.74
C PHE K 114 -2.94 44.47 -10.92
N ASP K 115 -3.72 45.18 -10.11
CA ASP K 115 -3.81 46.64 -10.22
C ASP K 115 -2.96 47.32 -9.16
N GLY K 116 -2.16 46.53 -8.44
CA GLY K 116 -1.19 47.07 -7.49
C GLY K 116 -1.78 47.16 -6.09
N SER K 117 -3.08 46.86 -5.98
CA SER K 117 -3.76 46.86 -4.69
C SER K 117 -3.41 45.62 -3.89
N GLU K 118 -3.54 45.73 -2.57
CA GLU K 118 -3.24 44.61 -1.68
C GLU K 118 -4.44 43.67 -1.56
N GLY K 119 -4.15 42.37 -1.40
CA GLY K 119 -5.20 41.38 -1.22
C GLY K 119 -5.55 41.20 0.25
N ASP K 120 -6.26 40.12 0.56
CA ASP K 120 -6.69 39.85 1.92
C ASP K 120 -5.51 39.49 2.81
N ALA K 121 -5.60 39.89 4.08
CA ALA K 121 -4.60 39.51 5.07
C ALA K 121 -4.62 38.01 5.32
N ASN K 122 -3.44 37.40 5.44
CA ASN K 122 -3.32 35.97 5.61
C ASN K 122 -2.57 35.63 6.89
N THR K 123 -3.26 34.99 7.83
CA THR K 123 -2.65 34.58 9.09
C THR K 123 -1.52 33.59 8.85
N LEU K 124 -0.41 33.78 9.56
CA LEU K 124 0.72 32.85 9.48
C LEU K 124 1.22 32.49 10.87
N LYS K 125 1.99 31.40 10.94
CA LYS K 125 2.46 30.88 12.22
C LYS K 125 3.96 31.10 12.39
N ASP K 126 4.51 30.61 13.50
CA ASP K 126 5.91 30.76 13.79
C ASP K 126 6.76 29.72 13.06
N GLY K 127 7.95 30.13 12.63
CA GLY K 127 8.88 29.22 11.98
C GLY K 127 8.73 29.25 10.47
N GLU K 128 7.92 28.33 9.95
CA GLU K 128 7.77 28.17 8.51
C GLU K 128 6.33 28.40 8.08
N ASN K 129 6.15 28.95 6.88
CA ASN K 129 4.83 29.19 6.33
C ASN K 129 4.82 29.02 4.82
N VAL K 130 3.63 28.91 4.25
CA VAL K 130 3.46 28.87 2.79
C VAL K 130 2.08 29.33 2.38
N LEU K 131 2.02 30.19 1.38
CA LEU K 131 0.75 30.61 0.79
C LEU K 131 0.44 29.80 -0.46
N HIS K 132 -0.85 29.51 -0.67
CA HIS K 132 -1.28 28.67 -1.78
C HIS K 132 -2.03 29.47 -2.83
N TYR K 133 -1.54 29.46 -4.06
CA TYR K 133 -2.18 30.17 -5.16
C TYR K 133 -2.28 29.30 -6.39
N THR K 134 -3.32 29.53 -7.20
CA THR K 134 -3.50 28.80 -8.44
C THR K 134 -3.61 29.75 -9.63
N ALA K 135 -3.12 29.31 -10.79
CA ALA K 135 -3.20 30.09 -12.01
C ALA K 135 -3.80 29.29 -13.15
N VAL K 136 -4.68 29.91 -13.92
CA VAL K 136 -5.31 29.24 -15.05
C VAL K 136 -5.34 30.16 -16.27
N VAL K 137 -5.45 29.56 -17.45
CA VAL K 137 -5.60 30.33 -18.69
C VAL K 137 -7.01 30.18 -19.25
N LYS K 138 -7.57 31.28 -19.72
CA LYS K 138 -8.88 31.26 -20.37
C LYS K 138 -8.95 32.29 -21.49
N LYS K 139 -9.95 32.15 -22.36
CA LYS K 139 -10.29 33.18 -23.32
C LYS K 139 -10.63 34.48 -22.64
N SER K 140 -9.93 35.56 -23.01
CA SER K 140 -10.08 36.84 -22.33
C SER K 140 -11.53 37.28 -22.34
N SER K 141 -11.92 38.02 -21.30
CA SER K 141 -13.29 38.54 -21.19
C SER K 141 -13.44 39.86 -21.92
N ALA K 142 -12.36 40.30 -22.55
CA ALA K 142 -12.38 41.53 -23.35
C ALA K 142 -13.43 41.45 -24.45
N VAL K 143 -13.99 42.60 -24.83
CA VAL K 143 -15.01 42.65 -25.85
C VAL K 143 -14.45 42.30 -27.23
N GLY K 144 -15.00 41.27 -27.84
CA GLY K 144 -14.58 40.85 -29.17
C GLY K 144 -13.35 39.96 -29.10
N ALA K 145 -13.00 39.54 -27.89
CA ALA K 145 -11.86 38.66 -27.68
C ALA K 145 -11.95 37.42 -28.57
N ALA K 146 -10.81 37.00 -29.11
CA ALA K 146 -10.75 35.79 -29.92
C ALA K 146 -9.39 35.12 -29.80
N VAL K 147 -9.39 33.79 -29.72
CA VAL K 147 -8.17 33.03 -29.48
C VAL K 147 -7.36 32.86 -30.75
N THR K 148 -6.14 33.37 -30.74
CA THR K 148 -5.24 33.23 -31.88
C THR K 148 -4.26 32.08 -31.68
N GLU K 149 -4.03 31.30 -32.73
CA GLU K 149 -3.15 30.15 -32.67
C GLU K 149 -1.69 30.59 -32.62
N GLY K 150 -1.28 31.15 -31.49
CA GLY K 150 0.09 31.63 -31.33
C GLY K 150 0.65 31.23 -29.98
N ALA K 151 1.61 32.02 -29.48
CA ALA K 151 2.27 31.74 -28.22
C ALA K 151 1.76 32.63 -27.11
N PHE K 152 1.99 32.23 -25.86
CA PHE K 152 1.61 33.03 -24.71
C PHE K 152 2.82 33.53 -23.96
N SER K 153 2.72 34.75 -23.42
CA SER K 153 3.79 35.32 -22.61
C SER K 153 3.26 36.48 -21.76
N ALA K 154 3.51 36.41 -20.45
CA ALA K 154 3.06 37.45 -19.54
C ALA K 154 3.97 37.53 -18.31
N VAL K 155 4.07 38.72 -17.75
CA VAL K 155 4.87 38.93 -16.54
C VAL K 155 4.08 39.71 -15.49
N ALA K 156 4.08 39.20 -14.25
CA ALA K 156 3.41 39.88 -13.15
C ALA K 156 4.35 40.05 -11.97
N ASN K 157 4.25 41.20 -11.31
CA ASN K 157 5.06 41.47 -10.12
C ASN K 157 4.18 41.75 -8.90
N PHE K 158 4.74 41.53 -7.72
CA PHE K 158 4.00 41.70 -6.48
C PHE K 158 4.92 42.13 -5.34
N ASN K 159 4.36 42.85 -4.37
CA ASN K 159 5.06 43.13 -3.13
C ASN K 159 4.40 42.41 -1.96
N LEU K 160 5.18 42.14 -0.92
CA LEU K 160 4.67 41.46 0.27
C LEU K 160 4.84 42.33 1.51
N THR K 161 3.75 42.55 2.23
CA THR K 161 3.78 43.34 3.45
C THR K 161 3.34 42.51 4.66
N TYR K 162 3.82 42.89 5.83
CA TYR K 162 3.59 42.11 7.04
C TYR K 162 2.77 42.89 8.06
N GLN K 163 1.73 42.27 8.58
CA GLN K 163 0.94 42.86 9.66
C GLN K 163 0.63 41.82 10.74
N ALA L 1 24.35 36.31 -58.25
CA ALA L 1 25.10 35.07 -58.43
C ALA L 1 25.55 34.51 -57.09
N PRO L 2 26.56 35.13 -56.49
CA PRO L 2 27.33 34.52 -55.41
C PRO L 2 26.45 33.62 -54.56
N THR L 3 26.92 32.39 -54.35
CA THR L 3 26.15 31.40 -53.60
C THR L 3 26.09 31.74 -52.13
N ILE L 4 24.94 31.45 -51.51
CA ILE L 4 24.76 31.70 -50.09
C ILE L 4 24.33 30.44 -49.34
N PRO L 5 25.20 29.96 -48.47
CA PRO L 5 24.90 28.79 -47.64
C PRO L 5 23.57 28.95 -46.93
N GLN L 6 22.83 27.85 -46.81
CA GLN L 6 21.47 27.89 -46.30
C GLN L 6 21.45 27.95 -44.78
N GLY L 7 22.63 27.91 -44.16
CA GLY L 7 22.75 28.04 -42.72
C GLY L 7 24.20 27.95 -42.28
N GLN L 8 24.78 29.09 -41.91
CA GLN L 8 26.14 29.13 -41.41
C GLN L 8 26.17 29.28 -39.90
N GLY L 9 27.09 28.56 -39.26
CA GLY L 9 27.21 28.61 -37.80
C GLY L 9 28.65 28.35 -37.37
N LYS L 10 28.93 28.60 -36.09
CA LYS L 10 30.28 28.44 -35.56
C LYS L 10 30.24 28.00 -34.10
N VAL L 11 31.14 27.09 -33.75
CA VAL L 11 31.28 26.64 -32.36
C VAL L 11 32.72 26.72 -31.90
N THR L 12 32.93 27.25 -30.70
CA THR L 12 34.26 27.35 -30.13
C THR L 12 34.44 26.40 -28.95
N PHE L 13 35.69 26.15 -28.58
CA PHE L 13 36.00 25.21 -27.51
C PHE L 13 37.07 25.77 -26.58
N ASN L 14 36.87 25.57 -25.28
CA ASN L 14 37.81 26.05 -24.28
C ASN L 14 37.98 25.05 -23.15
N GLY L 15 39.14 25.10 -22.48
CA GLY L 15 39.38 24.27 -21.31
C GLY L 15 40.83 24.34 -20.88
N THR L 16 41.21 23.50 -19.92
CA THR L 16 42.60 23.36 -19.50
C THR L 16 42.86 22.01 -18.88
N VAL L 17 44.14 21.71 -18.63
CA VAL L 17 44.52 20.42 -18.08
C VAL L 17 45.63 20.57 -17.03
N VAL L 18 45.52 19.82 -15.94
CA VAL L 18 46.52 19.86 -14.89
C VAL L 18 47.02 18.47 -14.55
N ASP L 19 47.99 18.39 -13.65
CA ASP L 19 48.64 17.14 -13.32
C ASP L 19 47.81 16.31 -12.33
N ALA L 20 46.63 16.82 -11.99
CA ALA L 20 45.73 16.13 -11.09
C ALA L 20 45.36 14.75 -11.61
N PRO L 21 45.08 13.84 -10.70
CA PRO L 21 44.65 12.49 -11.06
C PRO L 21 43.19 12.47 -11.47
N CYS L 22 42.47 13.54 -11.14
CA CYS L 22 41.03 13.62 -11.41
C CYS L 22 40.68 14.92 -12.12
N SER L 23 39.61 14.89 -12.90
CA SER L 23 39.19 16.06 -13.67
C SER L 23 38.12 16.84 -12.93
N ILE L 24 38.00 18.13 -13.25
CA ILE L 24 37.04 19.00 -12.61
C ILE L 24 36.10 19.65 -13.62
N SER L 25 34.82 19.33 -13.54
CA SER L 25 33.81 19.92 -14.42
C SER L 25 33.68 21.41 -14.18
N GLN L 26 33.56 22.18 -15.25
CA GLN L 26 33.40 23.62 -15.16
C GLN L 26 32.25 23.99 -14.22
N LYS L 27 31.21 23.17 -14.24
CA LYS L 27 29.99 23.46 -13.49
C LYS L 27 30.28 23.64 -12.01
N SER L 28 31.35 23.01 -11.54
CA SER L 28 31.74 23.08 -10.14
C SER L 28 32.94 24.01 -9.94
N ALA L 29 33.81 24.06 -10.94
CA ALA L 29 34.96 24.94 -10.92
C ALA L 29 34.56 26.35 -10.49
N ASP L 30 33.47 26.85 -11.06
CA ASP L 30 32.89 28.12 -10.64
C ASP L 30 31.39 27.99 -10.40
N GLN L 31 30.86 28.83 -9.52
CA GLN L 31 29.45 28.79 -9.17
C GLN L 31 29.06 29.99 -8.30
N SER L 32 27.77 30.09 -8.01
CA SER L 32 27.24 31.24 -7.27
C SER L 32 26.09 30.84 -6.37
N ILE L 33 26.04 31.42 -5.17
CA ILE L 33 24.97 31.12 -4.22
C ILE L 33 24.11 32.34 -3.96
N ASP L 34 22.79 32.13 -4.00
CA ASP L 34 21.84 33.20 -3.71
C ASP L 34 20.98 32.87 -2.51
N PHE L 35 21.05 33.72 -1.49
CA PHE L 35 20.34 33.48 -0.23
C PHE L 35 18.99 34.18 -0.23
N GLY L 36 18.63 34.77 -1.37
CA GLY L 36 17.33 35.41 -1.52
C GLY L 36 17.19 36.60 -0.57
N GLN L 37 16.05 36.68 0.12
CA GLN L 37 15.78 37.78 1.01
C GLN L 37 15.69 37.32 2.46
N LEU L 38 16.39 38.00 3.35
CA LEU L 38 16.47 37.58 4.75
C LEU L 38 15.79 38.59 5.65
N SER L 39 15.31 38.11 6.80
CA SER L 39 14.76 38.99 7.83
C SER L 39 15.87 39.61 8.67
N LYS L 40 15.88 40.93 8.76
CA LYS L 40 16.79 41.63 9.64
C LYS L 40 16.62 41.16 11.09
N SER L 41 15.41 41.30 11.61
CA SER L 41 15.12 40.91 12.98
C SER L 41 15.67 39.52 13.29
N PHE L 42 15.43 38.59 12.38
CA PHE L 42 15.91 37.22 12.54
C PHE L 42 17.43 37.19 12.71
N LEU L 43 18.13 37.84 11.80
CA LEU L 43 19.59 37.92 11.87
C LEU L 43 20.03 38.66 13.13
N GLU L 44 19.33 39.73 13.47
CA GLU L 44 19.63 40.50 14.66
C GLU L 44 19.47 39.66 15.93
N ALA L 45 18.52 38.72 15.88
CA ALA L 45 18.30 37.81 17.00
C ALA L 45 19.38 36.74 17.06
N GLY L 46 20.35 36.83 16.16
CA GLY L 46 21.45 35.87 16.12
C GLY L 46 21.07 34.63 15.32
N GLY L 47 19.99 34.75 14.54
CA GLY L 47 19.50 33.64 13.74
C GLY L 47 20.46 33.33 12.59
N VAL L 48 20.23 32.20 11.92
CA VAL L 48 21.07 31.80 10.80
C VAL L 48 20.23 31.20 9.68
N SER L 49 20.59 31.53 8.44
CA SER L 49 19.83 31.09 7.28
C SER L 49 19.97 29.59 7.06
N LYS L 50 19.25 29.08 6.06
CA LYS L 50 19.31 27.66 5.74
C LYS L 50 20.55 27.35 4.90
N PRO L 51 21.03 26.11 5.00
CA PRO L 51 22.27 25.72 4.35
C PRO L 51 22.10 25.63 2.84
N MET L 52 23.07 26.18 2.11
CA MET L 52 23.09 26.06 0.65
C MET L 52 24.15 25.07 0.19
N ASP L 53 23.87 24.36 -0.89
CA ASP L 53 24.74 23.30 -1.37
C ASP L 53 25.89 23.87 -2.21
N LEU L 54 27.10 23.75 -1.70
CA LEU L 54 28.29 24.14 -2.45
C LEU L 54 29.09 22.92 -2.89
N ASP L 55 28.38 21.85 -3.21
CA ASP L 55 29.03 20.56 -3.48
C ASP L 55 29.94 20.64 -4.69
N ILE L 56 31.06 19.94 -4.64
CA ILE L 56 32.01 19.93 -5.73
C ILE L 56 32.22 18.53 -6.29
N GLU L 57 31.78 18.32 -7.53
CA GLU L 57 31.84 17.00 -8.15
C GLU L 57 33.15 16.80 -8.89
N LEU L 58 33.84 15.71 -8.58
CA LEU L 58 35.04 15.33 -9.31
C LEU L 58 34.78 14.12 -10.21
N VAL L 59 35.33 14.17 -11.42
CA VAL L 59 35.00 13.18 -12.44
C VAL L 59 36.25 12.56 -13.04
N ASN L 60 36.13 11.32 -13.50
CA ASN L 60 37.26 10.61 -14.10
C ASN L 60 38.48 10.68 -13.19
N CYS L 61 38.36 10.12 -12.00
CA CYS L 61 39.41 10.23 -11.00
C CYS L 61 40.40 9.08 -11.11
N ASP L 62 39.90 7.91 -11.46
CA ASP L 62 40.73 6.70 -11.57
C ASP L 62 42.04 6.89 -10.81
N ILE L 63 41.97 6.81 -9.49
CA ILE L 63 43.12 7.08 -8.64
C ILE L 63 43.88 5.79 -8.31
N THR L 64 43.65 4.76 -9.11
CA THR L 64 44.33 3.49 -8.93
C THR L 64 45.85 3.66 -9.02
N ALA L 65 46.36 3.74 -10.25
CA ALA L 65 47.78 3.94 -10.47
C ALA L 65 48.31 5.08 -9.61
N PHE L 66 47.52 6.14 -9.49
CA PHE L 66 47.92 7.31 -8.71
C PHE L 66 48.29 6.91 -7.29
N LYS L 67 47.31 6.46 -6.51
CA LYS L 67 47.52 6.18 -5.10
C LYS L 67 48.58 5.11 -4.90
N GLY L 68 48.80 4.30 -5.93
CA GLY L 68 49.83 3.26 -5.88
C GLY L 68 51.22 3.86 -6.00
N GLY L 69 51.50 4.47 -7.15
CA GLY L 69 52.86 4.92 -7.46
C GLY L 69 53.28 6.06 -6.54
N ASN L 70 52.31 6.81 -6.04
CA ASN L 70 52.59 8.01 -5.26
C ASN L 70 52.63 7.70 -3.77
N GLY L 71 52.58 6.42 -3.44
CA GLY L 71 52.79 5.97 -2.06
C GLY L 71 51.89 6.71 -1.10
N ALA L 72 52.49 7.41 -0.14
CA ALA L 72 51.73 8.04 0.94
C ALA L 72 50.46 8.68 0.42
N LYS L 73 50.54 9.25 -0.78
CA LYS L 73 49.39 9.89 -1.41
C LYS L 73 48.30 8.88 -1.74
N LYS L 74 47.54 8.48 -0.73
CA LYS L 74 46.56 7.42 -0.88
C LYS L 74 45.15 7.99 -1.06
N GLY L 75 44.98 8.82 -2.07
CA GLY L 75 43.66 9.17 -2.57
C GLY L 75 42.90 10.02 -1.58
N THR L 76 43.50 11.16 -1.21
CA THR L 76 42.79 12.18 -0.45
C THR L 76 42.99 13.56 -1.07
N VAL L 77 42.05 14.46 -0.81
CA VAL L 77 42.15 15.84 -1.30
C VAL L 77 41.77 16.84 -0.21
N LYS L 78 42.11 18.10 -0.44
CA LYS L 78 41.76 19.17 0.49
C LYS L 78 41.68 20.52 -0.22
N LEU L 79 40.91 21.43 0.35
CA LEU L 79 40.68 22.74 -0.27
C LEU L 79 41.30 23.85 0.54
N ALA L 80 41.76 24.90 -0.14
CA ALA L 80 42.30 26.07 0.53
C ALA L 80 41.54 27.33 0.13
N PHE L 81 40.54 27.70 0.92
CA PHE L 81 39.69 28.84 0.61
C PHE L 81 40.37 30.15 0.96
N THR L 82 40.15 31.17 0.15
CA THR L 82 40.76 32.47 0.36
C THR L 82 39.76 33.60 0.15
N GLY L 83 39.71 34.53 1.11
CA GLY L 83 38.87 35.71 0.99
C GLY L 83 38.95 36.58 2.23
N PRO L 84 38.24 37.70 2.22
CA PRO L 84 38.17 38.58 3.38
C PRO L 84 37.51 37.87 4.56
N ILE L 85 38.15 37.96 5.72
CA ILE L 85 37.68 37.27 6.91
C ILE L 85 37.41 38.24 8.05
N VAL L 86 36.52 37.85 8.95
CA VAL L 86 36.27 38.61 10.17
C VAL L 86 37.34 38.33 11.22
N ASN L 87 37.88 39.40 11.81
CA ASN L 87 39.04 39.29 12.69
C ASN L 87 38.76 38.35 13.85
N GLY L 88 39.70 37.45 14.10
CA GLY L 88 39.64 36.60 15.29
C GLY L 88 38.68 35.43 15.09
N HIS L 89 38.24 35.23 13.85
CA HIS L 89 37.30 34.18 13.53
C HIS L 89 37.78 33.36 12.32
N SER L 90 38.12 34.06 11.24
CA SER L 90 38.76 33.41 10.10
C SER L 90 37.77 32.58 9.30
N ASP L 91 37.02 31.75 10.00
CA ASP L 91 36.01 30.90 9.36
C ASP L 91 34.75 31.68 9.05
N GLU L 92 34.82 33.00 9.21
CA GLU L 92 33.67 33.87 8.98
C GLU L 92 33.96 34.86 7.85
N LEU L 93 33.22 34.74 6.75
CA LEU L 93 33.52 35.50 5.55
C LEU L 93 33.02 36.93 5.66
N ASP L 94 33.94 37.88 5.57
CA ASP L 94 33.61 39.29 5.65
C ASP L 94 33.01 39.80 4.34
N THR L 95 31.70 39.62 4.18
CA THR L 95 31.02 40.01 2.96
C THR L 95 31.31 41.46 2.59
N ASN L 96 31.09 41.81 1.33
CA ASN L 96 31.26 43.18 0.87
C ASN L 96 29.92 43.92 0.86
N GLY L 97 29.78 44.87 1.77
CA GLY L 97 28.54 45.65 1.87
C GLY L 97 28.53 46.49 3.13
N GLY L 98 27.43 47.22 3.34
CA GLY L 98 27.29 48.07 4.51
C GLY L 98 26.45 47.39 5.59
N THR L 99 26.51 46.06 5.63
CA THR L 99 25.76 45.29 6.60
C THR L 99 26.68 44.66 7.64
N GLY L 100 26.12 44.35 8.82
CA GLY L 100 26.85 43.62 9.84
C GLY L 100 26.58 42.13 9.75
N THR L 101 26.72 41.57 8.55
CA THR L 101 26.48 40.15 8.33
C THR L 101 27.69 39.46 7.75
N ALA L 102 27.67 38.12 7.76
CA ALA L 102 28.79 37.35 7.26
C ALA L 102 28.34 35.97 6.80
N ILE L 103 29.19 35.28 6.05
CA ILE L 103 28.87 33.96 5.52
C ILE L 103 29.82 32.90 6.07
N VAL L 104 29.26 31.77 6.48
CA VAL L 104 30.06 30.66 6.99
C VAL L 104 29.81 29.39 6.19
N VAL L 105 30.86 28.87 5.56
CA VAL L 105 30.79 27.59 4.88
C VAL L 105 31.32 26.46 5.77
N GLN L 106 30.61 25.35 5.78
CA GLN L 106 30.93 24.25 6.68
C GLN L 106 31.16 22.95 5.90
N GLY L 107 32.10 22.13 6.39
CA GLY L 107 32.38 20.84 5.78
C GLY L 107 32.47 19.74 6.83
N ALA L 108 31.55 18.77 6.74
CA ALA L 108 31.45 17.73 7.76
C ALA L 108 31.29 18.33 9.14
N GLY L 109 32.07 17.83 10.10
CA GLY L 109 32.02 18.32 11.47
C GLY L 109 32.97 19.50 11.65
N LYS L 110 33.45 20.06 10.55
CA LYS L 110 34.39 21.17 10.59
C LYS L 110 33.85 22.39 9.86
N ASN L 111 34.47 23.54 10.08
CA ASN L 111 34.13 24.75 9.35
C ASN L 111 35.21 25.09 8.33
N VAL L 112 34.82 25.82 7.28
CA VAL L 112 35.77 26.27 6.28
C VAL L 112 36.39 27.60 6.66
N VAL L 113 37.71 27.72 6.47
CA VAL L 113 38.41 28.96 6.75
C VAL L 113 38.95 29.59 5.47
N PHE L 114 38.82 30.91 5.36
CA PHE L 114 39.13 31.61 4.12
C PHE L 114 40.44 32.37 4.23
N ASP L 115 41.38 31.81 4.98
CA ASP L 115 42.67 32.45 5.20
C ASP L 115 43.76 31.87 4.31
N GLY L 116 43.34 31.00 3.37
CA GLY L 116 44.24 30.48 2.37
C GLY L 116 44.85 29.15 2.82
N SER L 117 44.58 28.77 4.06
CA SER L 117 45.06 27.51 4.61
C SER L 117 44.25 26.34 4.08
N GLU L 118 44.87 25.15 4.08
CA GLU L 118 44.20 23.94 3.60
C GLU L 118 43.34 23.33 4.69
N GLY L 119 42.23 22.72 4.29
CA GLY L 119 41.35 22.04 5.23
C GLY L 119 41.75 20.58 5.40
N ASP L 120 40.85 19.79 5.98
CA ASP L 120 41.13 18.38 6.26
C ASP L 120 41.19 17.58 4.96
N ALA L 121 42.06 16.56 4.95
CA ALA L 121 42.13 15.64 3.83
C ALA L 121 40.86 14.82 3.71
N ASN L 122 40.39 14.63 2.46
CA ASN L 122 39.14 13.93 2.21
C ASN L 122 39.36 12.73 1.31
N THR L 123 39.13 11.53 1.85
CA THR L 123 39.26 10.31 1.07
C THR L 123 38.30 10.28 -0.11
N LEU L 124 38.78 9.85 -1.26
CA LEU L 124 37.96 9.71 -2.45
C LEU L 124 38.18 8.36 -3.12
N LYS L 125 37.25 7.97 -3.98
CA LYS L 125 37.30 6.66 -4.62
C LYS L 125 37.62 6.78 -6.11
N ASP L 126 37.62 5.65 -6.80
CA ASP L 126 37.94 5.61 -8.22
C ASP L 126 36.73 6.00 -9.07
N GLY L 127 36.98 6.69 -10.17
CA GLY L 127 35.92 7.05 -11.11
C GLY L 127 35.34 8.42 -10.79
N GLU L 128 34.26 8.44 -10.01
CA GLU L 128 33.54 9.68 -9.73
C GLU L 128 33.52 9.97 -8.23
N ASN L 129 33.55 11.26 -7.90
CA ASN L 129 33.51 11.69 -6.51
C ASN L 129 32.75 13.00 -6.35
N VAL L 130 32.38 13.33 -5.13
CA VAL L 130 31.76 14.61 -4.83
C VAL L 130 31.97 15.00 -3.37
N LEU L 131 32.36 16.24 -3.14
CA LEU L 131 32.47 16.77 -1.79
C LEU L 131 31.22 17.57 -1.41
N HIS L 132 30.83 17.49 -0.14
CA HIS L 132 29.61 18.11 0.33
C HIS L 132 29.90 19.29 1.25
N TYR L 133 29.42 20.47 0.89
CA TYR L 133 29.61 21.67 1.69
C TYR L 133 28.31 22.45 1.84
N THR L 134 28.18 23.14 2.97
CA THR L 134 27.00 23.97 3.22
C THR L 134 27.41 25.40 3.53
N ALA L 135 26.57 26.35 3.13
CA ALA L 135 26.81 27.76 3.40
C ALA L 135 25.58 28.42 4.04
N VAL L 136 25.82 29.24 5.05
CA VAL L 136 24.74 29.94 5.72
C VAL L 136 25.10 31.41 5.96
N VAL L 137 24.08 32.25 6.13
CA VAL L 137 24.29 33.65 6.48
C VAL L 137 23.88 33.92 7.92
N LYS L 138 24.69 34.72 8.61
CA LYS L 138 24.36 35.13 9.98
C LYS L 138 24.86 36.54 10.24
N LYS L 139 24.35 37.15 11.32
CA LYS L 139 24.90 38.39 11.83
C LYS L 139 26.36 38.23 12.22
N SER L 140 27.22 39.07 11.64
CA SER L 140 28.66 38.94 11.84
C SER L 140 29.02 38.93 13.31
N SER L 141 30.09 38.21 13.65
CA SER L 141 30.55 38.13 15.03
C SER L 141 31.47 39.30 15.37
N ALA L 142 31.68 40.19 14.40
CA ALA L 142 32.48 41.38 14.62
C ALA L 142 31.94 42.23 15.76
N VAL L 143 32.82 42.95 16.44
CA VAL L 143 32.43 43.78 17.57
C VAL L 143 31.60 44.96 17.11
N GLY L 144 30.38 45.05 17.65
CA GLY L 144 29.49 46.16 17.32
C GLY L 144 28.74 45.91 16.03
N ALA L 145 28.85 44.68 15.52
CA ALA L 145 28.15 44.30 14.29
C ALA L 145 26.67 44.61 14.37
N ALA L 146 26.12 45.08 13.26
CA ALA L 146 24.68 45.36 13.18
C ALA L 146 24.16 45.18 11.76
N VAL L 147 22.97 44.59 11.65
CA VAL L 147 22.42 44.22 10.35
C VAL L 147 21.79 45.42 9.66
N THR L 148 22.31 45.76 8.49
CA THR L 148 21.77 46.87 7.70
C THR L 148 20.83 46.36 6.62
N GLU L 149 19.71 47.06 6.44
CA GLU L 149 18.70 46.66 5.45
C GLU L 149 19.17 46.97 4.04
N GLY L 150 20.15 46.21 3.55
CA GLY L 150 20.71 46.42 2.23
C GLY L 150 20.90 45.10 1.49
N ALA L 151 21.86 45.08 0.57
CA ALA L 151 22.11 43.90 -0.24
C ALA L 151 23.36 43.16 0.22
N PHE L 152 23.48 41.90 -0.17
CA PHE L 152 24.66 41.10 0.18
C PHE L 152 25.47 40.76 -1.07
N SER L 153 26.79 40.74 -0.92
CA SER L 153 27.68 40.35 -2.01
C SER L 153 29.06 39.96 -1.49
N ALA L 154 29.52 38.78 -1.87
CA ALA L 154 30.81 38.28 -1.43
C ALA L 154 31.41 37.31 -2.44
N VAL L 155 32.73 37.26 -2.50
CA VAL L 155 33.43 36.34 -3.40
C VAL L 155 34.53 35.59 -2.66
N ALA L 156 34.55 34.27 -2.83
CA ALA L 156 35.58 33.43 -2.22
C ALA L 156 36.24 32.54 -3.27
N ASN L 157 37.55 32.36 -3.13
CA ASN L 157 38.30 31.49 -4.03
C ASN L 157 39.00 30.38 -3.26
N PHE L 158 39.29 29.27 -3.96
CA PHE L 158 39.91 28.13 -3.33
C PHE L 158 40.78 27.36 -4.33
N ASN L 159 41.80 26.68 -3.81
CA ASN L 159 42.58 25.75 -4.60
C ASN L 159 42.36 24.31 -4.13
N LEU L 160 42.55 23.36 -5.04
CA LEU L 160 42.38 21.95 -4.71
C LEU L 160 43.67 21.18 -4.94
N THR L 161 44.11 20.47 -3.91
CA THR L 161 45.32 19.66 -3.99
C THR L 161 45.02 18.18 -3.75
N TYR L 162 45.85 17.32 -4.32
CA TYR L 162 45.60 15.88 -4.27
C TYR L 162 46.70 15.16 -3.49
N GLN L 163 46.28 14.30 -2.56
CA GLN L 163 47.22 13.45 -1.85
C GLN L 163 46.69 12.03 -1.73
N ALA M 1 15.28 75.89 -18.69
CA ALA M 1 14.11 75.66 -19.51
C ALA M 1 14.14 74.28 -20.15
N PRO M 2 14.99 74.11 -21.15
CA PRO M 2 14.88 72.98 -22.07
C PRO M 2 14.34 71.75 -21.37
N THR M 3 13.32 71.13 -21.96
CA THR M 3 12.67 69.97 -21.35
C THR M 3 13.57 68.74 -21.40
N ILE M 4 13.49 67.92 -20.36
CA ILE M 4 14.28 66.69 -20.30
C ILE M 4 13.40 65.48 -20.07
N PRO M 5 13.34 64.60 -21.06
CA PRO M 5 12.58 63.36 -20.94
C PRO M 5 12.97 62.60 -19.67
N GLN M 6 11.98 61.96 -19.06
CA GLN M 6 12.16 61.34 -17.75
C GLN M 6 12.82 59.97 -17.87
N GLY M 7 13.07 59.56 -19.11
CA GLY M 7 13.76 58.30 -19.37
C GLY M 7 13.90 58.04 -20.86
N GLN M 8 15.11 58.23 -21.37
CA GLN M 8 15.40 57.96 -22.78
C GLN M 8 16.14 56.64 -22.95
N GLY M 9 15.77 55.88 -23.98
CA GLY M 9 16.38 54.60 -24.25
C GLY M 9 16.37 54.27 -25.74
N LYS M 10 17.12 53.25 -26.12
CA LYS M 10 17.23 52.87 -27.53
C LYS M 10 17.40 51.36 -27.68
N VAL M 11 16.73 50.80 -28.68
CA VAL M 11 16.87 49.38 -28.99
C VAL M 11 17.18 49.17 -30.47
N THR M 12 18.14 48.30 -30.75
CA THR M 12 18.52 47.99 -32.12
C THR M 12 18.11 46.57 -32.50
N PHE M 13 18.08 46.30 -33.80
CA PHE M 13 17.65 44.99 -34.29
C PHE M 13 18.57 44.49 -35.40
N ASN M 14 18.90 43.20 -35.35
CA ASN M 14 19.77 42.60 -36.35
C ASN M 14 19.30 41.19 -36.72
N GLY M 15 19.66 40.75 -37.92
CA GLY M 15 19.36 39.39 -38.35
C GLY M 15 19.64 39.21 -39.84
N THR M 16 19.26 38.05 -40.37
CA THR M 16 19.36 37.80 -41.80
C THR M 16 18.37 36.73 -42.24
N VAL M 17 18.25 36.55 -43.55
CA VAL M 17 17.30 35.59 -44.11
C VAL M 17 17.89 34.86 -45.30
N VAL M 18 17.63 33.55 -45.36
CA VAL M 18 18.11 32.73 -46.46
C VAL M 18 16.98 31.94 -47.10
N ASP M 19 17.31 31.21 -48.16
CA ASP M 19 16.31 30.50 -48.95
C ASP M 19 15.91 29.18 -48.29
N ALA M 20 16.47 28.92 -47.12
CA ALA M 20 16.16 27.70 -46.37
C ALA M 20 14.68 27.61 -46.07
N PRO M 21 14.18 26.38 -45.96
CA PRO M 21 12.78 26.14 -45.61
C PRO M 21 12.55 26.32 -44.12
N CYS M 22 13.64 26.34 -43.36
CA CYS M 22 13.55 26.43 -41.90
C CYS M 22 14.45 27.54 -41.37
N SER M 23 14.08 28.11 -40.23
CA SER M 23 14.83 29.21 -39.63
C SER M 23 15.80 28.71 -38.58
N ILE M 24 16.85 29.49 -38.33
CA ILE M 24 17.87 29.11 -37.36
C ILE M 24 18.03 30.17 -36.28
N SER M 25 17.72 29.79 -35.04
CA SER M 25 17.88 30.71 -33.91
C SER M 25 19.34 31.04 -33.67
N GLN M 26 19.61 32.31 -33.37
CA GLN M 26 20.97 32.77 -33.11
C GLN M 26 21.63 31.91 -32.03
N LYS M 27 20.84 31.47 -31.06
CA LYS M 27 21.36 30.75 -29.91
C LYS M 27 22.12 29.50 -30.33
N SER M 28 21.76 28.96 -31.51
CA SER M 28 22.39 27.77 -32.02
C SER M 28 23.37 28.10 -33.14
N ALA M 29 23.05 29.14 -33.90
CA ALA M 29 23.92 29.60 -34.98
C ALA M 29 25.37 29.71 -34.50
N ASP M 30 25.56 30.29 -33.32
CA ASP M 30 26.86 30.31 -32.69
C ASP M 30 26.79 29.85 -31.23
N GLN M 31 27.89 29.32 -30.73
CA GLN M 31 27.94 28.80 -29.36
C GLN M 31 29.36 28.43 -28.97
N SER M 32 29.53 28.03 -27.71
CA SER M 32 30.86 27.74 -27.17
C SER M 32 30.79 26.60 -26.15
N ILE M 33 31.80 25.74 -26.17
CA ILE M 33 31.87 24.61 -25.24
C ILE M 33 33.05 24.75 -24.30
N ASP M 34 32.80 24.53 -23.02
CA ASP M 34 33.85 24.57 -22.01
C ASP M 34 34.00 23.22 -21.31
N PHE M 35 35.19 22.63 -21.42
CA PHE M 35 35.43 21.31 -20.85
C PHE M 35 36.03 21.41 -19.46
N GLY M 36 36.10 22.62 -18.93
CA GLY M 36 36.59 22.85 -17.58
C GLY M 36 38.05 22.42 -17.44
N GLN M 37 38.34 21.68 -16.37
CA GLN M 37 39.71 21.26 -16.10
C GLN M 37 39.85 19.74 -16.19
N LEU M 38 40.84 19.29 -16.94
CA LEU M 38 41.02 17.86 -17.19
C LEU M 38 42.27 17.33 -16.52
N SER M 39 42.27 16.04 -16.20
CA SER M 39 43.46 15.37 -15.69
C SER M 39 44.39 14.98 -16.82
N LYS M 40 45.65 15.41 -16.73
CA LYS M 40 46.68 14.99 -17.67
C LYS M 40 46.82 13.47 -17.68
N SER M 41 47.11 12.89 -16.52
CA SER M 41 47.27 11.46 -16.41
C SER M 41 46.14 10.72 -17.10
N PHE M 42 44.91 11.15 -16.85
CA PHE M 42 43.74 10.53 -17.46
C PHE M 42 43.82 10.55 -18.98
N LEU M 43 44.10 11.72 -19.53
CA LEU M 43 44.26 11.87 -20.97
C LEU M 43 45.44 11.07 -21.48
N GLU M 44 46.54 11.09 -20.73
CA GLU M 44 47.73 10.33 -21.08
C GLU M 44 47.45 8.84 -21.12
N ALA M 45 46.54 8.39 -20.27
CA ALA M 45 46.12 6.99 -20.23
C ALA M 45 45.21 6.65 -21.40
N GLY M 46 44.98 7.63 -22.25
CA GLY M 46 44.12 7.43 -23.42
C GLY M 46 42.65 7.64 -23.06
N GLY M 47 42.41 8.25 -21.91
CA GLY M 47 41.05 8.49 -21.44
C GLY M 47 40.36 9.55 -22.29
N VAL M 48 39.05 9.69 -22.10
CA VAL M 48 38.27 10.67 -22.84
C VAL M 48 37.24 11.36 -21.95
N SER M 49 37.07 12.66 -22.15
CA SER M 49 36.18 13.45 -21.31
C SER M 49 34.72 13.09 -21.56
N LYS M 50 33.83 13.70 -20.79
CA LYS M 50 32.40 13.48 -20.93
C LYS M 50 31.83 14.27 -22.11
N PRO M 51 30.75 13.77 -22.69
CA PRO M 51 30.18 14.36 -23.89
C PRO M 51 29.50 15.69 -23.57
N MET M 52 29.74 16.69 -24.41
CA MET M 52 29.07 17.97 -24.30
C MET M 52 28.02 18.15 -25.38
N ASP M 53 26.92 18.83 -25.05
CA ASP M 53 25.80 18.96 -25.96
C ASP M 53 26.02 20.09 -26.96
N LEU M 54 26.17 19.73 -28.22
CA LEU M 54 26.28 20.72 -29.30
C LEU M 54 25.01 20.75 -30.15
N ASP M 55 23.87 20.53 -29.50
CA ASP M 55 22.61 20.36 -30.22
C ASP M 55 22.25 21.62 -30.99
N ILE M 56 21.65 21.43 -32.17
CA ILE M 56 21.25 22.55 -33.01
C ILE M 56 19.75 22.54 -33.27
N GLU M 57 19.06 23.53 -32.72
CA GLU M 57 17.60 23.60 -32.82
C GLU M 57 17.18 24.37 -34.07
N LEU M 58 16.32 23.76 -34.87
CA LEU M 58 15.73 24.42 -36.02
C LEU M 58 14.26 24.73 -35.78
N VAL M 59 13.84 25.93 -36.19
CA VAL M 59 12.52 26.44 -35.84
C VAL M 59 11.76 26.90 -37.08
N ASN M 60 10.44 26.84 -37.01
CA ASN M 60 9.59 27.25 -38.13
C ASN M 60 10.04 26.61 -39.43
N CYS M 61 10.01 25.28 -39.48
CA CYS M 61 10.55 24.54 -40.61
C CYS M 61 9.48 24.33 -41.69
N ASP M 62 8.24 24.12 -41.25
CA ASP M 62 7.14 23.86 -42.16
C ASP M 62 7.65 23.40 -43.52
N ILE M 63 8.10 22.15 -43.59
CA ILE M 63 8.72 21.63 -44.79
C ILE M 63 7.70 20.94 -45.69
N THR M 64 6.43 21.24 -45.47
CA THR M 64 5.35 20.67 -46.27
C THR M 64 5.53 21.01 -47.74
N ALA M 65 5.13 22.22 -48.12
CA ALA M 65 5.29 22.68 -49.49
C ALA M 65 6.69 22.42 -50.01
N PHE M 66 7.68 22.61 -49.14
CA PHE M 66 9.08 22.40 -49.51
C PHE M 66 9.29 21.00 -50.07
N LYS M 67 9.15 19.99 -49.22
CA LYS M 67 9.44 18.62 -49.59
C LYS M 67 8.59 18.16 -50.76
N GLY M 68 7.44 18.80 -50.93
CA GLY M 68 6.55 18.48 -52.04
C GLY M 68 7.11 19.00 -53.36
N GLY M 69 7.22 20.32 -53.47
CA GLY M 69 7.56 20.95 -54.74
C GLY M 69 8.98 20.61 -55.17
N ASN M 70 9.84 20.33 -54.19
CA ASN M 70 11.26 20.12 -54.45
C ASN M 70 11.56 18.63 -54.66
N GLY M 71 10.51 17.83 -54.77
CA GLY M 71 10.65 16.43 -55.15
C GLY M 71 11.68 15.73 -54.28
N ALA M 72 12.72 15.18 -54.92
CA ALA M 72 13.69 14.35 -54.23
C ALA M 72 14.03 14.92 -52.85
N LYS M 73 14.09 16.24 -52.77
CA LYS M 73 14.39 16.92 -51.51
C LYS M 73 13.29 16.68 -50.48
N LYS M 74 13.29 15.51 -49.87
CA LYS M 74 12.22 15.12 -48.96
C LYS M 74 12.62 15.32 -47.51
N GLY M 75 12.97 16.55 -47.16
CA GLY M 75 13.05 16.97 -45.77
C GLY M 75 14.20 16.30 -45.05
N THR M 76 15.41 16.48 -45.58
CA THR M 76 16.62 16.09 -44.88
C THR M 76 17.65 17.22 -44.89
N VAL M 77 18.55 17.21 -43.91
CA VAL M 77 19.61 18.19 -43.84
C VAL M 77 20.95 17.55 -43.50
N LYS M 78 22.04 18.30 -43.71
CA LYS M 78 23.37 17.82 -43.36
C LYS M 78 24.32 18.97 -43.10
N LEU M 79 25.36 18.71 -42.31
CA LEU M 79 26.30 19.75 -41.91
C LEU M 79 27.68 19.51 -42.51
N ALA M 80 28.37 20.60 -42.82
CA ALA M 80 29.75 20.51 -43.32
C ALA M 80 30.71 21.28 -42.43
N PHE M 81 31.32 20.56 -41.48
CA PHE M 81 32.21 21.19 -40.51
C PHE M 81 33.58 21.45 -41.11
N THR M 82 34.19 22.57 -40.72
CA THR M 82 35.50 22.96 -41.25
C THR M 82 36.41 23.45 -40.13
N GLY M 83 37.63 22.94 -40.10
CA GLY M 83 38.64 23.40 -39.16
C GLY M 83 39.94 22.60 -39.30
N PRO M 84 40.93 22.97 -38.50
CA PRO M 84 42.20 22.24 -38.47
C PRO M 84 41.99 20.80 -38.00
N ILE M 85 42.56 19.86 -38.75
CA ILE M 85 42.36 18.45 -38.46
C ILE M 85 43.69 17.74 -38.22
N VAL M 86 43.66 16.65 -37.46
CA VAL M 86 44.84 15.81 -37.29
C VAL M 86 45.03 14.88 -38.48
N ASN M 87 46.27 14.82 -38.97
CA ASN M 87 46.55 14.13 -40.23
C ASN M 87 46.13 12.66 -40.14
N GLY M 88 45.45 12.19 -41.18
CA GLY M 88 45.13 10.77 -41.31
C GLY M 88 43.94 10.39 -40.43
N HIS M 89 43.26 11.39 -39.90
CA HIS M 89 42.13 11.16 -39.01
C HIS M 89 40.92 11.99 -39.43
N SER M 90 41.14 13.30 -39.60
CA SER M 90 40.13 14.17 -40.18
C SER M 90 39.02 14.46 -39.18
N ASP M 91 38.49 13.39 -38.58
CA ASP M 91 37.42 13.53 -37.59
C ASP M 91 37.98 13.96 -36.23
N GLU M 92 39.25 14.32 -36.22
CA GLU M 92 39.91 14.73 -34.98
C GLU M 92 40.39 16.18 -35.07
N LEU M 93 39.82 17.03 -34.23
CA LEU M 93 40.05 18.48 -34.34
C LEU M 93 41.39 18.86 -33.73
N ASP M 94 42.26 19.43 -34.57
CA ASP M 94 43.58 19.86 -34.12
C ASP M 94 43.50 21.17 -33.35
N THR M 95 43.23 21.09 -32.06
CA THR M 95 43.08 22.27 -31.23
C THR M 95 44.27 23.20 -31.36
N ASN M 96 44.08 24.46 -30.98
CA ASN M 96 45.17 25.43 -30.98
C ASN M 96 45.80 25.56 -29.60
N GLY M 97 47.02 25.09 -29.45
CA GLY M 97 47.73 25.14 -28.17
C GLY M 97 49.01 24.31 -28.22
N GLY M 98 49.71 24.26 -27.10
CA GLY M 98 50.95 23.50 -27.00
C GLY M 98 50.72 22.15 -26.33
N THR M 99 49.52 21.60 -26.51
CA THR M 99 49.17 20.32 -25.93
C THR M 99 49.04 19.25 -27.00
N GLY M 100 49.19 17.99 -26.60
CA GLY M 100 48.96 16.85 -27.49
C GLY M 100 47.54 16.32 -27.33
N THR M 101 46.56 17.22 -27.41
CA THR M 101 45.16 16.84 -27.25
C THR M 101 44.34 17.26 -28.45
N ALA M 102 43.12 16.73 -28.55
CA ALA M 102 42.24 17.03 -29.67
C ALA M 102 40.78 16.85 -29.29
N ILE M 103 39.89 17.39 -30.13
CA ILE M 103 38.46 17.31 -29.86
C ILE M 103 37.73 16.53 -30.95
N VAL M 104 36.84 15.64 -30.53
CA VAL M 104 36.05 14.84 -31.47
C VAL M 104 34.56 15.05 -31.24
N VAL M 105 33.87 15.56 -32.26
CA VAL M 105 32.42 15.67 -32.23
C VAL M 105 31.76 14.50 -32.94
N GLN M 106 30.71 13.97 -32.33
CA GLN M 106 30.07 12.76 -32.84
C GLN M 106 28.58 12.99 -33.09
N GLY M 107 28.06 12.35 -34.13
CA GLY M 107 26.65 12.44 -34.47
C GLY M 107 26.05 11.06 -34.75
N ALA M 108 25.10 10.65 -33.92
CA ALA M 108 24.53 9.31 -34.00
C ALA M 108 25.62 8.26 -33.93
N GLY M 109 25.57 7.29 -34.84
CA GLY M 109 26.56 6.23 -34.89
C GLY M 109 27.75 6.63 -35.76
N LYS M 110 27.85 7.92 -36.07
CA LYS M 110 28.92 8.43 -36.92
C LYS M 110 29.72 9.50 -36.21
N ASN M 111 30.90 9.82 -36.75
CA ASN M 111 31.71 10.91 -36.24
C ASN M 111 31.65 12.11 -37.18
N VAL M 112 31.90 13.30 -36.62
CA VAL M 112 31.95 14.52 -37.42
C VAL M 112 33.35 14.76 -37.96
N VAL M 113 33.43 15.14 -39.23
CA VAL M 113 34.70 15.46 -39.86
C VAL M 113 34.79 16.95 -40.21
N PHE M 114 35.96 17.54 -39.97
CA PHE M 114 36.13 18.98 -40.08
C PHE M 114 36.91 19.35 -41.33
N ASP M 115 36.73 18.56 -42.39
CA ASP M 115 37.46 18.76 -43.63
C ASP M 115 36.61 19.49 -44.66
N GLY M 116 35.43 19.96 -44.23
CA GLY M 116 34.58 20.79 -45.07
C GLY M 116 33.57 19.94 -45.83
N SER M 117 33.70 18.62 -45.71
CA SER M 117 32.77 17.70 -46.36
C SER M 117 31.45 17.63 -45.60
N GLU M 118 30.40 17.25 -46.31
CA GLU M 118 29.08 17.13 -45.70
C GLU M 118 28.90 15.78 -45.00
N GLY M 119 28.14 15.78 -43.92
CA GLY M 119 27.85 14.54 -43.19
C GLY M 119 26.59 13.87 -43.73
N ASP M 120 26.07 12.91 -42.97
CA ASP M 120 24.90 12.16 -43.39
C ASP M 120 23.64 13.03 -43.39
N ALA M 121 22.75 12.77 -44.34
CA ALA M 121 21.46 13.45 -44.37
C ALA M 121 20.61 13.08 -43.16
N ASN M 122 19.93 14.08 -42.60
CA ASN M 122 19.15 13.88 -41.38
C ASN M 122 17.69 14.27 -41.61
N THR M 123 16.80 13.28 -41.53
CA THR M 123 15.37 13.53 -41.68
C THR M 123 14.86 14.47 -40.61
N LEU M 124 14.01 15.42 -41.02
CA LEU M 124 13.39 16.35 -40.09
C LEU M 124 11.89 16.47 -40.36
N LYS M 125 11.15 16.99 -39.38
CA LYS M 125 9.70 17.07 -39.46
C LYS M 125 9.24 18.51 -39.62
N ASP M 126 7.92 18.71 -39.65
CA ASP M 126 7.35 20.03 -39.82
C ASP M 126 7.32 20.79 -38.51
N GLY M 127 7.53 22.11 -38.59
CA GLY M 127 7.45 22.96 -37.40
C GLY M 127 8.81 23.13 -36.75
N GLU M 128 9.09 22.30 -35.75
CA GLU M 128 10.30 22.42 -34.97
C GLU M 128 11.17 21.17 -35.08
N ASN M 129 12.49 21.37 -35.03
CA ASN M 129 13.43 20.26 -35.10
C ASN M 129 14.67 20.54 -34.25
N VAL M 130 15.44 19.48 -33.99
CA VAL M 130 16.72 19.64 -33.29
C VAL M 130 17.65 18.47 -33.61
N LEU M 131 18.90 18.80 -33.93
CA LEU M 131 19.93 17.79 -34.12
C LEU M 131 20.76 17.59 -32.85
N HIS M 132 21.17 16.35 -32.60
CA HIS M 132 21.89 16.02 -31.39
C HIS M 132 23.34 15.66 -31.67
N TYR M 133 24.26 16.39 -31.06
CA TYR M 133 25.68 16.14 -31.24
C TYR M 133 26.42 16.15 -29.90
N THR M 134 27.48 15.36 -29.82
CA THR M 134 28.31 15.31 -28.61
C THR M 134 29.76 15.64 -28.92
N ALA M 135 30.44 16.26 -27.96
CA ALA M 135 31.85 16.59 -28.12
C ALA M 135 32.66 16.11 -26.91
N VAL M 136 33.83 15.54 -27.18
CA VAL M 136 34.70 15.05 -26.12
C VAL M 136 36.15 15.45 -26.38
N VAL M 137 36.94 15.48 -25.32
CA VAL M 137 38.37 15.74 -25.43
C VAL M 137 39.19 14.48 -25.16
N LYS M 138 40.21 14.24 -25.97
CA LYS M 138 41.13 13.13 -25.75
C LYS M 138 42.55 13.49 -26.15
N LYS M 139 43.50 12.69 -25.70
CA LYS M 139 44.88 12.77 -26.19
C LYS M 139 44.93 12.54 -27.70
N SER M 140 45.49 13.50 -28.43
CA SER M 140 45.51 13.45 -29.88
C SER M 140 46.10 12.14 -30.39
N SER M 141 45.62 11.69 -31.53
CA SER M 141 46.11 10.46 -32.15
C SER M 141 47.34 10.72 -32.99
N ALA M 142 47.78 11.97 -33.02
CA ALA M 142 48.99 12.34 -33.75
C ALA M 142 50.20 11.56 -33.24
N VAL M 143 51.16 11.32 -34.14
CA VAL M 143 52.36 10.56 -33.79
C VAL M 143 53.24 11.33 -32.82
N GLY M 144 53.49 10.73 -31.66
CA GLY M 144 54.34 11.35 -30.65
C GLY M 144 53.56 12.33 -29.80
N ALA M 145 52.24 12.34 -29.95
CA ALA M 145 51.39 13.22 -29.18
C ALA M 145 51.64 13.08 -27.69
N ALA M 146 51.62 14.21 -26.98
CA ALA M 146 51.80 14.21 -25.53
C ALA M 146 51.04 15.36 -24.88
N VAL M 147 50.42 15.09 -23.74
CA VAL M 147 49.54 16.06 -23.09
C VAL M 147 50.35 17.07 -22.30
N THR M 148 50.22 18.35 -22.66
CA THR M 148 50.90 19.43 -21.95
C THR M 148 49.97 20.10 -20.96
N GLU M 149 50.51 20.39 -19.77
CA GLU M 149 49.72 21.01 -18.71
C GLU M 149 49.46 22.48 -19.00
N GLY M 150 48.60 22.75 -19.99
CA GLY M 150 48.30 24.11 -20.39
C GLY M 150 46.80 24.29 -20.62
N ALA M 151 46.45 25.25 -21.47
CA ALA M 151 45.05 25.57 -21.73
C ALA M 151 44.62 25.01 -23.08
N PHE M 152 43.30 24.90 -23.27
CA PHE M 152 42.75 24.44 -24.54
C PHE M 152 41.98 25.54 -25.25
N SER M 153 42.06 25.55 -26.57
CA SER M 153 41.31 26.52 -27.38
C SER M 153 41.21 26.06 -28.82
N ALA M 154 39.99 26.00 -29.34
CA ALA M 154 39.75 25.58 -30.71
C ALA M 154 38.49 26.21 -31.28
N VAL M 155 38.47 26.41 -32.59
CA VAL M 155 37.29 26.96 -33.26
C VAL M 155 36.93 26.14 -34.50
N ALA M 156 35.66 25.78 -34.61
CA ALA M 156 35.16 25.03 -35.76
C ALA M 156 33.96 25.71 -36.38
N ASN M 157 33.89 25.70 -37.72
CA ASN M 157 32.77 26.28 -38.44
C ASN M 157 32.08 25.24 -39.30
N PHE M 158 30.81 25.48 -39.60
CA PHE M 158 30.01 24.53 -40.38
C PHE M 158 28.95 25.26 -41.21
N ASN M 159 28.58 24.66 -42.33
CA ASN M 159 27.42 25.11 -43.10
C ASN M 159 26.29 24.10 -43.05
N LEU M 160 25.06 24.58 -43.22
CA LEU M 160 23.89 23.72 -43.21
C LEU M 160 23.14 23.78 -44.53
N THR M 161 22.92 22.62 -45.13
CA THR M 161 22.18 22.54 -46.39
C THR M 161 20.92 21.71 -46.24
N TYR M 162 19.92 22.00 -47.08
CA TYR M 162 18.61 21.37 -46.96
C TYR M 162 18.30 20.52 -48.18
N GLN M 163 17.86 19.29 -47.94
CA GLN M 163 17.40 18.42 -49.02
C GLN M 163 16.12 17.70 -48.62
#